data_7NCP
#
_entry.id   7NCP
#
_cell.length_a   52.940
_cell.length_b   85.140
_cell.length_c   343.220
_cell.angle_alpha   90.000
_cell.angle_beta   90.000
_cell.angle_gamma   90.000
#
_symmetry.space_group_name_H-M   'P 21 21 21'
#
loop_
_entity.id
_entity.type
_entity.pdbx_description
1 polymer 'Glutathione S-transferase GliG'
2 non-polymer 1,2-ETHANEDIOL
3 non-polymer 'SODIUM ION'
4 water water
#
_entity_poly.entity_id   1
_entity_poly.type   'polypeptide(L)'
_entity_poly.pdbx_seq_one_letter_code
;MSGSHHHHHHSGSMSERPSDLVVNRLVLFVVKGTATSTHNTVKPLILLEELGVPHDIYVVEKVSAPWFSEINPHKMVPAI
LDRSPDGRDTLRAWESTSTLMYIADAYDKDGTFGGRNVQERSEINNWLTLHTAALGPTAAYWLYFYKLHPEKLPKTIEKL
RSNITVQYDILERRLNEPGQQYLALKDRPTIADIATLPFAMKSTAELFGLEFEKWPKLQEWSVRMGEREAVKRAWQRVAG
FGHGEKEYGMLEA
;
_entity_poly.pdbx_strand_id   A,B,C,D,E,F
#
loop_
_chem_comp.id
_chem_comp.type
_chem_comp.name
_chem_comp.formula
EDO non-polymer 1,2-ETHANEDIOL 'C2 H6 O2'
NA non-polymer 'SODIUM ION' 'Na 1'
#
# COMPACT_ATOMS: atom_id res chain seq x y z
N GLU A 16 39.06 -24.14 -21.73
CA GLU A 16 38.67 -23.00 -22.61
C GLU A 16 38.15 -21.84 -21.76
N ARG A 17 38.42 -20.60 -22.18
CA ARG A 17 37.98 -19.35 -21.49
C ARG A 17 36.45 -19.32 -21.46
N PRO A 18 35.83 -18.84 -20.35
CA PRO A 18 34.37 -18.73 -20.28
C PRO A 18 33.86 -17.84 -21.41
N SER A 19 32.63 -18.05 -21.87
CA SER A 19 32.05 -17.36 -23.05
C SER A 19 31.83 -15.87 -22.74
N ASP A 20 31.68 -15.48 -21.47
CA ASP A 20 31.38 -14.08 -21.06
C ASP A 20 32.68 -13.31 -20.74
N LEU A 21 33.86 -13.93 -20.92
CA LEU A 21 35.15 -13.24 -20.69
C LEU A 21 35.65 -12.60 -21.99
N VAL A 22 35.65 -11.27 -22.04
CA VAL A 22 36.21 -10.45 -23.16
C VAL A 22 36.99 -9.28 -22.57
N VAL A 23 38.09 -8.90 -23.22
CA VAL A 23 38.98 -7.78 -22.78
C VAL A 23 38.84 -6.62 -23.79
N ASN A 24 37.82 -5.79 -23.60
CA ASN A 24 37.60 -4.51 -24.32
C ASN A 24 38.25 -3.37 -23.51
N ARG A 25 38.49 -3.60 -22.21
CA ARG A 25 39.14 -2.66 -21.27
C ARG A 25 39.71 -3.49 -20.11
N LEU A 26 40.21 -2.84 -19.05
CA LEU A 26 40.80 -3.54 -17.89
C LEU A 26 39.70 -4.41 -17.27
N VAL A 27 39.95 -5.72 -17.12
CA VAL A 27 39.06 -6.66 -16.39
C VAL A 27 39.75 -7.04 -15.08
N LEU A 28 39.12 -6.79 -13.93
CA LEU A 28 39.65 -7.18 -12.60
C LEU A 28 38.98 -8.47 -12.16
N PHE A 29 39.76 -9.50 -11.83
CA PHE A 29 39.26 -10.82 -11.37
C PHE A 29 39.18 -10.80 -9.85
N VAL A 30 38.00 -11.20 -9.33
CA VAL A 30 37.65 -11.20 -7.88
C VAL A 30 36.95 -12.52 -7.57
N VAL A 31 36.70 -12.79 -6.30
CA VAL A 31 35.78 -13.90 -5.90
C VAL A 31 34.60 -13.30 -5.13
N LYS A 32 33.62 -14.14 -4.80
CA LYS A 32 32.42 -13.77 -4.05
C LYS A 32 32.88 -13.03 -2.80
N GLY A 33 32.30 -11.86 -2.52
CA GLY A 33 32.70 -10.99 -1.40
C GLY A 33 32.41 -11.66 -0.06
N THR A 34 33.43 -11.80 0.79
CA THR A 34 33.30 -12.09 2.24
C THR A 34 34.29 -11.20 3.00
N ALA A 35 34.15 -11.13 4.32
CA ALA A 35 35.07 -10.39 5.22
C ALA A 35 36.53 -10.79 4.94
N THR A 36 36.80 -12.05 4.57
CA THR A 36 38.19 -12.59 4.41
C THR A 36 38.56 -12.92 2.96
N SER A 37 37.77 -12.55 1.94
CA SER A 37 38.07 -12.90 0.52
C SER A 37 38.40 -11.63 -0.29
N THR A 38 38.45 -10.46 0.36
CA THR A 38 38.42 -9.13 -0.33
C THR A 38 39.58 -8.23 0.08
N HIS A 39 40.48 -8.68 0.96
CA HIS A 39 41.54 -7.80 1.50
C HIS A 39 42.68 -7.61 0.48
N ASN A 40 42.78 -8.47 -0.54
CA ASN A 40 43.77 -8.28 -1.64
C ASN A 40 43.09 -7.68 -2.88
N THR A 41 41.91 -8.18 -3.26
CA THR A 41 41.15 -7.67 -4.43
C THR A 41 40.79 -6.20 -4.21
N VAL A 42 40.63 -5.74 -2.98
CA VAL A 42 40.21 -4.32 -2.69
C VAL A 42 41.33 -3.38 -3.12
N LYS A 43 42.59 -3.85 -3.16
CA LYS A 43 43.77 -2.99 -3.38
C LYS A 43 43.75 -2.39 -4.79
N PRO A 44 43.72 -3.18 -5.88
CA PRO A 44 43.65 -2.58 -7.22
C PRO A 44 42.32 -1.83 -7.42
N LEU A 45 41.24 -2.25 -6.75
CA LEU A 45 39.89 -1.62 -6.89
C LEU A 45 39.92 -0.21 -6.29
N ILE A 46 40.61 -0.01 -5.17
CA ILE A 46 40.83 1.35 -4.59
C ILE A 46 41.51 2.20 -5.66
N LEU A 47 42.59 1.71 -6.27
CA LEU A 47 43.41 2.50 -7.21
C LEU A 47 42.61 2.83 -8.47
N LEU A 48 41.84 1.87 -8.99
CA LEU A 48 40.94 2.07 -10.14
C LEU A 48 39.94 3.19 -9.82
N GLU A 49 39.34 3.13 -8.64
CA GLU A 49 38.37 4.16 -8.14
C GLU A 49 39.09 5.50 -7.97
N GLU A 50 40.32 5.52 -7.45
CA GLU A 50 41.09 6.78 -7.21
C GLU A 50 41.39 7.48 -8.54
N LEU A 51 41.65 6.71 -9.61
CA LEU A 51 42.12 7.25 -10.90
C LEU A 51 40.93 7.37 -11.87
N GLY A 52 39.79 6.78 -11.53
CA GLY A 52 38.61 6.71 -12.41
C GLY A 52 38.90 5.92 -13.68
N VAL A 53 39.68 4.83 -13.56
CA VAL A 53 40.01 3.90 -14.69
C VAL A 53 38.74 3.13 -15.03
N PRO A 54 38.27 3.15 -16.31
CA PRO A 54 37.16 2.29 -16.72
C PRO A 54 37.60 0.82 -16.61
N HIS A 55 36.71 -0.03 -16.09
CA HIS A 55 37.03 -1.46 -15.81
C HIS A 55 35.76 -2.30 -15.71
N ASP A 56 35.89 -3.58 -16.04
CA ASP A 56 34.89 -4.64 -15.79
C ASP A 56 35.33 -5.45 -14.57
N ILE A 57 34.38 -6.09 -13.89
CA ILE A 57 34.63 -7.05 -12.78
C ILE A 57 34.24 -8.45 -13.27
N TYR A 58 35.13 -9.43 -13.07
CA TYR A 58 34.88 -10.86 -13.36
C TYR A 58 34.95 -11.68 -12.06
N VAL A 59 33.81 -12.23 -11.63
CA VAL A 59 33.69 -13.05 -10.39
C VAL A 59 34.05 -14.51 -10.75
N VAL A 60 35.21 -14.97 -10.28
CA VAL A 60 35.75 -16.32 -10.56
C VAL A 60 35.07 -17.30 -9.60
N GLU A 61 34.46 -18.36 -10.15
CA GLU A 61 33.80 -19.41 -9.33
C GLU A 61 34.87 -20.33 -8.73
N LYS A 62 35.90 -20.67 -9.51
CA LYS A 62 36.96 -21.62 -9.10
C LYS A 62 38.31 -21.12 -9.62
N VAL A 63 39.12 -20.55 -8.73
CA VAL A 63 40.51 -20.09 -9.03
C VAL A 63 41.34 -21.29 -9.49
N SER A 64 40.90 -22.52 -9.18
CA SER A 64 41.58 -23.79 -9.55
C SER A 64 41.27 -24.16 -11.01
N ALA A 65 40.31 -23.49 -11.66
CA ALA A 65 39.89 -23.77 -13.05
C ALA A 65 41.07 -23.52 -13.99
N PRO A 66 41.41 -24.49 -14.88
CA PRO A 66 42.57 -24.36 -15.76
C PRO A 66 42.66 -23.06 -16.57
N TRP A 67 41.53 -22.50 -17.01
CA TRP A 67 41.50 -21.23 -17.79
C TRP A 67 42.06 -20.09 -16.92
N PHE A 68 41.74 -20.06 -15.62
CA PHE A 68 42.20 -18.99 -14.70
C PHE A 68 43.70 -19.12 -14.44
N SER A 69 44.22 -20.36 -14.35
CA SER A 69 45.65 -20.63 -14.11
C SER A 69 46.51 -20.10 -15.27
N GLU A 70 45.94 -19.99 -16.47
CA GLU A 70 46.59 -19.39 -17.68
C GLU A 70 46.73 -17.87 -17.50
N ILE A 71 45.81 -17.24 -16.79
CA ILE A 71 45.90 -15.80 -16.39
C ILE A 71 46.90 -15.68 -15.25
N ASN A 72 46.57 -16.27 -14.09
CA ASN A 72 47.41 -16.24 -12.88
C ASN A 72 47.82 -17.66 -12.51
N PRO A 73 49.09 -18.08 -12.78
CA PRO A 73 49.53 -19.44 -12.47
C PRO A 73 49.54 -19.75 -10.97
N HIS A 74 49.46 -18.72 -10.13
CA HIS A 74 49.41 -18.83 -8.64
C HIS A 74 47.95 -19.05 -8.19
N LYS A 75 47.01 -19.04 -9.14
CA LYS A 75 45.60 -19.46 -8.95
C LYS A 75 44.97 -18.69 -7.79
N MET A 76 45.18 -17.37 -7.74
CA MET A 76 44.52 -16.48 -6.73
C MET A 76 43.96 -15.24 -7.42
N VAL A 77 43.08 -14.54 -6.72
CA VAL A 77 42.65 -13.16 -7.04
C VAL A 77 43.37 -12.22 -6.08
N PRO A 78 43.60 -10.94 -6.43
CA PRO A 78 43.17 -10.39 -7.71
C PRO A 78 44.12 -10.79 -8.84
N ALA A 79 43.58 -10.77 -10.05
CA ALA A 79 44.34 -10.80 -11.32
C ALA A 79 43.68 -9.79 -12.27
N ILE A 80 44.42 -9.32 -13.26
CA ILE A 80 43.93 -8.36 -14.28
C ILE A 80 44.27 -8.93 -15.66
N LEU A 81 43.32 -8.83 -16.59
CA LEU A 81 43.58 -8.82 -18.05
C LEU A 81 43.21 -7.42 -18.53
N ASP A 82 43.97 -6.89 -19.48
CA ASP A 82 43.79 -5.52 -20.02
C ASP A 82 44.40 -5.49 -21.41
N ARG A 83 44.01 -4.51 -22.23
CA ARG A 83 44.61 -4.26 -23.58
C ARG A 83 45.95 -3.55 -23.39
N SER A 84 46.94 -3.86 -24.23
CA SER A 84 48.24 -3.16 -24.29
C SER A 84 48.00 -1.70 -24.65
N PRO A 85 48.94 -0.78 -24.35
CA PRO A 85 48.77 0.65 -24.69
C PRO A 85 48.27 0.88 -26.13
N ASP A 86 48.85 0.17 -27.11
CA ASP A 86 48.51 0.33 -28.56
C ASP A 86 47.19 -0.38 -28.89
N GLY A 87 46.68 -1.24 -28.00
CA GLY A 87 45.40 -1.94 -28.14
C GLY A 87 45.50 -3.19 -29.00
N ARG A 88 46.71 -3.52 -29.48
CA ARG A 88 46.97 -4.65 -30.41
C ARG A 88 47.00 -5.98 -29.64
N ASP A 89 47.38 -5.96 -28.36
CA ASP A 89 47.67 -7.18 -27.56
C ASP A 89 47.00 -7.13 -26.18
N THR A 90 46.90 -8.29 -25.53
CA THR A 90 46.39 -8.47 -24.14
C THR A 90 47.58 -8.71 -23.21
N LEU A 91 47.62 -8.01 -22.07
CA LEU A 91 48.63 -8.26 -21.01
C LEU A 91 47.90 -8.57 -19.70
N ARG A 92 48.65 -8.99 -18.68
CA ARG A 92 48.08 -9.50 -17.40
C ARG A 92 48.91 -8.96 -16.24
N ALA A 93 48.27 -8.77 -15.09
CA ALA A 93 48.93 -8.52 -13.79
C ALA A 93 48.29 -9.46 -12.77
N TRP A 94 49.09 -10.00 -11.87
CA TRP A 94 48.64 -10.91 -10.78
C TRP A 94 49.65 -10.84 -9.63
N GLU A 95 49.16 -11.13 -8.42
CA GLU A 95 49.68 -10.64 -7.11
C GLU A 95 49.18 -9.20 -6.95
N SER A 96 48.53 -8.91 -5.83
CA SER A 96 47.85 -7.61 -5.57
C SER A 96 48.85 -6.46 -5.78
N THR A 97 50.06 -6.59 -5.24
CA THR A 97 51.11 -5.54 -5.38
C THR A 97 51.38 -5.31 -6.87
N SER A 98 51.42 -6.38 -7.68
CA SER A 98 51.71 -6.28 -9.13
C SER A 98 50.56 -5.57 -9.84
N THR A 99 49.32 -5.83 -9.41
CA THR A 99 48.11 -5.17 -9.97
C THR A 99 48.20 -3.67 -9.68
N LEU A 100 48.71 -3.30 -8.50
CA LEU A 100 48.89 -1.87 -8.13
C LEU A 100 49.96 -1.23 -9.02
N MET A 101 51.10 -1.90 -9.19
CA MET A 101 52.22 -1.39 -10.02
C MET A 101 51.76 -1.25 -11.46
N TYR A 102 50.93 -2.17 -11.96
CA TYR A 102 50.49 -2.17 -13.37
C TYR A 102 49.59 -0.96 -13.60
N ILE A 103 48.54 -0.82 -12.78
CA ILE A 103 47.53 0.25 -12.91
C ILE A 103 48.22 1.62 -12.85
N ALA A 104 49.18 1.81 -11.92
CA ALA A 104 49.97 3.06 -11.80
C ALA A 104 50.80 3.29 -13.08
N ASP A 105 51.46 2.25 -13.58
CA ASP A 105 52.28 2.32 -14.82
C ASP A 105 51.37 2.76 -15.97
N ALA A 106 50.26 2.05 -16.20
CA ALA A 106 49.38 2.22 -17.38
C ALA A 106 48.50 3.47 -17.26
N TYR A 107 48.02 3.82 -16.07
CA TYR A 107 46.92 4.79 -15.90
C TYR A 107 47.31 6.00 -15.03
N ASP A 108 48.28 5.89 -14.11
CA ASP A 108 48.69 7.02 -13.25
C ASP A 108 49.90 7.74 -13.88
N LYS A 109 49.70 8.42 -15.00
CA LYS A 109 50.83 9.01 -15.78
C LYS A 109 51.41 10.22 -15.01
N ASP A 110 50.64 10.87 -14.14
CA ASP A 110 51.11 12.03 -13.32
C ASP A 110 51.86 11.55 -12.07
N GLY A 111 51.95 10.24 -11.84
CA GLY A 111 52.63 9.65 -10.66
C GLY A 111 52.04 10.11 -9.34
N THR A 112 50.72 10.36 -9.30
CA THR A 112 49.98 10.76 -8.07
C THR A 112 50.09 9.66 -7.01
N PHE A 113 49.95 8.40 -7.40
CA PHE A 113 49.98 7.21 -6.51
C PHE A 113 51.24 6.36 -6.75
N GLY A 114 51.82 6.42 -7.95
CA GLY A 114 53.02 5.63 -8.34
C GLY A 114 54.31 6.34 -7.99
N GLY A 115 54.29 7.67 -7.86
CA GLY A 115 55.46 8.49 -7.50
C GLY A 115 55.99 9.25 -8.71
N ARG A 116 56.34 10.52 -8.53
CA ARG A 116 56.62 11.49 -9.61
C ARG A 116 58.12 11.53 -9.92
N ASN A 117 58.95 10.89 -9.09
CA ASN A 117 60.43 10.96 -9.25
C ASN A 117 61.09 9.85 -8.43
N VAL A 118 62.40 9.71 -8.60
CA VAL A 118 63.23 8.63 -7.97
C VAL A 118 63.09 8.71 -6.44
N GLN A 119 63.03 9.91 -5.87
CA GLN A 119 62.97 10.13 -4.40
C GLN A 119 61.65 9.55 -3.88
N GLU A 120 60.53 9.98 -4.48
CA GLU A 120 59.19 9.51 -4.09
C GLU A 120 59.15 7.99 -4.26
N ARG A 121 59.57 7.48 -5.42
CA ARG A 121 59.44 6.05 -5.75
C ARG A 121 60.33 5.23 -4.80
N SER A 122 61.50 5.74 -4.40
CA SER A 122 62.38 5.03 -3.41
C SER A 122 61.56 4.70 -2.15
N GLU A 123 60.84 5.68 -1.59
CA GLU A 123 60.07 5.50 -0.33
C GLU A 123 58.79 4.70 -0.62
N ILE A 124 58.08 4.99 -1.72
CA ILE A 124 56.88 4.18 -2.10
C ILE A 124 57.28 2.71 -2.20
N ASN A 125 58.42 2.40 -2.83
CA ASN A 125 58.81 0.98 -3.10
C ASN A 125 59.27 0.32 -1.80
N ASN A 126 59.92 1.07 -0.90
CA ASN A 126 60.28 0.59 0.47
C ASN A 126 59.00 0.15 1.20
N TRP A 127 58.04 1.05 1.40
CA TRP A 127 56.80 0.78 2.21
C TRP A 127 55.89 -0.22 1.48
N LEU A 128 55.82 -0.17 0.15
CA LEU A 128 55.01 -1.15 -0.65
C LEU A 128 55.61 -2.55 -0.51
N THR A 129 56.93 -2.68 -0.60
CA THR A 129 57.63 -3.99 -0.57
C THR A 129 57.61 -4.55 0.85
N LEU A 130 57.74 -3.70 1.88
CA LEU A 130 57.59 -4.13 3.29
C LEU A 130 56.25 -4.87 3.45
N HIS A 131 55.16 -4.31 2.91
CA HIS A 131 53.82 -4.94 3.00
C HIS A 131 53.82 -6.25 2.20
N THR A 132 54.37 -6.22 0.98
CA THR A 132 54.41 -7.37 0.05
C THR A 132 55.20 -8.53 0.66
N ALA A 133 56.33 -8.26 1.33
CA ALA A 133 57.31 -9.28 1.79
C ALA A 133 57.03 -9.69 3.24
N ALA A 134 56.50 -8.79 4.09
CA ALA A 134 56.41 -8.98 5.56
C ALA A 134 54.95 -9.07 6.03
N LEU A 135 54.20 -7.97 6.13
CA LEU A 135 52.85 -7.99 6.78
C LEU A 135 51.92 -8.91 5.97
N GLY A 136 51.92 -8.75 4.64
CA GLY A 136 51.04 -9.47 3.69
C GLY A 136 51.18 -10.99 3.81
N PRO A 137 52.39 -11.55 3.54
CA PRO A 137 52.62 -12.99 3.69
C PRO A 137 52.39 -13.51 5.12
N THR A 138 52.75 -12.73 6.13
CA THR A 138 52.54 -13.10 7.56
C THR A 138 51.01 -13.18 7.82
N ALA A 139 50.26 -12.16 7.45
CA ALA A 139 48.77 -12.15 7.56
C ALA A 139 48.18 -13.34 6.80
N ALA A 140 48.69 -13.63 5.59
CA ALA A 140 48.21 -14.74 4.73
C ALA A 140 48.47 -16.09 5.41
N TYR A 141 49.66 -16.29 5.99
CA TYR A 141 50.00 -17.55 6.70
C TYR A 141 49.16 -17.62 7.98
N TRP A 142 49.00 -16.51 8.70
CA TRP A 142 48.14 -16.45 9.91
C TRP A 142 46.74 -16.99 9.56
N LEU A 143 46.11 -16.43 8.53
CA LEU A 143 44.73 -16.80 8.11
C LEU A 143 44.72 -18.27 7.70
N TYR A 144 45.72 -18.70 6.92
CA TYR A 144 45.84 -20.10 6.43
C TYR A 144 45.82 -21.08 7.62
N PHE A 145 46.71 -20.88 8.60
CA PHE A 145 46.85 -21.78 9.77
C PHE A 145 45.63 -21.66 10.69
N TYR A 146 45.02 -20.48 10.77
CA TYR A 146 43.91 -20.17 11.72
C TYR A 146 42.61 -20.81 11.24
N LYS A 147 42.36 -20.86 9.93
CA LYS A 147 41.07 -21.31 9.37
C LYS A 147 41.24 -22.48 8.39
N LEU A 148 42.21 -22.40 7.46
CA LEU A 148 42.26 -23.27 6.25
C LEU A 148 43.00 -24.60 6.55
N HIS A 149 44.10 -24.59 7.31
CA HIS A 149 44.94 -25.80 7.54
C HIS A 149 44.13 -26.87 8.30
N PRO A 150 44.20 -28.16 7.91
CA PRO A 150 43.34 -29.19 8.48
C PRO A 150 43.50 -29.45 10.00
N GLU A 151 44.65 -29.08 10.57
CA GLU A 151 44.94 -29.16 12.03
C GLU A 151 45.35 -27.77 12.54
N LYS A 152 44.78 -27.34 13.67
CA LYS A 152 45.16 -26.07 14.34
C LYS A 152 46.57 -26.21 14.93
N LEU A 153 47.44 -25.23 14.67
CA LEU A 153 48.85 -25.22 15.12
C LEU A 153 49.09 -23.96 15.95
N PRO A 154 48.68 -23.97 17.23
CA PRO A 154 48.56 -22.74 18.01
C PRO A 154 49.86 -21.95 18.18
N LYS A 155 51.00 -22.63 18.32
CA LYS A 155 52.33 -21.98 18.50
C LYS A 155 52.71 -21.22 17.23
N THR A 156 52.47 -21.83 16.06
CA THR A 156 52.68 -21.21 14.72
C THR A 156 51.80 -19.96 14.60
N ILE A 157 50.51 -20.09 14.92
CA ILE A 157 49.51 -18.97 14.85
C ILE A 157 49.96 -17.86 15.80
N GLU A 158 50.40 -18.20 17.02
CA GLU A 158 50.85 -17.23 18.04
C GLU A 158 52.04 -16.41 17.51
N LYS A 159 53.02 -17.09 16.91
CA LYS A 159 54.25 -16.47 16.37
C LYS A 159 53.90 -15.52 15.21
N LEU A 160 53.05 -15.96 14.28
CA LEU A 160 52.55 -15.10 13.16
C LEU A 160 51.84 -13.88 13.75
N ARG A 161 50.97 -14.07 14.75
CA ARG A 161 50.26 -12.94 15.41
C ARG A 161 51.30 -11.95 15.92
N SER A 162 52.27 -12.45 16.69
CA SER A 162 53.39 -11.65 17.25
C SER A 162 54.12 -10.90 16.12
N ASN A 163 54.38 -11.56 14.99
CA ASN A 163 55.07 -10.93 13.83
C ASN A 163 54.19 -9.82 13.25
N ILE A 164 52.85 -9.96 13.33
CA ILE A 164 51.93 -8.86 12.91
C ILE A 164 52.15 -7.65 13.82
N THR A 165 52.29 -7.83 15.13
CA THR A 165 52.48 -6.71 16.09
C THR A 165 53.80 -5.99 15.77
N VAL A 166 54.83 -6.73 15.32
CA VAL A 166 56.16 -6.15 14.99
C VAL A 166 56.03 -5.30 13.73
N GLN A 167 55.22 -5.73 12.77
CA GLN A 167 54.95 -4.95 11.53
C GLN A 167 54.17 -3.68 11.90
N TYR A 168 53.13 -3.79 12.73
CA TYR A 168 52.35 -2.65 13.27
C TYR A 168 53.29 -1.65 13.99
N ASP A 169 54.26 -2.16 14.77
CA ASP A 169 55.25 -1.32 15.49
C ASP A 169 56.07 -0.50 14.48
N ILE A 170 56.51 -1.13 13.39
CA ILE A 170 57.27 -0.43 12.31
C ILE A 170 56.39 0.67 11.70
N LEU A 171 55.15 0.35 11.34
CA LEU A 171 54.24 1.33 10.69
C LEU A 171 54.00 2.49 11.65
N GLU A 172 53.81 2.20 12.94
CA GLU A 172 53.52 3.18 14.00
C GLU A 172 54.73 4.12 14.18
N ARG A 173 55.94 3.57 14.24
CA ARG A 173 57.19 4.36 14.33
C ARG A 173 57.23 5.37 13.18
N ARG A 174 56.94 4.91 11.95
CA ARG A 174 57.00 5.73 10.71
C ARG A 174 56.00 6.89 10.83
N LEU A 175 54.76 6.59 11.19
CA LEU A 175 53.64 7.57 11.21
C LEU A 175 53.76 8.48 12.45
N ASN A 176 54.72 8.22 13.35
CA ASN A 176 55.04 9.13 14.49
C ASN A 176 56.12 10.13 14.06
N GLU A 177 56.79 9.91 12.92
CA GLU A 177 57.81 10.87 12.40
C GLU A 177 57.12 12.19 12.09
N PRO A 178 57.75 13.34 12.42
CA PRO A 178 57.12 14.65 12.23
C PRO A 178 56.66 14.90 10.80
N GLY A 179 55.36 15.17 10.60
CA GLY A 179 54.75 15.51 9.31
C GLY A 179 54.46 14.30 8.45
N GLN A 180 54.78 13.09 8.91
CA GLN A 180 54.61 11.84 8.12
C GLN A 180 53.15 11.37 8.23
N GLN A 181 52.27 11.97 7.42
CA GLN A 181 50.80 11.74 7.42
C GLN A 181 50.48 10.42 6.73
N TYR A 182 51.28 10.02 5.74
CA TYR A 182 51.14 8.73 5.01
C TYR A 182 52.44 7.93 5.18
N LEU A 183 52.46 6.68 4.72
CA LEU A 183 53.56 5.72 4.97
C LEU A 183 54.81 6.13 4.19
N ALA A 184 54.66 6.36 2.88
CA ALA A 184 55.78 6.65 1.95
C ALA A 184 56.05 8.15 1.91
N LEU A 185 55.05 8.93 1.51
CA LEU A 185 55.15 10.41 1.37
C LEU A 185 54.45 11.10 2.54
N LYS A 186 54.87 12.32 2.88
CA LYS A 186 54.25 13.14 3.95
C LYS A 186 52.91 13.72 3.48
N ASP A 187 52.80 14.05 2.19
CA ASP A 187 51.79 14.98 1.61
C ASP A 187 50.54 14.23 1.11
N ARG A 188 50.66 12.97 0.67
CA ARG A 188 49.54 12.26 -0.01
C ARG A 188 49.74 10.75 0.06
N PRO A 189 48.66 9.95 -0.07
CA PRO A 189 48.79 8.50 -0.08
C PRO A 189 49.29 8.01 -1.44
N THR A 190 49.90 6.83 -1.45
CA THR A 190 50.49 6.19 -2.65
C THR A 190 50.04 4.73 -2.66
N ILE A 191 50.53 3.94 -3.60
CA ILE A 191 50.18 2.49 -3.68
C ILE A 191 50.73 1.77 -2.44
N ALA A 192 51.69 2.33 -1.71
CA ALA A 192 52.19 1.76 -0.43
C ALA A 192 51.07 1.78 0.62
N ASP A 193 50.36 2.91 0.73
CA ASP A 193 49.22 3.11 1.65
C ASP A 193 48.08 2.16 1.26
N ILE A 194 47.68 2.18 -0.01
CA ILE A 194 46.58 1.31 -0.54
C ILE A 194 46.89 -0.16 -0.21
N ALA A 195 48.12 -0.62 -0.48
CA ALA A 195 48.56 -2.01 -0.22
C ALA A 195 48.48 -2.34 1.27
N THR A 196 48.82 -1.40 2.16
CA THR A 196 48.96 -1.67 3.62
C THR A 196 47.57 -1.66 4.28
N LEU A 197 46.67 -0.75 3.88
CA LEU A 197 45.41 -0.45 4.61
C LEU A 197 44.61 -1.70 4.99
N PRO A 198 44.26 -2.62 4.05
CA PRO A 198 43.39 -3.75 4.39
C PRO A 198 43.93 -4.63 5.54
N PHE A 199 45.24 -4.65 5.74
CA PHE A 199 45.92 -5.46 6.78
C PHE A 199 46.30 -4.61 8.00
N ALA A 200 45.97 -3.31 7.96
CA ALA A 200 46.30 -2.34 9.02
C ALA A 200 45.09 -1.42 9.27
N MET A 201 43.94 -2.02 9.60
CA MET A 201 42.70 -1.29 9.98
C MET A 201 42.03 -2.03 11.14
N LYS A 202 41.17 -1.34 11.90
CA LYS A 202 40.62 -1.84 13.19
C LYS A 202 40.01 -3.23 13.00
N SER A 203 39.19 -3.41 11.97
CA SER A 203 38.45 -4.68 11.71
C SER A 203 39.43 -5.84 11.55
N THR A 204 40.48 -5.66 10.74
CA THR A 204 41.50 -6.71 10.51
C THR A 204 42.28 -6.93 11.81
N ALA A 205 42.67 -5.87 12.52
CA ALA A 205 43.37 -5.95 13.83
C ALA A 205 42.53 -6.81 14.80
N GLU A 206 41.22 -6.59 14.87
CA GLU A 206 40.30 -7.36 15.76
C GLU A 206 40.33 -8.84 15.34
N LEU A 207 40.27 -9.12 14.03
CA LEU A 207 40.32 -10.51 13.49
C LEU A 207 41.59 -11.21 14.01
N PHE A 208 42.73 -10.50 14.04
CA PHE A 208 44.04 -11.02 14.50
C PHE A 208 44.09 -11.16 16.03
N GLY A 209 43.03 -10.71 16.73
CA GLY A 209 42.94 -10.72 18.20
C GLY A 209 43.82 -9.66 18.82
N LEU A 210 43.97 -8.52 18.13
CA LEU A 210 44.81 -7.37 18.59
C LEU A 210 43.91 -6.17 18.89
N GLU A 211 44.36 -5.30 19.78
CA GLU A 211 43.71 -4.01 20.11
C GLU A 211 44.44 -2.91 19.33
N PHE A 212 43.78 -2.37 18.29
CA PHE A 212 44.38 -1.45 17.29
C PHE A 212 44.74 -0.12 17.96
N GLU A 213 44.09 0.21 19.09
CA GLU A 213 44.33 1.45 19.90
C GLU A 213 45.78 1.50 20.39
N LYS A 214 46.44 0.34 20.52
CA LYS A 214 47.86 0.23 20.93
C LYS A 214 48.79 0.86 19.88
N TRP A 215 48.28 1.15 18.68
CA TRP A 215 49.04 1.83 17.59
C TRP A 215 48.27 3.07 17.15
N PRO A 216 48.25 4.16 17.97
CA PRO A 216 47.35 5.29 17.74
C PRO A 216 47.54 6.02 16.40
N LYS A 217 48.78 6.28 15.99
CA LYS A 217 49.08 6.98 14.70
C LYS A 217 48.70 6.10 13.52
N LEU A 218 48.90 4.78 13.64
CA LEU A 218 48.50 3.77 12.62
C LEU A 218 46.97 3.76 12.51
N GLN A 219 46.27 3.73 13.65
CA GLN A 219 44.78 3.76 13.70
C GLN A 219 44.30 5.07 13.05
N GLU A 220 44.89 6.20 13.43
CA GLU A 220 44.57 7.53 12.84
C GLU A 220 44.75 7.48 11.32
N TRP A 221 45.91 6.99 10.86
CA TRP A 221 46.21 6.85 9.41
C TRP A 221 45.13 5.98 8.73
N SER A 222 44.74 4.88 9.36
CA SER A 222 43.72 3.95 8.80
C SER A 222 42.40 4.71 8.60
N VAL A 223 42.03 5.58 9.55
CA VAL A 223 40.77 6.38 9.52
C VAL A 223 40.88 7.45 8.43
N ARG A 224 42.01 8.15 8.34
CA ARG A 224 42.28 9.16 7.27
C ARG A 224 42.18 8.51 5.87
N MET A 225 42.73 7.30 5.69
CA MET A 225 42.65 6.55 4.41
C MET A 225 41.18 6.18 4.14
N GLY A 226 40.49 5.65 5.16
CA GLY A 226 39.09 5.18 5.07
C GLY A 226 38.11 6.29 4.70
N GLU A 227 38.46 7.55 4.95
CA GLU A 227 37.56 8.71 4.71
C GLU A 227 37.64 9.13 3.23
N ARG A 228 38.63 8.64 2.47
CA ARG A 228 38.75 8.91 1.02
C ARG A 228 37.56 8.26 0.30
N GLU A 229 36.90 8.99 -0.59
CA GLU A 229 35.68 8.52 -1.32
C GLU A 229 35.99 7.25 -2.12
N ALA A 230 37.13 7.20 -2.82
CA ALA A 230 37.54 6.04 -3.64
C ALA A 230 37.67 4.79 -2.75
N VAL A 231 38.25 4.94 -1.56
CA VAL A 231 38.41 3.79 -0.60
C VAL A 231 37.03 3.32 -0.16
N LYS A 232 36.12 4.24 0.15
CA LYS A 232 34.72 3.90 0.55
C LYS A 232 34.05 3.15 -0.60
N ARG A 233 34.12 3.68 -1.82
CA ARG A 233 33.47 3.07 -3.02
C ARG A 233 34.01 1.65 -3.24
N ALA A 234 35.33 1.46 -3.16
CA ALA A 234 35.98 0.13 -3.32
C ALA A 234 35.40 -0.84 -2.28
N TRP A 235 35.46 -0.50 -0.98
CA TRP A 235 34.96 -1.37 0.11
C TRP A 235 33.51 -1.78 -0.15
N GLN A 236 32.64 -0.83 -0.50
CA GLN A 236 31.17 -1.11 -0.66
C GLN A 236 30.99 -2.03 -1.86
N ARG A 237 31.79 -1.88 -2.92
CA ARG A 237 31.63 -2.67 -4.17
C ARG A 237 32.16 -4.10 -3.97
N VAL A 238 33.33 -4.25 -3.34
CA VAL A 238 34.07 -5.55 -3.30
C VAL A 238 33.27 -6.55 -2.44
N ALA A 239 32.58 -6.07 -1.41
CA ALA A 239 31.71 -6.89 -0.53
C ALA A 239 30.58 -7.52 -1.35
N GLY A 240 30.09 -6.83 -2.39
CA GLY A 240 28.86 -7.17 -3.12
C GLY A 240 29.09 -8.10 -4.31
N PHE A 241 30.32 -8.18 -4.81
CA PHE A 241 30.66 -9.03 -5.99
C PHE A 241 30.23 -10.48 -5.73
N GLY A 242 29.39 -11.02 -6.61
CA GLY A 242 28.89 -12.41 -6.55
C GLY A 242 27.59 -12.57 -5.76
N HIS A 243 27.10 -11.49 -5.14
CA HIS A 243 25.85 -11.51 -4.33
C HIS A 243 24.71 -10.82 -5.08
N GLY A 244 24.98 -10.24 -6.25
CA GLY A 244 24.01 -9.55 -7.11
C GLY A 244 23.19 -10.53 -7.93
N GLU A 245 22.59 -10.06 -9.03
CA GLU A 245 21.71 -10.88 -9.92
C GLU A 245 22.57 -11.91 -10.65
N LYS A 246 23.85 -11.62 -10.89
CA LYS A 246 24.82 -12.54 -11.54
C LYS A 246 25.88 -12.96 -10.51
N GLU A 247 25.88 -14.24 -10.14
CA GLU A 247 26.65 -14.83 -9.03
C GLU A 247 28.11 -15.03 -9.44
N TYR A 248 28.34 -15.49 -10.67
CA TYR A 248 29.67 -15.79 -11.25
C TYR A 248 29.73 -15.25 -12.68
N GLY A 249 30.95 -14.96 -13.18
CA GLY A 249 31.19 -14.46 -14.54
C GLY A 249 31.33 -12.95 -14.58
N MET A 250 31.16 -12.36 -15.78
CA MET A 250 31.34 -10.92 -16.07
C MET A 250 30.13 -10.13 -15.54
N LEU A 251 30.35 -9.17 -14.65
CA LEU A 251 29.29 -8.31 -14.06
C LEU A 251 28.93 -7.22 -15.08
N GLU A 252 27.71 -6.71 -15.05
CA GLU A 252 27.21 -5.69 -16.01
C GLU A 252 27.13 -4.33 -15.31
N GLU B 16 73.18 8.76 15.75
CA GLU B 16 74.47 9.16 15.08
C GLU B 16 74.99 7.98 14.25
N ARG B 17 75.34 8.23 12.98
CA ARG B 17 75.95 7.25 12.06
C ARG B 17 77.40 7.00 12.49
N PRO B 18 77.99 5.81 12.18
CA PRO B 18 79.43 5.61 12.37
C PRO B 18 80.23 6.62 11.54
N SER B 19 81.47 6.90 11.97
CA SER B 19 82.35 7.95 11.40
C SER B 19 82.74 7.61 9.96
N ASP B 20 82.84 6.31 9.62
CA ASP B 20 83.27 5.84 8.27
C ASP B 20 82.07 5.76 7.33
N LEU B 21 80.85 5.98 7.81
CA LEU B 21 79.65 5.94 6.93
C LEU B 21 79.51 7.31 6.27
N VAL B 22 79.90 7.39 5.00
CA VAL B 22 79.74 8.60 4.13
C VAL B 22 79.09 8.11 2.84
N VAL B 23 78.28 8.96 2.21
CA VAL B 23 77.53 8.61 0.97
C VAL B 23 78.04 9.52 -0.16
N ASN B 24 79.09 9.09 -0.85
CA ASN B 24 79.70 9.80 -2.01
C ASN B 24 79.20 9.15 -3.30
N ARG B 25 78.41 8.09 -3.15
CA ARG B 25 77.92 7.17 -4.21
C ARG B 25 77.01 6.17 -3.49
N LEU B 26 76.35 5.29 -4.23
CA LEU B 26 75.48 4.24 -3.66
C LEU B 26 76.29 3.41 -2.66
N VAL B 27 75.78 3.26 -1.44
CA VAL B 27 76.35 2.38 -0.39
C VAL B 27 75.38 1.21 -0.17
N LEU B 28 75.86 -0.02 -0.36
CA LEU B 28 75.11 -1.25 -0.10
C LEU B 28 75.54 -1.79 1.27
N PHE B 29 74.57 -1.90 2.18
CA PHE B 29 74.74 -2.47 3.54
C PHE B 29 74.56 -3.98 3.45
N VAL B 30 75.51 -4.71 4.01
CA VAL B 30 75.59 -6.20 4.01
C VAL B 30 76.03 -6.62 5.41
N VAL B 31 76.02 -7.92 5.71
CA VAL B 31 76.65 -8.47 6.95
C VAL B 31 77.75 -9.42 6.52
N LYS B 32 78.57 -9.87 7.48
CA LYS B 32 79.65 -10.88 7.26
C LYS B 32 79.10 -12.01 6.39
N GLY B 33 79.79 -12.32 5.28
CA GLY B 33 79.39 -13.38 4.34
C GLY B 33 79.36 -14.74 4.99
N THR B 34 78.23 -15.44 4.93
CA THR B 34 78.07 -16.83 5.39
C THR B 34 77.08 -17.56 4.49
N ALA B 35 77.00 -18.88 4.62
CA ALA B 35 76.12 -19.76 3.80
C ALA B 35 74.68 -19.25 3.82
N THR B 36 74.27 -18.58 4.91
CA THR B 36 72.86 -18.25 5.24
C THR B 36 72.62 -16.73 5.30
N SER B 37 73.61 -15.89 4.97
CA SER B 37 73.56 -14.42 5.20
C SER B 37 73.63 -13.61 3.90
N THR B 38 73.67 -14.27 2.73
CA THR B 38 73.97 -13.59 1.43
C THR B 38 72.81 -13.70 0.41
N HIS B 39 71.76 -14.47 0.69
CA HIS B 39 70.74 -14.83 -0.33
C HIS B 39 69.89 -13.62 -0.74
N ASN B 40 69.79 -12.59 0.10
CA ASN B 40 69.03 -11.34 -0.19
C ASN B 40 69.98 -10.22 -0.64
N THR B 41 71.13 -10.06 0.02
CA THR B 41 72.14 -9.01 -0.28
C THR B 41 72.77 -9.22 -1.66
N VAL B 42 72.81 -10.45 -2.15
CA VAL B 42 73.42 -10.77 -3.48
C VAL B 42 72.55 -10.16 -4.58
N LYS B 43 71.26 -9.94 -4.33
CA LYS B 43 70.29 -9.48 -5.36
C LYS B 43 70.66 -8.09 -5.85
N PRO B 44 70.74 -7.05 -4.99
CA PRO B 44 71.16 -5.72 -5.45
C PRO B 44 72.57 -5.74 -6.06
N LEU B 45 73.46 -6.55 -5.48
CA LEU B 45 74.88 -6.63 -5.91
C LEU B 45 74.94 -7.14 -7.35
N ILE B 46 74.19 -8.19 -7.68
CA ILE B 46 74.09 -8.73 -9.06
C ILE B 46 73.72 -7.56 -9.99
N LEU B 47 72.69 -6.80 -9.66
CA LEU B 47 72.16 -5.72 -10.54
C LEU B 47 73.22 -4.60 -10.67
N LEU B 48 73.90 -4.27 -9.56
CA LEU B 48 74.97 -3.24 -9.53
C LEU B 48 76.08 -3.69 -10.48
N GLU B 49 76.44 -4.97 -10.45
CA GLU B 49 77.46 -5.60 -11.32
C GLU B 49 76.98 -5.59 -12.78
N GLU B 50 75.73 -6.01 -13.04
CA GLU B 50 75.15 -6.06 -14.40
C GLU B 50 75.20 -4.66 -15.03
N LEU B 51 74.87 -3.62 -14.27
CA LEU B 51 74.78 -2.23 -14.79
C LEU B 51 76.12 -1.51 -14.67
N GLY B 52 77.06 -2.02 -13.87
CA GLY B 52 78.38 -1.39 -13.65
C GLY B 52 78.24 -0.13 -12.81
N VAL B 53 77.28 -0.11 -11.88
CA VAL B 53 76.97 1.06 -11.03
C VAL B 53 78.13 1.24 -10.03
N PRO B 54 78.71 2.46 -9.91
CA PRO B 54 79.70 2.71 -8.87
C PRO B 54 79.00 2.57 -7.50
N HIS B 55 79.60 1.84 -6.57
CA HIS B 55 79.04 1.60 -5.21
C HIS B 55 80.15 1.29 -4.20
N ASP B 56 79.90 1.62 -2.94
CA ASP B 56 80.68 1.17 -1.77
C ASP B 56 79.91 0.06 -1.04
N ILE B 57 80.62 -0.73 -0.24
CA ILE B 57 80.06 -1.83 0.60
C ILE B 57 80.30 -1.47 2.07
N TYR B 58 79.25 -1.50 2.89
CA TYR B 58 79.33 -1.28 4.35
C TYR B 58 78.94 -2.57 5.06
N VAL B 59 79.86 -3.14 5.85
CA VAL B 59 79.60 -4.43 6.56
C VAL B 59 79.07 -4.08 7.95
N VAL B 60 77.77 -4.30 8.16
CA VAL B 60 77.05 -3.99 9.42
C VAL B 60 77.39 -5.09 10.42
N GLU B 61 77.92 -4.73 11.59
CA GLU B 61 78.26 -5.69 12.67
C GLU B 61 76.95 -6.16 13.33
N LYS B 62 76.06 -5.21 13.64
CA LYS B 62 74.80 -5.44 14.38
C LYS B 62 73.68 -4.67 13.69
N VAL B 63 72.74 -5.40 13.09
CA VAL B 63 71.57 -4.83 12.35
C VAL B 63 70.56 -4.26 13.35
N SER B 64 70.67 -4.64 14.62
CA SER B 64 69.83 -4.12 15.74
C SER B 64 70.33 -2.75 16.21
N ALA B 65 71.47 -2.28 15.71
CA ALA B 65 72.06 -0.97 16.08
C ALA B 65 71.06 0.13 15.71
N PRO B 66 70.76 1.07 16.66
CA PRO B 66 69.84 2.19 16.39
C PRO B 66 70.14 2.97 15.10
N TRP B 67 71.40 3.31 14.82
CA TRP B 67 71.78 4.08 13.60
C TRP B 67 71.28 3.36 12.35
N PHE B 68 71.31 2.02 12.35
CA PHE B 68 70.94 1.18 11.18
C PHE B 68 69.42 1.10 11.01
N SER B 69 68.65 1.10 12.11
CA SER B 69 67.17 1.10 12.06
C SER B 69 66.67 2.47 11.55
N GLU B 70 67.52 3.49 11.54
CA GLU B 70 67.22 4.81 10.92
C GLU B 70 67.22 4.67 9.39
N ILE B 71 68.06 3.78 8.86
CA ILE B 71 68.15 3.46 7.41
C ILE B 71 67.05 2.45 7.07
N ASN B 72 67.02 1.32 7.80
CA ASN B 72 66.06 0.22 7.56
C ASN B 72 65.30 -0.08 8.85
N PRO B 73 64.02 0.37 8.98
CA PRO B 73 63.26 0.15 10.21
C PRO B 73 62.97 -1.32 10.44
N HIS B 74 63.16 -2.17 9.42
CA HIS B 74 63.00 -3.64 9.47
C HIS B 74 64.30 -4.30 9.97
N LYS B 75 65.37 -3.52 10.19
CA LYS B 75 66.64 -3.97 10.84
C LYS B 75 67.21 -5.21 10.11
N MET B 76 67.27 -5.18 8.78
CA MET B 76 67.87 -6.28 7.99
C MET B 76 68.76 -5.73 6.88
N VAL B 77 69.62 -6.59 6.32
CA VAL B 77 70.36 -6.33 5.05
C VAL B 77 69.67 -7.14 3.96
N PRO B 78 69.67 -6.69 2.69
CA PRO B 78 70.31 -5.44 2.28
C PRO B 78 69.53 -4.15 2.60
N ALA B 79 70.29 -3.07 2.78
CA ALA B 79 69.81 -1.67 2.73
C ALA B 79 70.74 -0.89 1.81
N ILE B 80 70.23 0.20 1.23
CA ILE B 80 71.01 1.15 0.40
C ILE B 80 70.82 2.56 0.95
N LEU B 81 71.91 3.33 1.03
CA LEU B 81 71.90 4.81 1.03
C LEU B 81 72.50 5.26 -0.30
N ASP B 82 71.86 6.24 -0.95
CA ASP B 82 72.35 6.84 -2.22
C ASP B 82 71.96 8.32 -2.26
N ARG B 83 72.72 9.11 -3.00
CA ARG B 83 72.39 10.52 -3.34
C ARG B 83 71.26 10.48 -4.37
N SER B 84 70.19 11.24 -4.15
CA SER B 84 69.12 11.41 -5.17
C SER B 84 69.75 11.96 -6.45
N PRO B 85 69.16 11.70 -7.64
CA PRO B 85 69.74 12.14 -8.91
C PRO B 85 70.08 13.64 -8.97
N ASP B 86 69.29 14.49 -8.30
CA ASP B 86 69.49 15.97 -8.26
C ASP B 86 70.38 16.34 -7.06
N GLY B 87 70.79 15.37 -6.25
CA GLY B 87 71.69 15.54 -5.10
C GLY B 87 71.02 16.18 -3.89
N ARG B 88 69.71 16.41 -3.93
CA ARG B 88 68.95 17.16 -2.89
C ARG B 88 68.70 16.29 -1.65
N ASP B 89 68.55 14.97 -1.81
CA ASP B 89 68.20 14.03 -0.71
C ASP B 89 69.19 12.87 -0.65
N THR B 90 69.37 12.32 0.55
CA THR B 90 69.92 10.97 0.79
C THR B 90 68.77 9.98 0.71
N LEU B 91 68.66 9.25 -0.40
CA LEU B 91 67.63 8.21 -0.61
C LEU B 91 68.03 6.95 0.14
N ARG B 92 67.06 6.17 0.55
CA ARG B 92 67.32 4.87 1.18
C ARG B 92 66.47 3.83 0.46
N ALA B 93 66.97 2.61 0.39
CA ALA B 93 66.18 1.48 -0.13
C ALA B 93 66.39 0.30 0.81
N TRP B 94 65.31 -0.32 1.23
CA TRP B 94 65.32 -1.51 2.11
C TRP B 94 64.15 -2.40 1.73
N GLU B 95 64.37 -3.71 1.90
CA GLU B 95 63.66 -4.93 1.42
C GLU B 95 64.46 -5.28 0.15
N SER B 96 64.85 -6.53 -0.06
CA SER B 96 65.73 -6.83 -1.23
C SER B 96 65.06 -6.46 -2.56
N THR B 97 63.77 -6.72 -2.69
CA THR B 97 63.00 -6.37 -3.93
C THR B 97 63.08 -4.85 -4.12
N SER B 98 62.92 -4.06 -3.04
CA SER B 98 62.94 -2.59 -3.11
C SER B 98 64.32 -2.08 -3.52
N THR B 99 65.40 -2.74 -3.10
CA THR B 99 66.78 -2.37 -3.52
C THR B 99 66.89 -2.57 -5.02
N LEU B 100 66.24 -3.60 -5.58
CA LEU B 100 66.28 -3.91 -7.03
C LEU B 100 65.51 -2.84 -7.80
N MET B 101 64.31 -2.49 -7.33
N MET B 101 64.32 -2.48 -7.32
CA MET B 101 63.43 -1.45 -7.92
CA MET B 101 63.46 -1.44 -7.95
C MET B 101 64.20 -0.11 -7.93
C MET B 101 64.16 -0.09 -7.91
N TYR B 102 64.86 0.22 -6.82
CA TYR B 102 65.60 1.50 -6.68
C TYR B 102 66.74 1.54 -7.69
N ILE B 103 67.59 0.51 -7.72
CA ILE B 103 68.77 0.49 -8.62
C ILE B 103 68.26 0.59 -10.06
N ALA B 104 67.24 -0.20 -10.42
CA ALA B 104 66.61 -0.17 -11.76
C ALA B 104 66.22 1.27 -12.09
N ASP B 105 65.41 1.87 -11.20
CA ASP B 105 64.82 3.23 -11.36
C ASP B 105 65.93 4.27 -11.57
N ALA B 106 66.94 4.29 -10.69
CA ALA B 106 67.99 5.34 -10.68
C ALA B 106 69.03 5.10 -11.78
N TYR B 107 69.32 3.84 -12.16
CA TYR B 107 70.52 3.49 -12.97
C TYR B 107 70.18 2.71 -14.24
N ASP B 108 69.06 2.00 -14.31
CA ASP B 108 68.73 1.19 -15.53
C ASP B 108 67.96 2.07 -16.51
N LYS B 109 68.70 3.02 -17.12
CA LYS B 109 68.19 4.06 -18.05
C LYS B 109 67.40 3.43 -19.19
N ASP B 110 67.90 2.32 -19.75
CA ASP B 110 67.33 1.65 -20.95
C ASP B 110 66.26 0.61 -20.56
N GLY B 111 66.02 0.41 -19.26
CA GLY B 111 65.08 -0.61 -18.76
C GLY B 111 65.46 -2.02 -19.19
N THR B 112 66.78 -2.29 -19.30
CA THR B 112 67.36 -3.61 -19.66
C THR B 112 66.92 -4.65 -18.63
N PHE B 113 66.88 -4.29 -17.35
CA PHE B 113 66.44 -5.20 -16.25
C PHE B 113 65.07 -4.78 -15.71
N GLY B 114 64.74 -3.47 -15.76
CA GLY B 114 63.51 -2.91 -15.19
C GLY B 114 62.32 -3.02 -16.12
N GLY B 115 62.54 -3.05 -17.44
CA GLY B 115 61.50 -3.12 -18.48
C GLY B 115 61.33 -1.81 -19.23
N ARG B 116 61.31 -1.87 -20.57
CA ARG B 116 61.30 -0.70 -21.50
C ARG B 116 59.90 -0.11 -21.67
N ASN B 117 58.85 -0.93 -21.54
CA ASN B 117 57.45 -0.49 -21.77
C ASN B 117 56.51 -1.18 -20.79
N VAL B 118 55.23 -0.78 -20.83
CA VAL B 118 54.15 -1.24 -19.90
C VAL B 118 53.98 -2.76 -20.02
N GLN B 119 54.10 -3.31 -21.24
CA GLN B 119 53.91 -4.76 -21.49
C GLN B 119 54.99 -5.54 -20.75
N GLU B 120 56.27 -5.23 -21.01
CA GLU B 120 57.45 -5.85 -20.35
C GLU B 120 57.30 -5.74 -18.83
N ARG B 121 57.05 -4.53 -18.32
CA ARG B 121 57.02 -4.23 -16.88
C ARG B 121 55.91 -5.06 -16.23
N SER B 122 54.79 -5.28 -16.95
CA SER B 122 53.61 -6.02 -16.46
C SER B 122 54.04 -7.45 -16.09
N GLU B 123 54.78 -8.15 -16.97
CA GLU B 123 55.31 -9.51 -16.68
C GLU B 123 56.45 -9.42 -15.65
N ILE B 124 57.33 -8.43 -15.76
CA ILE B 124 58.49 -8.28 -14.83
C ILE B 124 57.95 -8.15 -13.39
N ASN B 125 56.92 -7.32 -13.21
CA ASN B 125 56.32 -7.03 -11.88
C ASN B 125 55.54 -8.25 -11.38
N ASN B 126 55.00 -9.05 -12.30
CA ASN B 126 54.28 -10.30 -11.92
C ASN B 126 55.27 -11.28 -11.28
N TRP B 127 56.40 -11.56 -11.96
CA TRP B 127 57.37 -12.61 -11.55
C TRP B 127 58.21 -12.09 -10.38
N LEU B 128 58.53 -10.79 -10.37
CA LEU B 128 59.21 -10.12 -9.23
C LEU B 128 58.31 -10.20 -7.99
N THR B 129 57.04 -9.84 -8.11
CA THR B 129 56.13 -9.80 -6.94
C THR B 129 55.88 -11.23 -6.47
N LEU B 130 55.75 -12.19 -7.39
CA LEU B 130 55.51 -13.61 -7.02
C LEU B 130 56.59 -14.05 -6.04
N HIS B 131 57.86 -13.77 -6.35
CA HIS B 131 59.01 -14.02 -5.44
C HIS B 131 58.86 -13.24 -4.14
N THR B 132 58.57 -11.94 -4.23
CA THR B 132 58.53 -10.99 -3.08
C THR B 132 57.48 -11.47 -2.07
N ALA B 133 56.36 -12.02 -2.55
CA ALA B 133 55.14 -12.30 -1.77
C ALA B 133 55.07 -13.78 -1.40
N ALA B 134 55.59 -14.68 -2.25
CA ALA B 134 55.39 -16.15 -2.14
C ALA B 134 56.71 -16.86 -1.80
N LEU B 135 57.59 -17.13 -2.78
CA LEU B 135 58.81 -17.94 -2.54
C LEU B 135 59.65 -17.27 -1.44
N GLY B 136 59.93 -15.97 -1.56
CA GLY B 136 60.75 -15.20 -0.61
C GLY B 136 60.32 -15.42 0.84
N PRO B 137 59.10 -14.97 1.21
CA PRO B 137 58.58 -15.14 2.57
C PRO B 137 58.46 -16.59 3.05
N THR B 138 58.01 -17.52 2.20
CA THR B 138 57.92 -18.96 2.51
C THR B 138 59.30 -19.48 2.95
N ALA B 139 60.33 -19.21 2.14
CA ALA B 139 61.73 -19.62 2.37
C ALA B 139 62.27 -19.01 3.66
N ALA B 140 61.93 -17.74 3.93
CA ALA B 140 62.34 -17.00 5.14
C ALA B 140 61.67 -17.62 6.37
N TYR B 141 60.38 -17.95 6.29
CA TYR B 141 59.65 -18.64 7.40
C TYR B 141 60.18 -20.07 7.53
N TRP B 142 60.45 -20.75 6.42
CA TRP B 142 61.00 -22.12 6.45
C TRP B 142 62.28 -22.08 7.27
N LEU B 143 63.19 -21.17 6.93
CA LEU B 143 64.53 -21.02 7.54
C LEU B 143 64.37 -20.61 9.01
N TYR B 144 63.46 -19.69 9.30
CA TYR B 144 63.21 -19.19 10.67
C TYR B 144 62.88 -20.38 11.59
N PHE B 145 61.92 -21.21 11.18
CA PHE B 145 61.31 -22.28 12.03
C PHE B 145 62.23 -23.50 12.11
N TYR B 146 62.97 -23.76 11.03
CA TYR B 146 63.94 -24.89 10.89
C TYR B 146 65.14 -24.68 11.82
N LYS B 147 65.55 -23.42 12.01
CA LYS B 147 66.90 -23.04 12.54
C LYS B 147 66.83 -22.07 13.72
N LEU B 148 65.93 -21.07 13.69
CA LEU B 148 66.01 -19.90 14.62
C LEU B 148 64.96 -20.02 15.73
N HIS B 149 63.74 -20.46 15.44
CA HIS B 149 62.66 -20.58 16.47
C HIS B 149 63.17 -21.46 17.61
N PRO B 150 62.97 -21.07 18.89
CA PRO B 150 63.47 -21.86 20.03
C PRO B 150 62.89 -23.28 20.06
N GLU B 151 61.63 -23.45 19.61
CA GLU B 151 60.95 -24.76 19.51
C GLU B 151 60.96 -25.21 18.04
N LYS B 152 61.10 -26.52 17.82
CA LYS B 152 61.03 -27.14 16.47
C LYS B 152 59.58 -27.53 16.20
N LEU B 153 58.96 -26.92 15.18
CA LEU B 153 57.54 -27.14 14.78
C LEU B 153 57.52 -27.87 13.44
N PRO B 154 57.67 -29.22 13.44
CA PRO B 154 57.89 -29.99 12.21
C PRO B 154 56.69 -29.93 11.24
N LYS B 155 55.46 -29.85 11.76
CA LYS B 155 54.25 -29.78 10.92
C LYS B 155 54.29 -28.48 10.10
N THR B 156 54.64 -27.37 10.73
CA THR B 156 54.75 -26.02 10.10
C THR B 156 55.90 -26.03 9.08
N ILE B 157 57.06 -26.58 9.46
CA ILE B 157 58.27 -26.68 8.58
C ILE B 157 57.90 -27.46 7.30
N GLU B 158 57.13 -28.55 7.42
CA GLU B 158 56.80 -29.46 6.28
C GLU B 158 55.85 -28.75 5.31
N LYS B 159 54.88 -28.00 5.83
CA LYS B 159 53.92 -27.21 5.03
C LYS B 159 54.67 -26.16 4.21
N LEU B 160 55.64 -25.47 4.82
CA LEU B 160 56.46 -24.41 4.15
C LEU B 160 57.29 -25.04 3.03
N ARG B 161 57.95 -26.19 3.31
CA ARG B 161 58.75 -26.96 2.32
C ARG B 161 57.83 -27.38 1.16
N SER B 162 56.61 -27.83 1.47
CA SER B 162 55.57 -28.18 0.48
C SER B 162 55.22 -26.95 -0.38
N ASN B 163 55.06 -25.78 0.25
CA ASN B 163 54.76 -24.50 -0.45
C ASN B 163 55.92 -24.11 -1.38
N ILE B 164 57.15 -24.42 -0.99
CA ILE B 164 58.36 -24.13 -1.83
C ILE B 164 58.27 -24.96 -3.11
N THR B 165 57.90 -26.24 -3.01
CA THR B 165 57.77 -27.15 -4.19
C THR B 165 56.66 -26.63 -5.12
N VAL B 166 55.58 -26.05 -4.57
CA VAL B 166 54.48 -25.44 -5.36
C VAL B 166 55.05 -24.25 -6.15
N GLN B 167 55.89 -23.43 -5.51
CA GLN B 167 56.51 -22.23 -6.15
C GLN B 167 57.48 -22.68 -7.25
N TYR B 168 58.31 -23.70 -7.00
CA TYR B 168 59.20 -24.31 -8.04
C TYR B 168 58.33 -24.84 -9.19
N ASP B 169 57.17 -25.41 -8.87
CA ASP B 169 56.21 -25.96 -9.88
C ASP B 169 55.76 -24.84 -10.82
N ILE B 170 55.48 -23.64 -10.28
CA ILE B 170 55.02 -22.47 -11.08
C ILE B 170 56.16 -22.00 -11.99
N LEU B 171 57.36 -21.82 -11.44
CA LEU B 171 58.55 -21.34 -12.18
C LEU B 171 58.87 -22.34 -13.32
N GLU B 172 58.72 -23.63 -13.05
CA GLU B 172 59.01 -24.72 -14.03
C GLU B 172 57.99 -24.64 -15.17
N ARG B 173 56.70 -24.58 -14.84
CA ARG B 173 55.60 -24.41 -15.83
C ARG B 173 55.93 -23.24 -16.75
N ARG B 174 56.36 -22.10 -16.19
CA ARG B 174 56.65 -20.85 -16.96
C ARG B 174 57.83 -21.10 -17.91
N LEU B 175 58.90 -21.74 -17.44
CA LEU B 175 60.13 -21.97 -18.24
C LEU B 175 59.91 -23.13 -19.22
N ASN B 176 58.76 -23.78 -19.18
CA ASN B 176 58.34 -24.85 -20.13
C ASN B 176 57.53 -24.24 -21.28
N GLU B 177 57.17 -22.95 -21.21
CA GLU B 177 56.42 -22.24 -22.28
C GLU B 177 57.35 -21.97 -23.45
N PRO B 178 56.86 -22.02 -24.72
CA PRO B 178 57.73 -21.89 -25.90
C PRO B 178 58.57 -20.61 -25.93
N GLY B 179 59.89 -20.74 -26.00
CA GLY B 179 60.84 -19.61 -26.14
C GLY B 179 61.09 -18.87 -24.84
N GLN B 180 60.55 -19.34 -23.71
CA GLN B 180 60.60 -18.66 -22.38
C GLN B 180 61.91 -19.05 -21.68
N GLN B 181 63.03 -18.40 -22.06
CA GLN B 181 64.38 -18.66 -21.50
C GLN B 181 64.50 -18.06 -20.09
N TYR B 182 63.77 -17.00 -19.79
CA TYR B 182 63.82 -16.27 -18.49
C TYR B 182 62.39 -16.13 -17.95
N LEU B 183 62.26 -15.77 -16.68
CA LEU B 183 60.96 -15.80 -15.95
C LEU B 183 59.96 -14.82 -16.56
N ALA B 184 60.36 -13.56 -16.72
CA ALA B 184 59.47 -12.45 -17.16
C ALA B 184 59.44 -12.40 -18.69
N LEU B 185 60.60 -12.13 -19.30
CA LEU B 185 60.78 -11.90 -20.76
C LEU B 185 61.47 -13.12 -21.38
N LYS B 186 61.12 -13.43 -22.64
CA LYS B 186 61.69 -14.58 -23.39
C LYS B 186 63.19 -14.34 -23.65
N ASP B 187 63.56 -13.09 -23.93
CA ASP B 187 64.81 -12.71 -24.64
C ASP B 187 65.94 -12.49 -23.64
N ARG B 188 65.65 -12.03 -22.41
CA ARG B 188 66.70 -11.49 -21.51
C ARG B 188 66.27 -11.57 -20.04
N PRO B 189 67.24 -11.63 -19.11
CA PRO B 189 66.95 -11.66 -17.68
C PRO B 189 66.55 -10.26 -17.18
N THR B 190 65.70 -10.21 -16.16
CA THR B 190 65.21 -8.96 -15.53
C THR B 190 65.41 -9.04 -14.01
N ILE B 191 65.02 -7.99 -13.28
CA ILE B 191 65.09 -7.98 -11.80
C ILE B 191 64.25 -9.15 -11.24
N ALA B 192 63.25 -9.63 -11.98
CA ALA B 192 62.43 -10.80 -11.58
C ALA B 192 63.32 -12.05 -11.45
N ASP B 193 64.17 -12.26 -12.46
CA ASP B 193 65.15 -13.38 -12.53
C ASP B 193 66.17 -13.23 -11.38
N ILE B 194 66.67 -12.01 -11.18
CA ILE B 194 67.71 -11.70 -10.15
C ILE B 194 67.13 -11.98 -8.76
N ALA B 195 65.92 -11.49 -8.49
CA ALA B 195 65.20 -11.70 -7.22
C ALA B 195 65.04 -13.20 -6.94
N THR B 196 64.75 -13.99 -7.97
CA THR B 196 64.31 -15.41 -7.84
C THR B 196 65.53 -16.32 -7.68
N LEU B 197 66.61 -16.05 -8.39
CA LEU B 197 67.78 -16.96 -8.55
C LEU B 197 68.26 -17.51 -7.21
N PRO B 198 68.53 -16.68 -6.17
CA PRO B 198 69.18 -17.18 -4.95
C PRO B 198 68.35 -18.24 -4.21
N PHE B 199 67.04 -18.27 -4.44
CA PHE B 199 66.07 -19.19 -3.79
C PHE B 199 65.68 -20.33 -4.75
N ALA B 200 66.15 -20.26 -6.00
CA ALA B 200 65.82 -21.19 -7.10
C ALA B 200 67.11 -21.63 -7.79
N MET B 201 68.03 -22.21 -7.01
CA MET B 201 69.28 -22.85 -7.49
C MET B 201 69.53 -24.10 -6.65
N LYS B 202 70.50 -24.92 -7.05
CA LYS B 202 70.73 -26.29 -6.54
C LYS B 202 71.05 -26.25 -5.03
N SER B 203 72.03 -25.43 -4.63
CA SER B 203 72.53 -25.35 -3.23
C SER B 203 71.36 -25.04 -2.28
N THR B 204 70.52 -24.06 -2.64
CA THR B 204 69.33 -23.66 -1.85
C THR B 204 68.33 -24.81 -1.79
N ALA B 205 68.01 -25.41 -2.93
CA ALA B 205 67.08 -26.57 -3.02
C ALA B 205 67.57 -27.68 -2.09
N GLU B 206 68.86 -28.01 -2.16
CA GLU B 206 69.53 -29.00 -1.27
C GLU B 206 69.32 -28.57 0.19
N LEU B 207 69.43 -27.28 0.53
CA LEU B 207 69.18 -26.77 1.91
C LEU B 207 67.74 -27.07 2.33
N PHE B 208 66.76 -26.92 1.43
CA PHE B 208 65.31 -27.15 1.70
C PHE B 208 65.00 -28.65 1.73
N GLY B 209 65.96 -29.50 1.33
CA GLY B 209 65.85 -30.96 1.33
C GLY B 209 65.23 -31.48 0.04
N LEU B 210 65.32 -30.69 -1.03
CA LEU B 210 64.68 -30.98 -2.34
C LEU B 210 65.75 -31.40 -3.34
N GLU B 211 65.36 -32.18 -4.35
CA GLU B 211 66.22 -32.58 -5.49
C GLU B 211 65.92 -31.65 -6.66
N PHE B 212 66.84 -30.74 -6.96
CA PHE B 212 66.64 -29.62 -7.92
C PHE B 212 66.48 -30.16 -9.34
N GLU B 213 67.00 -31.35 -9.64
CA GLU B 213 66.87 -32.06 -10.94
C GLU B 213 65.39 -32.31 -11.27
N LYS B 214 64.53 -32.39 -10.25
CA LYS B 214 63.06 -32.60 -10.42
C LYS B 214 62.42 -31.39 -11.13
N TRP B 215 63.12 -30.25 -11.23
CA TRP B 215 62.65 -29.06 -12.00
C TRP B 215 63.70 -28.71 -13.04
N PRO B 216 63.78 -29.48 -14.16
CA PRO B 216 64.92 -29.41 -15.07
C PRO B 216 65.07 -28.06 -15.79
N LYS B 217 63.97 -27.50 -16.32
CA LYS B 217 63.97 -26.17 -17.00
C LYS B 217 64.40 -25.09 -16.00
N LEU B 218 63.91 -25.17 -14.75
CA LEU B 218 64.27 -24.24 -13.65
C LEU B 218 65.77 -24.37 -13.33
N GLN B 219 66.28 -25.61 -13.27
CA GLN B 219 67.74 -25.88 -13.05
C GLN B 219 68.56 -25.30 -14.20
N GLU B 220 68.13 -25.55 -15.45
CA GLU B 220 68.79 -25.02 -16.67
C GLU B 220 68.87 -23.49 -16.57
N TRP B 221 67.74 -22.86 -16.25
CA TRP B 221 67.64 -21.39 -16.05
C TRP B 221 68.65 -20.93 -15.00
N SER B 222 68.68 -21.57 -13.82
CA SER B 222 69.62 -21.26 -12.72
C SER B 222 71.07 -21.30 -13.24
N VAL B 223 71.40 -22.27 -14.09
CA VAL B 223 72.77 -22.43 -14.65
C VAL B 223 73.04 -21.31 -15.65
N ARG B 224 72.08 -21.05 -16.56
CA ARG B 224 72.15 -19.94 -17.56
C ARG B 224 72.43 -18.61 -16.86
N MET B 225 71.67 -18.29 -15.80
CA MET B 225 71.86 -17.10 -14.93
C MET B 225 73.24 -17.13 -14.28
N GLY B 226 73.58 -18.25 -13.64
CA GLY B 226 74.85 -18.48 -12.92
C GLY B 226 76.07 -18.26 -13.79
N GLU B 227 75.96 -18.49 -15.11
CA GLU B 227 77.08 -18.37 -16.08
C GLU B 227 77.36 -16.89 -16.39
N ARG B 228 76.43 -15.99 -16.10
CA ARG B 228 76.59 -14.54 -16.37
C ARG B 228 77.70 -14.00 -15.46
N GLU B 229 78.60 -13.20 -16.02
CA GLU B 229 79.84 -12.72 -15.32
C GLU B 229 79.44 -11.90 -14.09
N ALA B 230 78.44 -11.02 -14.22
CA ALA B 230 77.93 -10.15 -13.13
C ALA B 230 77.51 -11.01 -11.93
N VAL B 231 76.83 -12.13 -12.20
CA VAL B 231 76.26 -13.04 -11.16
C VAL B 231 77.41 -13.78 -10.46
N LYS B 232 78.38 -14.28 -11.23
CA LYS B 232 79.61 -14.92 -10.70
C LYS B 232 80.35 -13.92 -9.80
N ARG B 233 80.58 -12.69 -10.27
CA ARG B 233 81.29 -11.62 -9.51
C ARG B 233 80.51 -11.33 -8.22
N ALA B 234 79.18 -11.20 -8.31
CA ALA B 234 78.31 -10.94 -7.15
C ALA B 234 78.51 -12.04 -6.09
N TRP B 235 78.41 -13.31 -6.47
CA TRP B 235 78.47 -14.47 -5.53
C TRP B 235 79.83 -14.49 -4.81
N GLN B 236 80.92 -14.28 -5.55
CA GLN B 236 82.31 -14.29 -5.02
C GLN B 236 82.49 -13.17 -3.99
N ARG B 237 81.97 -11.97 -4.26
CA ARG B 237 82.15 -10.77 -3.40
C ARG B 237 81.33 -10.89 -2.12
N VAL B 238 80.07 -11.33 -2.21
CA VAL B 238 79.13 -11.34 -1.04
C VAL B 238 79.62 -12.34 0.00
N ALA B 239 80.10 -13.50 -0.44
CA ALA B 239 80.74 -14.53 0.40
C ALA B 239 81.93 -13.91 1.17
N GLY B 240 82.69 -13.04 0.50
CA GLY B 240 83.98 -12.49 1.00
C GLY B 240 83.82 -11.33 1.97
N PHE B 241 82.72 -10.57 1.88
CA PHE B 241 82.48 -9.34 2.68
C PHE B 241 82.66 -9.66 4.16
N GLY B 242 83.52 -8.92 4.84
CA GLY B 242 83.78 -9.04 6.29
C GLY B 242 84.93 -9.98 6.62
N HIS B 243 85.50 -10.65 5.61
CA HIS B 243 86.59 -11.66 5.74
C HIS B 243 87.89 -11.19 5.06
N GLY B 244 87.92 -9.96 4.55
CA GLY B 244 89.13 -9.28 4.04
C GLY B 244 89.87 -8.56 5.16
N GLU B 245 90.63 -7.51 4.81
CA GLU B 245 91.47 -6.76 5.78
C GLU B 245 90.57 -6.08 6.81
N LYS B 246 89.34 -5.74 6.40
CA LYS B 246 88.31 -5.07 7.23
C LYS B 246 87.19 -6.07 7.57
N GLU B 247 86.82 -6.15 8.85
CA GLU B 247 85.78 -7.06 9.38
C GLU B 247 84.40 -6.38 9.31
N TYR B 248 84.34 -5.11 9.68
CA TYR B 248 83.08 -4.32 9.78
C TYR B 248 83.35 -2.88 9.34
N GLY B 249 82.30 -2.18 8.89
CA GLY B 249 82.39 -0.77 8.44
C GLY B 249 82.58 -0.68 6.94
N MET B 250 82.99 0.50 6.47
CA MET B 250 83.12 0.81 5.03
C MET B 250 84.32 0.05 4.46
N LEU B 251 84.11 -0.81 3.46
CA LEU B 251 85.17 -1.57 2.77
C LEU B 251 85.90 -0.65 1.78
N GLU B 252 87.15 -0.98 1.44
CA GLU B 252 88.04 -0.17 0.57
C GLU B 252 88.31 -0.92 -0.73
N SER C 13 17.82 -14.37 19.70
CA SER C 13 17.63 -12.90 19.47
C SER C 13 17.44 -12.18 20.80
N MET C 14 17.67 -10.87 20.83
CA MET C 14 17.65 -10.05 22.07
C MET C 14 16.47 -9.08 22.02
N SER C 15 15.95 -8.72 23.20
CA SER C 15 14.83 -7.76 23.40
C SER C 15 15.39 -6.35 23.61
N GLU C 16 16.67 -6.25 23.99
CA GLU C 16 17.42 -4.97 24.19
C GLU C 16 17.94 -4.47 22.84
N ARG C 17 17.77 -3.17 22.59
CA ARG C 17 18.29 -2.48 21.38
C ARG C 17 19.82 -2.55 21.40
N PRO C 18 20.47 -3.02 20.30
CA PRO C 18 21.92 -3.11 20.28
C PRO C 18 22.58 -1.76 20.58
N SER C 19 23.76 -1.79 21.20
CA SER C 19 24.50 -0.60 21.67
C SER C 19 25.04 0.22 20.49
N ASP C 20 25.20 -0.39 19.31
CA ASP C 20 25.70 0.33 18.10
C ASP C 20 24.55 1.05 17.37
N LEU C 21 23.28 0.87 17.78
CA LEU C 21 22.13 1.52 17.09
C LEU C 21 21.92 2.93 17.64
N VAL C 22 22.56 3.91 17.01
CA VAL C 22 22.40 5.37 17.30
C VAL C 22 21.85 6.03 16.03
N VAL C 23 20.89 6.95 16.20
CA VAL C 23 20.23 7.66 15.08
C VAL C 23 20.73 9.11 15.06
N ASN C 24 21.90 9.33 14.45
CA ASN C 24 22.49 10.68 14.22
C ASN C 24 21.95 11.23 12.90
N ARG C 25 21.52 10.32 12.02
CA ARG C 25 21.08 10.59 10.64
C ARG C 25 20.19 9.43 10.23
N LEU C 26 19.58 9.47 9.04
CA LEU C 26 18.71 8.38 8.56
C LEU C 26 19.47 7.06 8.68
N VAL C 27 18.87 6.06 9.31
CA VAL C 27 19.40 4.66 9.39
C VAL C 27 18.44 3.77 8.59
N LEU C 28 18.95 3.14 7.54
CA LEU C 28 18.20 2.13 6.74
C LEU C 28 18.55 0.73 7.27
N PHE C 29 17.54 0.00 7.73
CA PHE C 29 17.64 -1.41 8.19
C PHE C 29 17.55 -2.34 6.98
N VAL C 30 18.54 -3.23 6.86
CA VAL C 30 18.68 -4.19 5.74
C VAL C 30 19.01 -5.55 6.34
N VAL C 31 19.08 -6.58 5.49
CA VAL C 31 19.62 -7.91 5.87
C VAL C 31 20.81 -8.18 4.95
N LYS C 32 21.52 -9.27 5.25
CA LYS C 32 22.68 -9.72 4.44
C LYS C 32 22.24 -9.82 2.97
N GLY C 33 23.01 -9.20 2.07
CA GLY C 33 22.75 -9.14 0.63
C GLY C 33 22.82 -10.51 -0.03
N THR C 34 21.72 -10.92 -0.65
CA THR C 34 21.63 -12.08 -1.58
C THR C 34 20.74 -11.69 -2.76
N ALA C 35 20.77 -12.48 -3.84
CA ALA C 35 20.01 -12.23 -5.08
C ALA C 35 18.50 -12.11 -4.77
N THR C 36 18.02 -12.61 -3.62
CA THR C 36 16.56 -12.67 -3.28
C THR C 36 16.22 -11.85 -2.03
N SER C 37 17.18 -11.21 -1.34
CA SER C 37 16.93 -10.48 -0.07
C SER C 37 16.91 -8.96 -0.27
N THR C 38 17.08 -8.43 -1.49
CA THR C 38 17.44 -7.00 -1.74
C THR C 38 16.38 -6.25 -2.56
N HIS C 39 15.34 -6.92 -3.06
CA HIS C 39 14.35 -6.32 -4.01
C HIS C 39 13.52 -5.23 -3.33
N ASN C 40 13.26 -5.31 -2.03
CA ASN C 40 12.52 -4.24 -1.30
C ASN C 40 13.51 -3.23 -0.70
N THR C 41 14.61 -3.67 -0.09
CA THR C 41 15.57 -2.78 0.61
C THR C 41 16.25 -1.84 -0.41
N VAL C 42 16.39 -2.26 -1.67
CA VAL C 42 17.07 -1.44 -2.72
C VAL C 42 16.22 -0.19 -3.04
N LYS C 43 14.91 -0.23 -2.77
CA LYS C 43 13.98 0.85 -3.17
C LYS C 43 14.31 2.15 -2.44
N PRO C 44 14.29 2.21 -1.09
CA PRO C 44 14.72 3.42 -0.38
C PRO C 44 16.19 3.77 -0.67
N LEU C 45 17.05 2.77 -0.83
CA LEU C 45 18.49 2.98 -1.11
C LEU C 45 18.64 3.76 -2.42
N ILE C 46 17.85 3.42 -3.45
CA ILE C 46 17.88 4.12 -4.76
C ILE C 46 17.57 5.60 -4.54
N LEU C 47 16.48 5.90 -3.82
CA LEU C 47 16.02 7.28 -3.55
C LEU C 47 17.06 8.07 -2.74
N LEU C 48 17.66 7.44 -1.72
CA LEU C 48 18.75 8.03 -0.89
C LEU C 48 19.93 8.40 -1.82
N GLU C 49 20.33 7.50 -2.73
CA GLU C 49 21.41 7.77 -3.73
C GLU C 49 20.96 8.86 -4.70
N GLU C 50 19.69 8.85 -5.13
CA GLU C 50 19.18 9.85 -6.13
C GLU C 50 19.24 11.25 -5.52
N LEU C 51 18.89 11.39 -4.24
CA LEU C 51 18.79 12.69 -3.51
C LEU C 51 20.11 13.02 -2.79
N GLY C 52 21.04 12.07 -2.71
CA GLY C 52 22.33 12.26 -1.99
C GLY C 52 22.11 12.50 -0.51
N VAL C 53 21.08 11.87 0.08
CA VAL C 53 20.74 11.96 1.53
C VAL C 53 21.84 11.31 2.33
N PRO C 54 22.36 11.96 3.40
CA PRO C 54 23.28 11.31 4.33
C PRO C 54 22.52 10.20 5.09
N HIS C 55 23.11 9.01 5.20
CA HIS C 55 22.44 7.83 5.82
C HIS C 55 23.47 6.80 6.30
N ASP C 56 23.06 6.02 7.29
CA ASP C 56 23.77 4.82 7.80
C ASP C 56 23.01 3.58 7.35
N ILE C 57 23.70 2.44 7.37
CA ILE C 57 23.15 1.10 7.05
C ILE C 57 23.30 0.23 8.29
N TYR C 58 22.20 -0.38 8.72
CA TYR C 58 22.17 -1.33 9.86
C TYR C 58 21.70 -2.69 9.34
N VAL C 59 22.60 -3.68 9.42
CA VAL C 59 22.35 -5.06 8.93
C VAL C 59 21.72 -5.83 10.10
N VAL C 60 20.45 -6.22 9.96
CA VAL C 60 19.68 -6.93 11.02
C VAL C 60 19.96 -8.42 10.87
N GLU C 61 20.55 -9.05 11.90
CA GLU C 61 20.87 -10.49 11.91
C GLU C 61 19.54 -11.28 11.84
N LYS C 62 18.60 -10.96 12.73
CA LYS C 62 17.29 -11.66 12.86
C LYS C 62 16.18 -10.62 12.90
N VAL C 63 15.34 -10.56 11.85
CA VAL C 63 14.21 -9.60 11.77
C VAL C 63 13.12 -10.02 12.77
N SER C 64 13.21 -11.24 13.31
CA SER C 64 12.31 -11.78 14.36
C SER C 64 12.73 -11.26 15.74
N ALA C 65 13.89 -10.60 15.87
CA ALA C 65 14.40 -10.06 17.15
C ALA C 65 13.40 -9.07 17.73
N PRO C 66 12.91 -9.29 18.97
CA PRO C 66 12.00 -8.34 19.63
C PRO C 66 12.43 -6.87 19.58
N TRP C 67 13.74 -6.56 19.66
CA TRP C 67 14.19 -5.14 19.54
C TRP C 67 13.80 -4.59 18.16
N PHE C 68 13.84 -5.41 17.12
CA PHE C 68 13.54 -4.94 15.74
C PHE C 68 12.03 -4.74 15.55
N SER C 69 11.20 -5.54 16.25
CA SER C 69 9.72 -5.48 16.14
C SER C 69 9.20 -4.19 16.78
N GLU C 70 9.98 -3.57 17.67
CA GLU C 70 9.71 -2.22 18.25
C GLU C 70 9.88 -1.15 17.16
N ILE C 71 10.80 -1.38 16.21
CA ILE C 71 10.99 -0.49 15.02
C ILE C 71 9.91 -0.84 13.99
N ASN C 72 9.82 -2.09 13.57
CA ASN C 72 8.84 -2.55 12.55
C ASN C 72 8.04 -3.72 13.09
N PRO C 73 6.75 -3.50 13.48
CA PRO C 73 5.93 -4.57 14.04
C PRO C 73 5.71 -5.70 13.02
N HIS C 74 5.89 -5.43 11.73
CA HIS C 74 5.75 -6.43 10.62
C HIS C 74 7.04 -7.26 10.50
N LYS C 75 8.10 -6.90 11.23
CA LYS C 75 9.32 -7.72 11.40
C LYS C 75 9.94 -8.02 10.03
N MET C 76 10.07 -7.00 9.18
CA MET C 76 10.68 -7.11 7.82
C MET C 76 11.54 -5.87 7.52
N VAL C 77 12.44 -6.01 6.54
CA VAL C 77 13.24 -4.89 5.98
C VAL C 77 12.69 -4.59 4.59
N PRO C 78 12.78 -3.32 4.10
CA PRO C 78 13.42 -2.24 4.85
C PRO C 78 12.56 -1.62 5.97
N ALA C 79 13.26 -1.06 6.96
CA ALA C 79 12.75 -0.08 7.94
C ALA C 79 13.76 1.06 8.04
N ILE C 80 13.29 2.22 8.49
CA ILE C 80 14.11 3.45 8.68
C ILE C 80 13.88 3.97 10.09
N LEU C 81 14.96 4.34 10.78
CA LEU C 81 14.93 5.30 11.93
C LEU C 81 15.61 6.59 11.47
N ASP C 82 15.02 7.73 11.81
CA ASP C 82 15.57 9.06 11.47
C ASP C 82 15.19 10.06 12.56
N ARG C 83 15.89 11.18 12.59
CA ARG C 83 15.58 12.36 13.45
C ARG C 83 14.44 13.12 12.79
N SER C 84 13.52 13.69 13.59
CA SER C 84 12.47 14.63 13.13
C SER C 84 13.16 15.85 12.52
N PRO C 85 12.50 16.60 11.60
CA PRO C 85 13.14 17.73 10.92
C PRO C 85 13.85 18.74 11.84
N ASP C 86 13.32 18.95 13.05
CA ASP C 86 13.91 19.89 14.04
C ASP C 86 14.98 19.16 14.88
N GLY C 87 15.08 17.83 14.75
CA GLY C 87 16.18 17.01 15.30
C GLY C 87 15.92 16.55 16.73
N ARG C 88 14.80 16.95 17.35
CA ARG C 88 14.54 16.74 18.80
C ARG C 88 13.88 15.39 19.07
N ASP C 89 13.27 14.77 18.03
CA ASP C 89 12.52 13.50 18.16
C ASP C 89 13.10 12.49 17.16
N THR C 90 12.68 11.23 17.28
CA THR C 90 12.90 10.19 16.25
C THR C 90 11.54 9.78 15.68
N LEU C 91 11.56 9.32 14.44
CA LEU C 91 10.39 8.73 13.77
C LEU C 91 10.86 7.51 13.00
N ARG C 92 9.92 6.74 12.48
CA ARG C 92 10.26 5.50 11.77
C ARG C 92 9.35 5.37 10.55
N ALA C 93 9.85 4.65 9.57
CA ALA C 93 9.09 4.31 8.35
C ALA C 93 9.35 2.82 8.12
N TRP C 94 8.30 2.08 7.85
CA TRP C 94 8.39 0.63 7.57
C TRP C 94 7.26 0.29 6.61
N GLU C 95 7.59 -0.64 5.72
CA GLU C 95 6.98 -1.12 4.44
C GLU C 95 7.80 -0.33 3.41
N SER C 96 8.29 -0.98 2.36
CA SER C 96 9.17 -0.27 1.39
C SER C 96 8.46 0.95 0.77
N THR C 97 7.18 0.84 0.46
CA THR C 97 6.48 2.01 -0.13
C THR C 97 6.52 3.15 0.90
N SER C 98 6.30 2.84 2.18
CA SER C 98 6.30 3.86 3.25
C SER C 98 7.67 4.53 3.33
N THR C 99 8.76 3.75 3.28
CA THR C 99 10.14 4.28 3.33
C THR C 99 10.32 5.28 2.18
N LEU C 100 9.83 4.95 0.97
CA LEU C 100 9.89 5.83 -0.23
C LEU C 100 9.12 7.12 0.02
N MET C 101 7.93 7.02 0.63
CA MET C 101 7.09 8.21 0.93
C MET C 101 7.82 9.08 1.95
N TYR C 102 8.36 8.46 3.01
CA TYR C 102 9.06 9.21 4.08
C TYR C 102 10.27 9.95 3.52
N ILE C 103 11.13 9.29 2.75
CA ILE C 103 12.37 9.94 2.22
C ILE C 103 11.95 11.15 1.36
N ALA C 104 10.99 10.97 0.45
CA ALA C 104 10.40 12.02 -0.41
C ALA C 104 9.93 13.20 0.45
N ASP C 105 9.09 12.91 1.44
CA ASP C 105 8.50 13.92 2.37
C ASP C 105 9.62 14.74 3.01
N ALA C 106 10.59 14.09 3.66
CA ALA C 106 11.62 14.73 4.50
C ALA C 106 12.77 15.32 3.65
N TYR C 107 13.07 14.79 2.47
CA TYR C 107 14.33 15.12 1.75
C TYR C 107 14.11 15.54 0.29
N ASP C 108 12.97 15.23 -0.34
CA ASP C 108 12.71 15.66 -1.74
C ASP C 108 11.86 16.93 -1.71
N LYS C 109 12.47 18.01 -1.23
CA LYS C 109 11.84 19.36 -1.09
C LYS C 109 11.32 19.84 -2.46
N ASP C 110 12.06 19.59 -3.53
CA ASP C 110 11.76 20.06 -4.91
C ASP C 110 10.66 19.21 -5.57
N GLY C 111 10.28 18.08 -4.96
CA GLY C 111 9.31 17.12 -5.51
C GLY C 111 9.80 16.44 -6.78
N THR C 112 11.11 16.34 -6.99
CA THR C 112 11.72 15.72 -8.20
C THR C 112 11.26 14.26 -8.34
N PHE C 113 11.15 13.52 -7.23
CA PHE C 113 10.72 12.11 -7.19
C PHE C 113 9.35 11.97 -6.50
N GLY C 114 8.96 12.91 -5.63
CA GLY C 114 7.69 12.87 -4.87
C GLY C 114 6.53 13.49 -5.64
N GLY C 115 6.81 14.42 -6.56
CA GLY C 115 5.80 15.17 -7.33
C GLY C 115 5.67 16.61 -6.81
N ARG C 116 5.61 17.59 -7.71
CA ARG C 116 5.75 19.04 -7.41
C ARG C 116 4.39 19.67 -7.09
N ASN C 117 3.29 19.02 -7.49
CA ASN C 117 1.91 19.57 -7.35
C ASN C 117 0.91 18.43 -7.15
N VAL C 118 -0.35 18.78 -6.91
CA VAL C 118 -1.48 17.82 -6.69
C VAL C 118 -1.61 16.91 -7.93
N GLN C 119 -1.49 17.46 -9.13
CA GLN C 119 -1.61 16.69 -10.41
C GLN C 119 -0.53 15.60 -10.50
N GLU C 120 0.74 15.97 -10.37
CA GLU C 120 1.88 15.00 -10.43
C GLU C 120 1.69 13.93 -9.35
N ARG C 121 1.46 14.33 -8.11
CA ARG C 121 1.31 13.41 -6.95
C ARG C 121 0.12 12.46 -7.19
N SER C 122 -0.95 12.93 -7.83
CA SER C 122 -2.16 12.11 -8.12
C SER C 122 -1.75 10.89 -8.96
N GLU C 123 -0.94 11.10 -10.01
CA GLU C 123 -0.47 10.02 -10.92
C GLU C 123 0.62 9.19 -10.24
N ILE C 124 1.54 9.84 -9.52
CA ILE C 124 2.64 9.14 -8.80
C ILE C 124 2.01 8.16 -7.82
N ASN C 125 0.99 8.60 -7.08
CA ASN C 125 0.30 7.80 -6.04
C ASN C 125 -0.43 6.62 -6.68
N ASN C 126 -1.10 6.85 -7.81
CA ASN C 126 -1.76 5.76 -8.60
C ASN C 126 -0.77 4.64 -8.88
N TRP C 127 0.36 4.93 -9.53
CA TRP C 127 1.30 3.88 -10.00
C TRP C 127 2.07 3.28 -8.82
N LEU C 128 2.44 4.10 -7.83
CA LEU C 128 3.12 3.63 -6.59
C LEU C 128 2.20 2.65 -5.84
N THR C 129 0.92 3.00 -5.67
CA THR C 129 -0.08 2.18 -4.93
C THR C 129 -0.39 0.93 -5.74
N LEU C 130 -0.49 1.03 -7.07
CA LEU C 130 -0.75 -0.15 -7.94
C LEU C 130 0.30 -1.21 -7.60
N HIS C 131 1.58 -0.82 -7.48
CA HIS C 131 2.68 -1.75 -7.13
C HIS C 131 2.50 -2.27 -5.70
N THR C 132 2.18 -1.37 -4.77
CA THR C 132 2.09 -1.67 -3.32
C THR C 132 1.00 -2.73 -3.10
N ALA C 133 -0.09 -2.63 -3.84
CA ALA C 133 -1.31 -3.45 -3.63
C ALA C 133 -1.31 -4.69 -4.51
N ALA C 134 -0.73 -4.63 -5.72
CA ALA C 134 -0.90 -5.70 -6.73
C ALA C 134 0.43 -6.45 -6.93
N LEU C 135 1.33 -5.96 -7.78
CA LEU C 135 2.55 -6.71 -8.17
C LEU C 135 3.41 -7.04 -6.94
N GLY C 136 3.62 -6.06 -6.05
CA GLY C 136 4.42 -6.20 -4.81
C GLY C 136 3.99 -7.40 -3.97
N PRO C 137 2.74 -7.42 -3.42
CA PRO C 137 2.26 -8.54 -2.62
C PRO C 137 2.13 -9.85 -3.41
N THR C 138 1.72 -9.79 -4.67
CA THR C 138 1.60 -10.99 -5.57
C THR C 138 2.98 -11.66 -5.66
N ALA C 139 4.02 -10.90 -5.98
CA ALA C 139 5.42 -11.39 -6.07
C ALA C 139 5.88 -11.93 -4.71
N ALA C 140 5.56 -11.24 -3.61
CA ALA C 140 5.91 -11.68 -2.23
C ALA C 140 5.31 -13.07 -1.97
N TYR C 141 4.03 -13.25 -2.30
CA TYR C 141 3.29 -14.53 -2.14
C TYR C 141 3.88 -15.59 -3.08
N TRP C 142 4.08 -15.26 -4.37
CA TRP C 142 4.75 -16.15 -5.36
C TRP C 142 6.05 -16.69 -4.75
N LEU C 143 6.90 -15.79 -4.27
CA LEU C 143 8.23 -16.11 -3.68
C LEU C 143 8.05 -16.99 -2.43
N TYR C 144 7.03 -16.69 -1.61
CA TYR C 144 6.74 -17.44 -0.35
C TYR C 144 6.39 -18.89 -0.69
N PHE C 145 5.46 -19.11 -1.62
CA PHE C 145 4.90 -20.46 -1.95
C PHE C 145 5.91 -21.27 -2.77
N TYR C 146 6.69 -20.60 -3.62
CA TYR C 146 7.75 -21.20 -4.47
C TYR C 146 8.83 -21.80 -3.57
N LYS C 147 9.34 -21.01 -2.63
CA LYS C 147 10.60 -21.27 -1.88
C LYS C 147 10.32 -21.62 -0.41
N LEU C 148 9.46 -20.86 0.28
CA LEU C 148 9.48 -20.79 1.76
C LEU C 148 8.43 -21.70 2.41
N HIS C 149 7.27 -21.92 1.80
CA HIS C 149 6.16 -22.74 2.37
C HIS C 149 6.61 -24.19 2.47
N PRO C 150 6.38 -24.88 3.62
CA PRO C 150 6.87 -26.25 3.81
C PRO C 150 6.48 -27.23 2.71
N GLU C 151 5.27 -27.08 2.15
CA GLU C 151 4.69 -27.90 1.06
C GLU C 151 4.63 -27.08 -0.23
N LYS C 152 4.97 -27.67 -1.38
CA LYS C 152 4.85 -27.04 -2.71
C LYS C 152 3.39 -27.06 -3.14
N LEU C 153 2.85 -25.92 -3.58
CA LEU C 153 1.47 -25.74 -4.06
C LEU C 153 1.52 -25.12 -5.46
N PRO C 154 1.82 -25.92 -6.51
CA PRO C 154 2.05 -25.39 -7.86
C PRO C 154 0.85 -24.66 -8.50
N LYS C 155 -0.38 -25.07 -8.21
CA LYS C 155 -1.61 -24.41 -8.74
C LYS C 155 -1.68 -22.97 -8.22
N THR C 156 -1.31 -22.76 -6.95
CA THR C 156 -1.18 -21.44 -6.28
C THR C 156 -0.02 -20.66 -6.89
N ILE C 157 1.15 -21.29 -7.04
CA ILE C 157 2.37 -20.65 -7.60
C ILE C 157 2.08 -20.20 -9.04
N GLU C 158 1.34 -21.02 -9.80
CA GLU C 158 0.98 -20.76 -11.21
C GLU C 158 0.03 -19.56 -11.28
N LYS C 159 -0.99 -19.53 -10.42
CA LYS C 159 -2.00 -18.45 -10.41
C LYS C 159 -1.30 -17.13 -10.09
N LEU C 160 -0.39 -17.13 -9.12
CA LEU C 160 0.37 -15.92 -8.71
C LEU C 160 1.27 -15.48 -9.88
N ARG C 161 1.86 -16.43 -10.62
CA ARG C 161 2.66 -16.14 -11.84
C ARG C 161 1.77 -15.47 -12.89
N SER C 162 0.57 -16.01 -13.12
CA SER C 162 -0.42 -15.47 -14.09
C SER C 162 -0.78 -14.02 -13.72
N ASN C 163 -1.06 -13.78 -12.44
CA ASN C 163 -1.38 -12.45 -11.88
C ASN C 163 -0.23 -11.47 -12.13
N ILE C 164 1.03 -11.95 -12.10
CA ILE C 164 2.24 -11.12 -12.39
C ILE C 164 2.16 -10.64 -13.84
N THR C 165 1.80 -11.52 -14.79
CA THR C 165 1.72 -11.18 -16.23
C THR C 165 0.62 -10.13 -16.45
N VAL C 166 -0.46 -10.18 -15.68
CA VAL C 166 -1.58 -9.17 -15.70
C VAL C 166 -1.02 -7.79 -15.32
N GLN C 167 -0.14 -7.73 -14.32
CA GLN C 167 0.47 -6.46 -13.84
C GLN C 167 1.47 -5.94 -14.87
N TYR C 168 2.30 -6.82 -15.45
CA TYR C 168 3.23 -6.50 -16.55
C TYR C 168 2.44 -5.93 -17.74
N ASP C 169 1.28 -6.51 -18.07
CA ASP C 169 0.38 -6.04 -19.16
C ASP C 169 -0.02 -4.59 -18.87
N ILE C 170 -0.52 -4.30 -17.67
CA ILE C 170 -0.95 -2.92 -17.26
C ILE C 170 0.23 -1.95 -17.41
N LEU C 171 1.42 -2.30 -16.93
CA LEU C 171 2.62 -1.41 -17.00
C LEU C 171 3.00 -1.24 -18.48
N GLU C 172 2.99 -2.33 -19.25
CA GLU C 172 3.28 -2.34 -20.71
C GLU C 172 2.32 -1.38 -21.41
N ARG C 173 1.02 -1.48 -21.13
CA ARG C 173 -0.03 -0.59 -21.71
C ARG C 173 0.36 0.87 -21.47
N ARG C 174 0.63 1.23 -20.22
CA ARG C 174 1.02 2.60 -19.79
C ARG C 174 2.23 3.09 -20.59
N LEU C 175 3.26 2.25 -20.74
CA LEU C 175 4.54 2.66 -21.37
C LEU C 175 4.39 2.68 -22.91
N ASN C 176 3.28 2.20 -23.45
CA ASN C 176 2.97 2.28 -24.91
C ASN C 176 2.21 3.58 -25.20
N GLU C 177 1.83 4.36 -24.19
CA GLU C 177 1.13 5.65 -24.40
C GLU C 177 2.16 6.65 -24.92
N PRO C 178 1.79 7.57 -25.85
CA PRO C 178 2.76 8.46 -26.49
C PRO C 178 3.52 9.32 -25.47
N GLY C 179 4.86 9.33 -25.57
CA GLY C 179 5.79 10.10 -24.71
C GLY C 179 5.81 9.61 -23.27
N GLN C 180 5.13 8.52 -22.94
CA GLN C 180 5.03 8.03 -21.53
C GLN C 180 6.27 7.19 -21.22
N GLN C 181 7.38 7.86 -20.94
CA GLN C 181 8.75 7.29 -20.80
C GLN C 181 8.90 6.61 -19.44
N TYR C 182 8.11 7.04 -18.44
CA TYR C 182 8.13 6.54 -17.05
C TYR C 182 6.67 6.24 -16.66
N LEU C 183 6.45 5.56 -15.53
CA LEU C 183 5.11 5.04 -15.15
C LEU C 183 4.16 6.20 -14.83
N ALA C 184 4.58 7.12 -13.96
CA ALA C 184 3.76 8.23 -13.41
C ALA C 184 3.83 9.45 -14.32
N LEU C 185 5.03 10.01 -14.51
CA LEU C 185 5.28 11.27 -15.25
C LEU C 185 5.99 10.96 -16.57
N LYS C 186 5.68 11.71 -17.62
CA LYS C 186 6.25 11.52 -18.98
C LYS C 186 7.75 11.79 -18.96
N ASP C 187 8.19 12.81 -18.21
CA ASP C 187 9.52 13.47 -18.35
C ASP C 187 10.58 12.78 -17.49
N ARG C 188 10.24 12.30 -16.29
CA ARG C 188 11.26 11.86 -15.30
C ARG C 188 10.74 10.70 -14.46
N PRO C 189 11.65 9.89 -13.86
CA PRO C 189 11.25 8.83 -12.94
C PRO C 189 10.83 9.42 -11.60
N THR C 190 9.98 8.71 -10.86
CA THR C 190 9.45 9.13 -9.54
C THR C 190 9.54 7.94 -8.57
N ILE C 191 9.02 8.09 -7.35
CA ILE C 191 8.99 6.98 -6.35
C ILE C 191 8.17 5.81 -6.91
N ALA C 192 7.23 6.07 -7.83
CA ALA C 192 6.42 5.03 -8.53
C ALA C 192 7.34 4.06 -9.31
N ASP C 193 8.26 4.62 -10.10
CA ASP C 193 9.23 3.84 -10.93
C ASP C 193 10.17 3.06 -10.02
N ILE C 194 10.63 3.66 -8.92
CA ILE C 194 11.63 3.08 -8.00
C ILE C 194 11.02 1.83 -7.34
N ALA C 195 9.80 1.96 -6.81
CA ALA C 195 9.02 0.88 -6.18
C ALA C 195 8.82 -0.27 -7.17
N THR C 196 8.53 0.04 -8.44
CA THR C 196 8.16 -0.97 -9.46
C THR C 196 9.42 -1.72 -9.93
N LEU C 197 10.53 -1.02 -10.11
CA LEU C 197 11.70 -1.49 -10.92
C LEU C 197 12.14 -2.88 -10.48
N PRO C 198 12.40 -3.14 -9.16
CA PRO C 198 12.92 -4.43 -8.71
C PRO C 198 12.09 -5.66 -9.08
N PHE C 199 10.78 -5.49 -9.29
CA PHE C 199 9.82 -6.58 -9.62
C PHE C 199 9.47 -6.55 -11.11
N ALA C 200 10.02 -5.58 -11.86
CA ALA C 200 9.82 -5.41 -13.31
C ALA C 200 11.17 -5.19 -14.00
N MET C 201 12.10 -6.14 -13.82
CA MET C 201 13.40 -6.28 -14.55
C MET C 201 13.50 -7.69 -15.12
N LYS C 202 14.48 -7.91 -16.00
CA LYS C 202 14.75 -9.22 -16.64
C LYS C 202 15.10 -10.26 -15.58
N SER C 203 16.05 -9.95 -14.69
CA SER C 203 16.55 -10.89 -13.65
C SER C 203 15.36 -11.41 -12.84
N THR C 204 14.43 -10.53 -12.48
CA THR C 204 13.25 -10.89 -11.65
C THR C 204 12.25 -11.66 -12.53
N ALA C 205 11.96 -11.15 -13.73
CA ALA C 205 11.04 -11.80 -14.70
C ALA C 205 11.49 -13.24 -14.96
N GLU C 206 12.81 -13.50 -14.99
CA GLU C 206 13.40 -14.85 -15.20
C GLU C 206 13.09 -15.73 -13.99
N LEU C 207 13.41 -15.26 -12.78
CA LEU C 207 13.09 -15.94 -11.48
C LEU C 207 11.64 -16.40 -11.49
N PHE C 208 10.71 -15.56 -11.97
CA PHE C 208 9.26 -15.85 -12.08
C PHE C 208 9.00 -16.88 -13.18
N GLY C 209 9.97 -17.09 -14.08
CA GLY C 209 9.85 -18.00 -15.24
C GLY C 209 9.06 -17.35 -16.36
N LEU C 210 9.28 -16.05 -16.59
CA LEU C 210 8.59 -15.25 -17.64
C LEU C 210 9.63 -14.72 -18.62
N GLU C 211 9.24 -14.60 -19.90
CA GLU C 211 10.08 -14.00 -20.97
C GLU C 211 9.78 -12.50 -21.01
N PHE C 212 10.70 -11.69 -20.51
CA PHE C 212 10.51 -10.23 -20.27
C PHE C 212 10.35 -9.50 -21.61
N GLU C 213 10.92 -10.06 -22.68
CA GLU C 213 10.86 -9.53 -24.07
C GLU C 213 9.41 -9.45 -24.54
N LYS C 214 8.51 -10.26 -23.97
CA LYS C 214 7.06 -10.23 -24.24
C LYS C 214 6.45 -8.89 -23.80
N TRP C 215 7.18 -8.10 -23.00
CA TRP C 215 6.77 -6.73 -22.57
C TRP C 215 7.86 -5.74 -22.97
N PRO C 216 7.99 -5.43 -24.28
CA PRO C 216 9.14 -4.68 -24.80
C PRO C 216 9.31 -3.28 -24.20
N LYS C 217 8.23 -2.50 -24.13
CA LYS C 217 8.25 -1.12 -23.59
C LYS C 217 8.61 -1.17 -22.10
N LEU C 218 8.11 -2.17 -21.37
CA LEU C 218 8.43 -2.37 -19.93
C LEU C 218 9.92 -2.72 -19.81
N GLN C 219 10.45 -3.53 -20.73
CA GLN C 219 11.89 -3.92 -20.73
C GLN C 219 12.74 -2.67 -20.97
N GLU C 220 12.46 -1.92 -22.04
CA GLU C 220 13.17 -0.66 -22.38
C GLU C 220 13.19 0.26 -21.16
N TRP C 221 12.07 0.41 -20.48
CA TRP C 221 11.92 1.26 -19.26
C TRP C 221 12.87 0.77 -18.15
N SER C 222 12.88 -0.54 -17.88
CA SER C 222 13.74 -1.19 -16.87
C SER C 222 15.23 -0.93 -17.18
N VAL C 223 15.62 -0.96 -18.46
CA VAL C 223 17.02 -0.70 -18.91
C VAL C 223 17.33 0.79 -18.68
N ARG C 224 16.47 1.68 -19.16
CA ARG C 224 16.60 3.15 -18.96
C ARG C 224 16.76 3.45 -17.45
N MET C 225 15.89 2.91 -16.59
CA MET C 225 15.98 3.06 -15.11
C MET C 225 17.33 2.50 -14.61
N GLY C 226 17.75 1.35 -15.15
CA GLY C 226 18.99 0.65 -14.76
C GLY C 226 20.24 1.42 -15.16
N GLU C 227 20.14 2.35 -16.12
CA GLU C 227 21.30 3.15 -16.63
C GLU C 227 21.52 4.36 -15.73
N ARG C 228 20.56 4.69 -14.84
CA ARG C 228 20.70 5.80 -13.86
C ARG C 228 21.80 5.45 -12.85
N GLU C 229 22.67 6.42 -12.54
CA GLU C 229 23.88 6.19 -11.71
C GLU C 229 23.47 5.81 -10.29
N ALA C 230 22.41 6.43 -9.75
CA ALA C 230 21.89 6.15 -8.39
C ALA C 230 21.43 4.70 -8.29
N VAL C 231 20.79 4.18 -9.34
CA VAL C 231 20.27 2.78 -9.39
C VAL C 231 21.47 1.83 -9.36
N LYS C 232 22.47 2.07 -10.20
CA LYS C 232 23.69 1.23 -10.26
C LYS C 232 24.37 1.20 -8.88
N ARG C 233 24.61 2.38 -8.29
CA ARG C 233 25.21 2.53 -6.94
C ARG C 233 24.38 1.71 -5.93
N ALA C 234 23.04 1.81 -5.97
CA ALA C 234 22.14 1.18 -4.98
C ALA C 234 22.27 -0.35 -5.07
N TRP C 235 22.20 -0.92 -6.27
CA TRP C 235 22.36 -2.38 -6.52
C TRP C 235 23.74 -2.84 -6.01
N GLN C 236 24.81 -2.10 -6.33
CA GLN C 236 26.22 -2.46 -5.98
C GLN C 236 26.37 -2.57 -4.46
N ARG C 237 25.79 -1.61 -3.72
CA ARG C 237 25.87 -1.51 -2.24
C ARG C 237 25.00 -2.56 -1.56
N VAL C 238 23.75 -2.73 -2.02
CA VAL C 238 22.73 -3.58 -1.34
C VAL C 238 23.21 -5.04 -1.35
N ALA C 239 23.86 -5.48 -2.42
CA ALA C 239 24.42 -6.84 -2.58
C ALA C 239 25.58 -7.07 -1.57
N GLY C 240 26.30 -6.02 -1.16
CA GLY C 240 27.51 -6.13 -0.32
C GLY C 240 27.22 -6.11 1.17
N PHE C 241 26.03 -5.65 1.58
CA PHE C 241 25.66 -5.45 3.01
C PHE C 241 25.73 -6.80 3.73
N GLY C 242 26.44 -6.84 4.86
CA GLY C 242 26.63 -8.05 5.68
C GLY C 242 27.77 -8.94 5.17
N HIS C 243 28.45 -8.53 4.09
CA HIS C 243 29.60 -9.27 3.49
C HIS C 243 30.92 -8.47 3.62
N GLY C 244 30.87 -7.28 4.22
CA GLY C 244 32.05 -6.42 4.45
C GLY C 244 32.78 -6.84 5.72
N GLU C 245 33.43 -5.88 6.40
CA GLU C 245 34.19 -6.13 7.65
C GLU C 245 33.21 -6.45 8.79
N LYS C 246 32.00 -5.89 8.74
CA LYS C 246 30.93 -6.09 9.75
C LYS C 246 29.81 -6.95 9.11
N GLU C 247 29.53 -8.10 9.70
CA GLU C 247 28.51 -9.08 9.23
C GLU C 247 27.11 -8.58 9.60
N TYR C 248 26.94 -8.11 10.84
CA TYR C 248 25.67 -7.58 11.40
C TYR C 248 25.97 -6.30 12.17
N GLY C 249 24.96 -5.45 12.37
CA GLY C 249 25.09 -4.21 13.17
C GLY C 249 25.22 -2.97 12.30
N MET C 250 25.65 -1.86 12.90
CA MET C 250 25.85 -0.55 12.20
C MET C 250 27.13 -0.63 11.36
N LEU C 251 27.01 -0.43 10.05
CA LEU C 251 28.17 -0.47 9.10
C LEU C 251 28.98 0.82 9.22
N GLU C 252 30.26 0.74 8.82
CA GLU C 252 31.21 1.89 8.82
C GLU C 252 31.82 2.03 7.42
N SER D 15 -14.40 3.23 -26.79
CA SER D 15 -13.60 4.11 -25.89
C SER D 15 -14.09 5.56 -25.96
N GLU D 16 -15.42 5.74 -26.04
CA GLU D 16 -16.11 7.06 -25.88
C GLU D 16 -16.82 7.07 -24.51
N ARG D 17 -16.52 8.09 -23.69
CA ARG D 17 -17.16 8.32 -22.37
C ARG D 17 -18.67 8.43 -22.55
N PRO D 18 -19.49 7.91 -21.61
CA PRO D 18 -20.93 8.15 -21.64
C PRO D 18 -21.23 9.66 -21.56
N SER D 19 -22.31 10.11 -22.19
CA SER D 19 -22.63 11.55 -22.36
C SER D 19 -22.84 12.22 -20.99
N ASP D 20 -23.29 11.46 -19.98
CA ASP D 20 -23.56 12.00 -18.62
C ASP D 20 -22.27 12.13 -17.78
N LEU D 21 -21.12 11.63 -18.24
CA LEU D 21 -19.84 11.73 -17.48
C LEU D 21 -19.17 13.07 -17.80
N VAL D 22 -19.37 14.05 -16.93
CA VAL D 22 -18.66 15.35 -16.92
C VAL D 22 -18.00 15.52 -15.55
N VAL D 23 -16.99 16.39 -15.46
CA VAL D 23 -16.20 16.60 -14.22
C VAL D 23 -16.30 18.08 -13.85
N ASN D 24 -17.29 18.41 -13.02
CA ASN D 24 -17.53 19.77 -12.46
C ASN D 24 -17.05 19.84 -11.01
N ARG D 25 -16.59 18.71 -10.47
CA ARG D 25 -16.20 18.50 -9.04
C ARG D 25 -15.68 17.06 -8.93
N LEU D 26 -15.28 16.63 -7.74
CA LEU D 26 -14.74 15.26 -7.54
C LEU D 26 -15.83 14.25 -7.93
N VAL D 27 -15.57 13.41 -8.93
CA VAL D 27 -16.44 12.27 -9.33
C VAL D 27 -15.86 10.98 -8.76
N LEU D 28 -16.57 10.34 -7.81
CA LEU D 28 -16.21 9.00 -7.27
C LEU D 28 -16.97 7.94 -8.08
N PHE D 29 -16.22 7.05 -8.72
CA PHE D 29 -16.73 5.89 -9.50
C PHE D 29 -16.91 4.71 -8.56
N VAL D 30 -18.15 4.23 -8.47
CA VAL D 30 -18.57 3.05 -7.66
C VAL D 30 -19.29 2.07 -8.59
N VAL D 31 -19.75 0.95 -8.05
CA VAL D 31 -20.70 0.02 -8.72
C VAL D 31 -21.94 -0.06 -7.84
N LYS D 32 -22.98 -0.74 -8.32
CA LYS D 32 -24.24 -0.99 -7.58
C LYS D 32 -23.91 -1.58 -6.21
N GLY D 33 -24.43 -0.97 -5.15
CA GLY D 33 -24.19 -1.40 -3.77
C GLY D 33 -24.68 -2.82 -3.56
N THR D 34 -23.78 -3.73 -3.17
CA THR D 34 -24.12 -5.09 -2.71
C THR D 34 -23.27 -5.41 -1.48
N ALA D 35 -23.61 -6.50 -0.79
CA ALA D 35 -22.86 -7.03 0.36
C ALA D 35 -21.37 -7.07 0.03
N THR D 36 -21.00 -7.38 -1.21
CA THR D 36 -19.61 -7.74 -1.62
C THR D 36 -18.95 -6.66 -2.50
N SER D 37 -19.53 -5.46 -2.67
CA SER D 37 -19.07 -4.50 -3.70
C SER D 37 -18.56 -3.18 -3.10
N THR D 38 -18.54 -3.02 -1.77
CA THR D 38 -18.46 -1.69 -1.11
C THR D 38 -17.25 -1.57 -0.16
N HIS D 39 -16.50 -2.64 0.10
CA HIS D 39 -15.42 -2.65 1.12
C HIS D 39 -14.28 -1.71 0.72
N ASN D 40 -14.10 -1.41 -0.57
CA ASN D 40 -13.03 -0.49 -1.05
C ASN D 40 -13.64 0.89 -1.35
N THR D 41 -14.79 0.93 -2.05
CA THR D 41 -15.42 2.21 -2.48
C THR D 41 -15.78 3.04 -1.24
N VAL D 42 -16.14 2.39 -0.12
CA VAL D 42 -16.54 3.09 1.13
C VAL D 42 -15.36 3.94 1.65
N LYS D 43 -14.12 3.53 1.38
CA LYS D 43 -12.92 4.15 2.00
C LYS D 43 -12.84 5.63 1.61
N PRO D 44 -12.71 6.00 0.31
CA PRO D 44 -12.64 7.41 -0.06
C PRO D 44 -13.94 8.16 0.30
N LEU D 45 -15.08 7.47 0.26
CA LEU D 45 -16.40 8.07 0.62
C LEU D 45 -16.42 8.51 2.08
N ILE D 46 -15.88 7.68 2.99
CA ILE D 46 -15.74 8.04 4.43
C ILE D 46 -15.04 9.39 4.53
N LEU D 47 -13.91 9.55 3.81
CA LEU D 47 -13.04 10.75 3.92
C LEU D 47 -13.74 11.96 3.29
N LEU D 48 -14.43 11.76 2.16
CA LEU D 48 -15.27 12.79 1.48
C LEU D 48 -16.33 13.29 2.47
N GLU D 49 -16.95 12.36 3.21
CA GLU D 49 -17.99 12.67 4.23
C GLU D 49 -17.33 13.38 5.42
N GLU D 50 -16.15 12.90 5.87
CA GLU D 50 -15.41 13.46 7.04
C GLU D 50 -15.04 14.93 6.77
N LEU D 51 -14.61 15.25 5.54
CA LEU D 51 -14.06 16.58 5.18
C LEU D 51 -15.15 17.49 4.60
N GLY D 52 -16.33 16.94 4.28
CA GLY D 52 -17.43 17.67 3.62
C GLY D 52 -17.06 18.09 2.21
N VAL D 53 -16.28 17.27 1.49
CA VAL D 53 -15.85 17.58 0.10
C VAL D 53 -17.08 17.51 -0.82
N PRO D 54 -17.34 18.56 -1.64
CA PRO D 54 -18.39 18.47 -2.66
C PRO D 54 -18.00 17.38 -3.68
N HIS D 55 -18.92 16.46 -3.98
CA HIS D 55 -18.63 15.34 -4.91
C HIS D 55 -19.89 14.81 -5.60
N ASP D 56 -19.68 14.27 -6.79
CA ASP D 56 -20.65 13.45 -7.55
C ASP D 56 -20.33 11.97 -7.30
N ILE D 57 -21.31 11.10 -7.55
CA ILE D 57 -21.17 9.61 -7.60
C ILE D 57 -21.52 9.19 -9.02
N TYR D 58 -20.68 8.37 -9.65
CA TYR D 58 -20.96 7.77 -10.96
C TYR D 58 -20.96 6.24 -10.77
N VAL D 59 -22.13 5.61 -10.92
CA VAL D 59 -22.29 4.14 -10.85
C VAL D 59 -21.90 3.55 -12.20
N VAL D 60 -20.90 2.69 -12.20
CA VAL D 60 -20.32 2.05 -13.40
C VAL D 60 -21.03 0.72 -13.62
N GLU D 61 -21.65 0.55 -14.79
CA GLU D 61 -22.39 -0.70 -15.14
C GLU D 61 -21.36 -1.82 -15.37
N LYS D 62 -20.30 -1.53 -16.12
CA LYS D 62 -19.23 -2.51 -16.45
C LYS D 62 -17.86 -1.87 -16.22
N VAL D 63 -17.08 -2.41 -15.27
CA VAL D 63 -15.68 -1.98 -15.00
C VAL D 63 -14.77 -2.46 -16.14
N SER D 64 -15.29 -3.31 -17.03
CA SER D 64 -14.60 -3.86 -18.24
C SER D 64 -14.79 -2.94 -19.45
N ALA D 65 -15.78 -2.04 -19.43
CA ALA D 65 -16.03 -1.04 -20.51
C ALA D 65 -14.73 -0.32 -20.85
N PRO D 66 -14.30 -0.25 -22.13
CA PRO D 66 -13.09 0.47 -22.51
C PRO D 66 -12.93 1.89 -21.94
N TRP D 67 -14.01 2.69 -21.92
CA TRP D 67 -14.00 4.09 -21.43
C TRP D 67 -13.56 4.14 -19.96
N PHE D 68 -13.88 3.14 -19.15
CA PHE D 68 -13.52 3.09 -17.71
C PHE D 68 -12.04 2.75 -17.53
N SER D 69 -11.46 1.91 -18.40
CA SER D 69 -10.02 1.53 -18.31
C SER D 69 -9.14 2.75 -18.60
N GLU D 70 -9.64 3.73 -19.36
CA GLU D 70 -8.98 5.04 -19.63
C GLU D 70 -8.89 5.87 -18.34
N ILE D 71 -9.76 5.60 -17.37
CA ILE D 71 -9.73 6.24 -16.02
C ILE D 71 -8.86 5.37 -15.10
N ASN D 72 -9.19 4.08 -14.98
CA ASN D 72 -8.43 3.12 -14.13
C ASN D 72 -8.02 1.92 -14.98
N PRO D 73 -6.74 1.80 -15.37
CA PRO D 73 -6.27 0.68 -16.20
C PRO D 73 -6.37 -0.67 -15.48
N HIS D 74 -6.61 -0.65 -14.16
CA HIS D 74 -6.77 -1.86 -13.33
C HIS D 74 -8.23 -2.32 -13.37
N LYS D 75 -9.14 -1.52 -13.93
CA LYS D 75 -10.55 -1.87 -14.22
C LYS D 75 -11.29 -2.25 -12.93
N MET D 76 -11.17 -1.41 -11.88
CA MET D 76 -11.86 -1.60 -10.59
C MET D 76 -12.35 -0.26 -10.06
N VAL D 77 -13.36 -0.28 -9.18
CA VAL D 77 -13.73 0.86 -8.30
C VAL D 77 -13.07 0.62 -6.94
N PRO D 78 -12.80 1.67 -6.13
CA PRO D 78 -13.09 3.05 -6.49
C PRO D 78 -12.13 3.65 -7.52
N ALA D 79 -12.60 4.65 -8.26
CA ALA D 79 -11.76 5.56 -9.07
C ALA D 79 -12.30 6.97 -8.87
N ILE D 80 -11.48 7.97 -9.19
CA ILE D 80 -11.83 9.41 -9.06
C ILE D 80 -11.39 10.14 -10.34
N LEU D 81 -12.27 10.97 -10.88
CA LEU D 81 -11.91 12.12 -11.76
C LEU D 81 -12.17 13.39 -10.96
N ASP D 82 -11.29 14.38 -11.09
CA ASP D 82 -11.50 15.69 -10.43
C ASP D 82 -10.77 16.75 -11.24
N ARG D 83 -11.17 18.01 -11.07
CA ARG D 83 -10.49 19.18 -11.67
C ARG D 83 -9.19 19.40 -10.90
N SER D 84 -8.09 19.66 -11.62
CA SER D 84 -6.79 20.12 -11.05
C SER D 84 -7.04 21.36 -10.19
N PRO D 85 -6.18 21.68 -9.19
CA PRO D 85 -6.39 22.83 -8.33
C PRO D 85 -6.68 24.14 -9.08
N ASP D 86 -5.96 24.42 -10.18
CA ASP D 86 -6.17 25.63 -11.02
C ASP D 86 -7.44 25.49 -11.87
N GLY D 87 -7.95 24.26 -12.04
CA GLY D 87 -9.25 23.97 -12.68
C GLY D 87 -9.16 23.95 -14.20
N ARG D 88 -7.95 23.99 -14.76
CA ARG D 88 -7.69 24.00 -16.22
C ARG D 88 -7.67 22.55 -16.75
N ASP D 89 -7.33 21.58 -15.91
CA ASP D 89 -7.11 20.17 -16.33
C ASP D 89 -7.93 19.21 -15.46
N THR D 90 -8.06 17.97 -15.92
CA THR D 90 -8.69 16.84 -15.20
C THR D 90 -7.57 15.88 -14.76
N LEU D 91 -7.65 15.37 -13.53
CA LEU D 91 -6.69 14.38 -12.98
C LEU D 91 -7.48 13.17 -12.51
N ARG D 92 -6.79 12.09 -12.15
CA ARG D 92 -7.45 10.82 -11.77
C ARG D 92 -6.72 10.23 -10.57
N ALA D 93 -7.47 9.50 -9.74
CA ALA D 93 -6.96 8.65 -8.66
C ALA D 93 -7.68 7.29 -8.74
N TRP D 94 -6.92 6.21 -8.53
CA TRP D 94 -7.42 4.81 -8.57
C TRP D 94 -6.49 3.94 -7.71
N GLU D 95 -6.97 2.79 -7.27
CA GLU D 95 -6.54 2.08 -6.03
C GLU D 95 -7.09 2.86 -4.84
N SER D 96 -7.78 2.18 -3.92
CA SER D 96 -8.51 2.83 -2.80
C SER D 96 -7.53 3.66 -1.97
N THR D 97 -6.36 3.12 -1.62
CA THR D 97 -5.31 3.86 -0.89
C THR D 97 -4.96 5.16 -1.63
N SER D 98 -4.84 5.11 -2.96
CA SER D 98 -4.48 6.29 -3.79
C SER D 98 -5.59 7.35 -3.74
N THR D 99 -6.86 6.93 -3.82
CA THR D 99 -8.03 7.85 -3.68
C THR D 99 -7.93 8.57 -2.32
N LEU D 100 -7.52 7.88 -1.25
CA LEU D 100 -7.40 8.45 0.12
C LEU D 100 -6.28 9.49 0.14
N MET D 101 -5.14 9.16 -0.49
N MET D 101 -5.14 9.15 -0.49
CA MET D 101 -3.98 10.08 -0.62
CA MET D 101 -3.98 10.05 -0.66
C MET D 101 -4.38 11.32 -1.44
C MET D 101 -4.40 11.31 -1.42
N TYR D 102 -5.08 11.13 -2.57
CA TYR D 102 -5.51 12.26 -3.44
C TYR D 102 -6.45 13.19 -2.65
N ILE D 103 -7.54 12.66 -2.09
CA ILE D 103 -8.56 13.48 -1.37
C ILE D 103 -7.86 14.28 -0.27
N ALA D 104 -6.98 13.65 0.51
CA ALA D 104 -6.23 14.27 1.62
C ALA D 104 -5.35 15.40 1.08
N ASP D 105 -4.60 15.11 0.01
CA ASP D 105 -3.64 16.04 -0.63
C ASP D 105 -4.38 17.29 -1.14
N ALA D 106 -5.49 17.09 -1.86
CA ALA D 106 -6.27 18.16 -2.52
C ALA D 106 -7.15 18.90 -1.51
N TYR D 107 -7.75 18.22 -0.54
CA TYR D 107 -8.91 18.75 0.24
C TYR D 107 -8.62 18.86 1.75
N ASP D 108 -7.70 18.07 2.31
CA ASP D 108 -7.43 18.07 3.77
C ASP D 108 -6.37 19.14 4.05
N LYS D 109 -6.82 20.40 4.10
CA LYS D 109 -5.97 21.62 4.18
C LYS D 109 -5.20 21.63 5.50
N ASP D 110 -5.86 21.22 6.59
CA ASP D 110 -5.34 21.26 7.99
C ASP D 110 -4.64 19.93 8.36
N GLY D 111 -4.47 19.01 7.40
CA GLY D 111 -3.81 17.71 7.60
C GLY D 111 -4.43 16.91 8.74
N THR D 112 -5.76 16.99 8.91
CA THR D 112 -6.53 16.34 10.00
C THR D 112 -6.54 14.82 9.82
N PHE D 113 -6.58 14.33 8.57
CA PHE D 113 -6.59 12.89 8.21
C PHE D 113 -5.28 12.51 7.49
N GLY D 114 -4.66 13.45 6.76
CA GLY D 114 -3.39 13.23 6.03
C GLY D 114 -2.15 13.40 6.90
N GLY D 115 -2.26 14.15 8.00
CA GLY D 115 -1.14 14.44 8.93
C GLY D 115 -0.62 15.86 8.76
N ARG D 116 -0.23 16.52 9.86
CA ARG D 116 0.10 17.97 9.91
C ARG D 116 1.59 18.20 9.70
N ASN D 117 2.45 17.20 9.92
CA ASN D 117 3.93 17.36 9.82
C ASN D 117 4.56 16.04 9.37
N VAL D 118 5.88 16.01 9.24
CA VAL D 118 6.66 14.85 8.71
C VAL D 118 6.48 13.67 9.68
N GLN D 119 6.53 13.92 10.99
CA GLN D 119 6.37 12.89 12.05
C GLN D 119 5.01 12.20 11.89
N GLU D 120 3.92 12.97 11.93
CA GLU D 120 2.54 12.43 11.81
C GLU D 120 2.43 11.62 10.50
N ARG D 121 2.85 12.21 9.37
CA ARG D 121 2.75 11.56 8.04
C ARG D 121 3.56 10.26 8.02
N SER D 122 4.69 10.19 8.73
CA SER D 122 5.57 8.99 8.76
C SER D 122 4.80 7.80 9.37
N GLU D 123 4.08 8.01 10.48
CA GLU D 123 3.27 6.95 11.16
C GLU D 123 2.03 6.65 10.32
N ILE D 124 1.36 7.69 9.80
CA ILE D 124 0.15 7.53 8.94
C ILE D 124 0.48 6.60 7.77
N ASN D 125 1.61 6.85 7.09
CA ASN D 125 1.99 6.14 5.83
C ASN D 125 2.41 4.70 6.16
N ASN D 126 3.01 4.48 7.34
CA ASN D 126 3.36 3.12 7.84
C ASN D 126 2.07 2.28 7.94
N TRP D 127 1.07 2.77 8.66
CA TRP D 127 -0.16 1.99 8.96
C TRP D 127 -1.03 1.91 7.70
N LEU D 128 -1.10 2.98 6.92
CA LEU D 128 -1.81 3.02 5.61
C LEU D 128 -1.20 1.97 4.68
N THR D 129 0.13 1.92 4.59
CA THR D 129 0.87 1.02 3.67
C THR D 129 0.78 -0.43 4.18
N LEU D 130 0.89 -0.67 5.49
CA LEU D 130 0.68 -2.01 6.08
C LEU D 130 -0.62 -2.59 5.52
N HIS D 131 -1.70 -1.82 5.53
CA HIS D 131 -3.01 -2.27 4.97
C HIS D 131 -2.88 -2.48 3.45
N THR D 132 -2.29 -1.53 2.74
CA THR D 132 -2.20 -1.55 1.25
C THR D 132 -1.41 -2.77 0.80
N ALA D 133 -0.33 -3.10 1.52
CA ALA D 133 0.66 -4.14 1.17
C ALA D 133 0.34 -5.49 1.82
N ALA D 134 -0.23 -5.53 3.04
CA ALA D 134 -0.30 -6.76 3.87
C ALA D 134 -1.74 -7.27 3.99
N LEU D 135 -2.60 -6.61 4.79
CA LEU D 135 -3.98 -7.12 5.08
C LEU D 135 -4.82 -7.05 3.80
N GLY D 136 -4.81 -5.92 3.10
CA GLY D 136 -5.56 -5.71 1.85
C GLY D 136 -5.37 -6.87 0.89
N PRO D 137 -4.15 -7.07 0.34
CA PRO D 137 -3.89 -8.16 -0.61
C PRO D 137 -4.13 -9.57 -0.05
N THR D 138 -3.84 -9.78 1.25
CA THR D 138 -4.06 -11.08 1.95
C THR D 138 -5.57 -11.37 1.99
N ALA D 139 -6.40 -10.39 2.36
CA ALA D 139 -7.88 -10.50 2.38
C ALA D 139 -8.41 -10.80 0.97
N ALA D 140 -8.01 -10.02 -0.03
CA ALA D 140 -8.44 -10.13 -1.45
C ALA D 140 -8.09 -11.53 -1.99
N TYR D 141 -6.90 -12.04 -1.68
CA TYR D 141 -6.44 -13.38 -2.13
C TYR D 141 -7.25 -14.46 -1.43
N TRP D 142 -7.49 -14.31 -0.11
CA TRP D 142 -8.33 -15.23 0.68
C TRP D 142 -9.72 -15.31 0.04
N LEU D 143 -10.35 -14.16 -0.23
CA LEU D 143 -11.69 -14.04 -0.83
C LEU D 143 -11.70 -14.68 -2.23
N TYR D 144 -10.67 -14.45 -3.03
CA TYR D 144 -10.52 -15.00 -4.40
C TYR D 144 -10.49 -16.54 -4.33
N PHE D 145 -9.53 -17.11 -3.60
CA PHE D 145 -9.30 -18.58 -3.50
C PHE D 145 -10.49 -19.26 -2.81
N TYR D 146 -11.21 -18.55 -1.94
CA TYR D 146 -12.32 -19.09 -1.11
C TYR D 146 -13.60 -19.24 -1.93
N LYS D 147 -13.89 -18.33 -2.86
CA LYS D 147 -15.20 -18.34 -3.57
C LYS D 147 -15.05 -18.09 -5.08
N LEU D 148 -14.01 -17.39 -5.54
CA LEU D 148 -13.90 -16.93 -6.96
C LEU D 148 -13.13 -17.93 -7.83
N HIS D 149 -12.08 -18.58 -7.30
CA HIS D 149 -11.18 -19.47 -8.10
C HIS D 149 -11.92 -20.75 -8.47
N PRO D 150 -11.83 -21.23 -9.75
CA PRO D 150 -12.60 -22.39 -10.20
C PRO D 150 -12.31 -23.68 -9.42
N GLU D 151 -11.11 -23.82 -8.87
CA GLU D 151 -10.63 -25.01 -8.12
C GLU D 151 -10.39 -24.59 -6.67
N LYS D 152 -10.97 -25.32 -5.70
CA LYS D 152 -10.84 -25.02 -4.24
C LYS D 152 -9.46 -25.50 -3.78
N LEU D 153 -8.66 -24.60 -3.19
CA LEU D 153 -7.26 -24.86 -2.72
C LEU D 153 -7.20 -24.61 -1.21
N PRO D 154 -7.68 -25.57 -0.38
CA PRO D 154 -7.84 -25.35 1.07
C PRO D 154 -6.56 -25.08 1.86
N LYS D 155 -5.43 -25.67 1.45
CA LYS D 155 -4.09 -25.46 2.06
C LYS D 155 -3.69 -23.98 1.87
N THR D 156 -3.96 -23.42 0.68
CA THR D 156 -3.70 -21.99 0.32
C THR D 156 -4.62 -21.09 1.16
N ILE D 157 -5.92 -21.36 1.11
CA ILE D 157 -6.99 -20.62 1.85
C ILE D 157 -6.64 -20.59 3.34
N GLU D 158 -6.12 -21.70 3.88
CA GLU D 158 -5.80 -21.85 5.32
C GLU D 158 -4.59 -20.98 5.67
N LYS D 159 -3.57 -20.96 4.80
CA LYS D 159 -2.36 -20.13 5.01
C LYS D 159 -2.75 -18.65 5.00
N LEU D 160 -3.59 -18.23 4.05
CA LEU D 160 -4.04 -16.82 3.91
C LEU D 160 -4.83 -16.42 5.17
N ARG D 161 -5.72 -17.30 5.66
CA ARG D 161 -6.53 -17.09 6.88
C ARG D 161 -5.60 -16.88 8.07
N SER D 162 -4.52 -17.66 8.17
CA SER D 162 -3.48 -17.56 9.23
C SER D 162 -2.78 -16.20 9.14
N ASN D 163 -2.46 -15.74 7.94
CA ASN D 163 -1.81 -14.42 7.71
C ASN D 163 -2.69 -13.29 8.24
N ILE D 164 -4.01 -13.41 8.04
CA ILE D 164 -5.00 -12.39 8.51
C ILE D 164 -4.93 -12.28 10.05
N THR D 165 -4.87 -13.40 10.77
CA THR D 165 -4.78 -13.44 12.26
C THR D 165 -3.47 -12.77 12.71
N VAL D 166 -2.39 -12.98 11.96
CA VAL D 166 -1.06 -12.36 12.23
C VAL D 166 -1.19 -10.84 12.04
N GLN D 167 -1.87 -10.37 11.00
CA GLN D 167 -2.14 -8.93 10.75
C GLN D 167 -3.00 -8.38 11.90
N TYR D 168 -4.04 -9.11 12.31
CA TYR D 168 -4.90 -8.72 13.47
C TYR D 168 -4.00 -8.57 14.71
N ASP D 169 -3.07 -9.50 14.94
CA ASP D 169 -2.14 -9.46 16.11
C ASP D 169 -1.35 -8.15 16.09
N ILE D 170 -0.77 -7.79 14.93
CA ILE D 170 0.00 -6.52 14.75
C ILE D 170 -0.89 -5.33 15.11
N LEU D 171 -2.11 -5.25 14.57
CA LEU D 171 -3.04 -4.12 14.86
C LEU D 171 -3.38 -4.13 16.36
N GLU D 172 -3.64 -5.32 16.91
CA GLU D 172 -3.97 -5.50 18.35
C GLU D 172 -2.78 -5.02 19.22
N ARG D 173 -1.56 -5.40 18.86
CA ARG D 173 -0.33 -4.98 19.58
C ARG D 173 -0.28 -3.45 19.60
N ARG D 174 -0.47 -2.81 18.43
CA ARG D 174 -0.39 -1.34 18.27
C ARG D 174 -1.40 -0.67 19.20
N LEU D 175 -2.63 -1.18 19.22
CA LEU D 175 -3.77 -0.56 19.96
C LEU D 175 -3.69 -0.90 21.45
N ASN D 176 -2.80 -1.81 21.86
CA ASN D 176 -2.51 -2.08 23.29
C ASN D 176 -1.42 -1.13 23.79
N GLU D 177 -0.86 -0.28 22.92
CA GLU D 177 0.18 0.71 23.31
C GLU D 177 -0.50 1.84 24.08
N PRO D 178 0.16 2.44 25.10
CA PRO D 178 -0.51 3.38 25.99
C PRO D 178 -1.03 4.63 25.27
N GLY D 179 -2.34 4.90 25.39
CA GLY D 179 -3.02 6.06 24.80
C GLY D 179 -3.21 5.97 23.29
N GLN D 180 -2.94 4.82 22.68
CA GLN D 180 -2.98 4.63 21.20
C GLN D 180 -4.39 4.26 20.79
N GLN D 181 -5.28 5.26 20.72
CA GLN D 181 -6.72 5.09 20.44
C GLN D 181 -6.92 4.71 18.97
N TYR D 182 -6.02 5.16 18.09
CA TYR D 182 -6.10 4.95 16.61
C TYR D 182 -4.74 4.42 16.13
N LEU D 183 -4.69 3.91 14.90
CA LEU D 183 -3.54 3.10 14.40
C LEU D 183 -2.30 3.99 14.27
N ALA D 184 -2.42 5.10 13.56
CA ALA D 184 -1.29 6.01 13.26
C ALA D 184 -1.05 6.95 14.44
N LEU D 185 -2.07 7.74 14.80
CA LEU D 185 -1.99 8.82 15.82
C LEU D 185 -2.82 8.46 17.05
N LYS D 186 -2.37 8.90 18.23
CA LYS D 186 -3.04 8.64 19.53
C LYS D 186 -4.39 9.35 19.58
N ASP D 187 -4.46 10.58 19.08
CA ASP D 187 -5.54 11.58 19.34
C ASP D 187 -6.73 11.39 18.38
N ARG D 188 -6.50 10.98 17.13
CA ARG D 188 -7.54 11.09 16.07
C ARG D 188 -7.34 10.05 14.96
N PRO D 189 -8.44 9.66 14.26
CA PRO D 189 -8.35 8.78 13.11
C PRO D 189 -7.75 9.50 11.90
N THR D 190 -7.03 8.75 11.06
CA THR D 190 -6.37 9.26 9.83
C THR D 190 -6.79 8.38 8.66
N ILE D 191 -6.21 8.62 7.48
CA ILE D 191 -6.49 7.78 6.28
C ILE D 191 -6.03 6.34 6.56
N ALA D 192 -5.08 6.13 7.48
CA ALA D 192 -4.63 4.76 7.86
C ALA D 192 -5.82 4.00 8.47
N ASP D 193 -6.51 4.62 9.42
CA ASP D 193 -7.67 4.02 10.11
C ASP D 193 -8.79 3.74 9.09
N ILE D 194 -9.02 4.67 8.15
CA ILE D 194 -10.12 4.56 7.16
C ILE D 194 -9.85 3.34 6.27
N ALA D 195 -8.64 3.23 5.74
CA ALA D 195 -8.21 2.12 4.84
C ALA D 195 -8.40 0.76 5.54
N THR D 196 -8.06 0.66 6.82
CA THR D 196 -8.03 -0.63 7.55
C THR D 196 -9.45 -1.03 7.97
N LEU D 197 -10.30 -0.07 8.36
CA LEU D 197 -11.61 -0.36 9.02
C LEU D 197 -12.32 -1.51 8.32
N PRO D 198 -12.61 -1.45 7.00
CA PRO D 198 -13.45 -2.47 6.35
C PRO D 198 -12.96 -3.92 6.48
N PHE D 199 -11.65 -4.13 6.67
CA PHE D 199 -11.04 -5.48 6.70
C PHE D 199 -10.79 -5.92 8.14
N ALA D 200 -10.96 -5.02 9.11
CA ALA D 200 -10.85 -5.24 10.57
C ALA D 200 -12.15 -4.78 11.28
N MET D 201 -13.27 -5.37 10.86
CA MET D 201 -14.65 -5.20 11.42
C MET D 201 -15.15 -6.56 11.85
N LYS D 202 -16.12 -6.60 12.77
CA LYS D 202 -16.78 -7.86 13.22
C LYS D 202 -17.32 -8.64 12.00
N SER D 203 -18.09 -7.98 11.12
CA SER D 203 -18.72 -8.62 9.92
C SER D 203 -17.66 -9.27 9.03
N THR D 204 -16.50 -8.62 8.86
CA THR D 204 -15.40 -9.12 7.99
C THR D 204 -14.73 -10.31 8.67
N ALA D 205 -14.39 -10.19 9.96
CA ALA D 205 -13.80 -11.26 10.79
C ALA D 205 -14.68 -12.51 10.71
N GLU D 206 -16.00 -12.33 10.83
CA GLU D 206 -17.00 -13.43 10.74
C GLU D 206 -16.92 -14.11 9.38
N LEU D 207 -16.83 -13.34 8.29
CA LEU D 207 -16.67 -13.86 6.91
C LEU D 207 -15.39 -14.71 6.81
N PHE D 208 -14.31 -14.29 7.48
CA PHE D 208 -13.00 -14.99 7.50
C PHE D 208 -13.09 -16.24 8.40
N GLY D 209 -14.10 -16.31 9.25
CA GLY D 209 -14.32 -17.44 10.19
C GLY D 209 -13.51 -17.28 11.47
N LEU D 210 -13.22 -16.03 11.86
CA LEU D 210 -12.42 -15.68 13.07
C LEU D 210 -13.37 -15.11 14.12
N GLU D 211 -13.05 -15.31 15.41
CA GLU D 211 -13.79 -14.76 16.58
C GLU D 211 -13.15 -13.41 16.96
N PHE D 212 -13.77 -12.30 16.55
CA PHE D 212 -13.18 -10.93 16.57
C PHE D 212 -12.90 -10.48 18.01
N GLU D 213 -13.57 -11.09 19.01
CA GLU D 213 -13.39 -10.79 20.46
C GLU D 213 -11.97 -11.19 20.91
N LYS D 214 -11.33 -12.12 20.20
CA LYS D 214 -9.91 -12.53 20.40
C LYS D 214 -8.98 -11.31 20.32
N TRP D 215 -9.36 -10.26 19.57
CA TRP D 215 -8.58 -8.99 19.46
C TRP D 215 -9.40 -7.85 20.07
N PRO D 216 -9.49 -7.76 21.42
CA PRO D 216 -10.42 -6.85 22.09
C PRO D 216 -10.19 -5.37 21.77
N LYS D 217 -8.94 -4.90 21.79
CA LYS D 217 -8.60 -3.49 21.52
C LYS D 217 -8.90 -3.15 20.05
N LEU D 218 -8.68 -4.10 19.12
CA LEU D 218 -9.00 -3.93 17.67
C LEU D 218 -10.52 -3.83 17.49
N GLN D 219 -11.28 -4.67 18.19
CA GLN D 219 -12.77 -4.63 18.18
C GLN D 219 -13.22 -3.25 18.70
N GLU D 220 -12.78 -2.84 19.89
CA GLU D 220 -13.09 -1.53 20.50
C GLU D 220 -12.80 -0.41 19.49
N TRP D 221 -11.62 -0.45 18.86
CA TRP D 221 -11.22 0.48 17.77
C TRP D 221 -12.26 0.45 16.65
N SER D 222 -12.67 -0.74 16.19
CA SER D 222 -13.58 -0.91 15.03
C SER D 222 -14.95 -0.31 15.39
N VAL D 223 -15.36 -0.44 16.65
CA VAL D 223 -16.63 0.16 17.17
C VAL D 223 -16.47 1.68 17.20
N ARG D 224 -15.42 2.20 17.83
CA ARG D 224 -15.14 3.66 17.92
C ARG D 224 -15.22 4.31 16.52
N MET D 225 -14.56 3.72 15.52
CA MET D 225 -14.56 4.20 14.12
C MET D 225 -16.00 4.11 13.57
N GLY D 226 -16.68 3.00 13.83
CA GLY D 226 -18.04 2.72 13.32
C GLY D 226 -19.10 3.66 13.89
N GLU D 227 -18.81 4.35 14.99
CA GLU D 227 -19.73 5.32 15.66
C GLU D 227 -19.55 6.73 15.08
N ARG D 228 -18.47 6.98 14.32
CA ARG D 228 -18.25 8.31 13.65
C ARG D 228 -19.36 8.53 12.62
N GLU D 229 -19.95 9.73 12.60
CA GLU D 229 -21.12 10.08 11.75
C GLU D 229 -20.75 9.90 10.28
N ALA D 230 -19.56 10.37 9.87
CA ALA D 230 -19.07 10.24 8.48
C ALA D 230 -19.08 8.76 8.06
N VAL D 231 -18.64 7.85 8.94
CA VAL D 231 -18.55 6.39 8.65
C VAL D 231 -19.97 5.85 8.47
N LYS D 232 -20.85 6.08 9.45
CA LYS D 232 -22.29 5.73 9.36
C LYS D 232 -22.86 6.23 8.03
N ARG D 233 -22.58 7.49 7.65
CA ARG D 233 -23.12 8.12 6.41
C ARG D 233 -22.59 7.36 5.18
N ALA D 234 -21.30 7.01 5.17
CA ALA D 234 -20.61 6.35 4.03
C ALA D 234 -21.21 4.95 3.77
N TRP D 235 -21.36 4.14 4.82
CA TRP D 235 -21.93 2.76 4.74
C TRP D 235 -23.36 2.81 4.19
N GLN D 236 -24.17 3.76 4.67
CA GLN D 236 -25.58 3.96 4.20
C GLN D 236 -25.57 4.24 2.71
N ARG D 237 -24.83 5.27 2.30
CA ARG D 237 -24.81 5.78 0.91
C ARG D 237 -24.30 4.70 -0.04
N VAL D 238 -23.22 3.99 0.31
CA VAL D 238 -22.55 3.03 -0.62
C VAL D 238 -23.47 1.84 -0.91
N ALA D 239 -24.26 1.39 0.08
CA ALA D 239 -25.25 0.30 -0.08
C ALA D 239 -26.33 0.74 -1.08
N GLY D 240 -26.68 2.03 -1.10
CA GLY D 240 -27.82 2.56 -1.88
C GLY D 240 -27.47 2.85 -3.34
N PHE D 241 -26.19 3.10 -3.66
CA PHE D 241 -25.76 3.55 -5.01
C PHE D 241 -26.25 2.54 -6.06
N GLY D 242 -26.93 3.02 -7.10
CA GLY D 242 -27.50 2.20 -8.19
C GLY D 242 -28.90 1.70 -7.87
N HIS D 243 -29.40 1.93 -6.66
CA HIS D 243 -30.75 1.48 -6.22
C HIS D 243 -31.69 2.67 -6.04
N GLY D 244 -31.23 3.90 -6.28
CA GLY D 244 -32.06 5.11 -6.24
C GLY D 244 -32.77 5.35 -7.56
N GLU D 245 -33.04 6.62 -7.90
CA GLU D 245 -33.72 7.04 -9.15
C GLU D 245 -32.97 6.48 -10.36
N LYS D 246 -31.63 6.46 -10.32
CA LYS D 246 -30.77 5.98 -11.44
C LYS D 246 -30.04 4.69 -11.03
N GLU D 247 -30.02 3.71 -11.92
CA GLU D 247 -29.33 2.41 -11.71
C GLU D 247 -27.84 2.55 -12.07
N TYR D 248 -27.53 3.26 -13.16
CA TYR D 248 -26.16 3.45 -13.70
C TYR D 248 -25.99 4.90 -14.17
N GLY D 249 -24.73 5.33 -14.26
CA GLY D 249 -24.35 6.67 -14.72
C GLY D 249 -24.23 7.65 -13.56
N MET D 250 -24.18 8.94 -13.88
CA MET D 250 -24.06 10.06 -12.91
C MET D 250 -25.34 10.13 -12.07
N LEU D 251 -25.24 9.99 -10.74
CA LEU D 251 -26.38 10.16 -9.80
C LEU D 251 -26.63 11.66 -9.60
N GLU D 252 -27.84 12.03 -9.18
CA GLU D 252 -28.22 13.43 -8.86
C GLU D 252 -29.15 13.41 -7.63
N MET E 14 -43.36 -20.11 3.90
CA MET E 14 -43.10 -20.21 5.37
C MET E 14 -44.26 -19.57 6.14
N SER E 15 -44.87 -20.30 7.08
CA SER E 15 -46.08 -19.88 7.84
C SER E 15 -45.70 -19.34 9.22
N GLU E 16 -44.59 -19.79 9.79
CA GLU E 16 -44.08 -19.31 11.11
C GLU E 16 -43.29 -18.02 10.93
N ARG E 17 -43.30 -17.16 11.94
CA ARG E 17 -42.36 -16.02 12.06
C ARG E 17 -40.94 -16.51 11.83
N PRO E 18 -40.10 -15.76 11.09
CA PRO E 18 -38.67 -16.07 11.02
C PRO E 18 -38.01 -16.02 12.41
N SER E 19 -36.92 -16.75 12.58
CA SER E 19 -36.16 -16.92 13.85
C SER E 19 -35.62 -15.57 14.35
N ASP E 20 -35.43 -14.59 13.46
CA ASP E 20 -34.72 -13.31 13.76
C ASP E 20 -35.72 -12.15 13.91
N LEU E 21 -37.03 -12.42 13.91
CA LEU E 21 -38.06 -11.36 14.06
C LEU E 21 -38.41 -11.19 15.54
N VAL E 22 -37.94 -10.10 16.13
CA VAL E 22 -38.17 -9.77 17.57
C VAL E 22 -38.56 -8.30 17.66
N VAL E 23 -39.56 -7.98 18.48
CA VAL E 23 -40.12 -6.60 18.61
C VAL E 23 -39.70 -6.05 19.98
N ASN E 24 -38.43 -5.68 20.10
CA ASN E 24 -37.86 -5.00 21.31
C ASN E 24 -38.15 -3.50 21.21
N ARG E 25 -38.54 -3.03 20.02
CA ARG E 25 -38.84 -1.61 19.68
C ARG E 25 -39.64 -1.62 18.36
N LEU E 26 -39.98 -0.44 17.83
CA LEU E 26 -40.66 -0.31 16.52
C LEU E 26 -39.83 -1.06 15.47
N VAL E 27 -40.44 -2.02 14.76
CA VAL E 27 -39.84 -2.73 13.59
C VAL E 27 -40.58 -2.27 12.35
N LEU E 28 -39.87 -1.59 11.45
CA LEU E 28 -40.39 -1.13 10.14
C LEU E 28 -40.08 -2.21 9.10
N PHE E 29 -41.12 -2.77 8.47
CA PHE E 29 -41.01 -3.80 7.41
C PHE E 29 -40.88 -3.10 6.05
N VAL E 30 -39.85 -3.48 5.29
CA VAL E 30 -39.50 -2.90 3.97
C VAL E 30 -39.17 -4.08 3.04
N VAL E 31 -38.90 -3.78 1.77
CA VAL E 31 -38.30 -4.74 0.81
C VAL E 31 -36.94 -4.17 0.39
N LYS E 32 -36.15 -4.94 -0.35
CA LYS E 32 -34.84 -4.51 -0.88
C LYS E 32 -35.02 -3.19 -1.65
N GLY E 33 -34.17 -2.21 -1.37
CA GLY E 33 -34.22 -0.89 -2.05
C GLY E 33 -34.07 -1.05 -3.55
N THR E 34 -35.06 -0.58 -4.32
CA THR E 34 -34.97 -0.41 -5.80
C THR E 34 -35.67 0.89 -6.19
N ALA E 35 -35.50 1.30 -7.45
CA ALA E 35 -36.05 2.57 -7.99
C ALA E 35 -37.57 2.63 -7.75
N THR E 36 -38.24 1.48 -7.69
CA THR E 36 -39.73 1.38 -7.65
C THR E 36 -40.26 0.78 -6.32
N SER E 37 -39.44 0.59 -5.28
CA SER E 37 -39.83 -0.20 -4.08
C SER E 37 -39.89 0.66 -2.80
N THR E 38 -39.67 1.97 -2.90
CA THR E 38 -39.32 2.82 -1.73
C THR E 38 -40.28 4.00 -1.56
N HIS E 39 -41.16 4.29 -2.52
CA HIS E 39 -42.00 5.52 -2.51
C HIS E 39 -43.02 5.48 -1.35
N ASN E 40 -43.37 4.29 -0.84
CA ASN E 40 -44.29 4.15 0.33
C ASN E 40 -43.51 3.93 1.63
N THR E 41 -42.51 3.03 1.65
CA THR E 41 -41.72 2.72 2.87
C THR E 41 -40.98 3.95 3.38
N VAL E 42 -40.58 4.88 2.51
CA VAL E 42 -39.90 6.17 2.89
C VAL E 42 -40.79 7.00 3.81
N LYS E 43 -42.13 6.94 3.64
CA LYS E 43 -43.06 7.84 4.37
C LYS E 43 -42.89 7.64 5.88
N PRO E 44 -43.13 6.44 6.44
CA PRO E 44 -42.95 6.24 7.89
C PRO E 44 -41.50 6.52 8.31
N LEU E 45 -40.52 6.15 7.48
CA LEU E 45 -39.08 6.31 7.78
C LEU E 45 -38.76 7.81 7.94
N ILE E 46 -39.30 8.67 7.07
CA ILE E 46 -39.15 10.16 7.17
C ILE E 46 -39.61 10.62 8.56
N LEU E 47 -40.78 10.15 9.02
CA LEU E 47 -41.33 10.55 10.33
C LEU E 47 -40.44 10.02 11.47
N LEU E 48 -40.02 8.76 11.40
CA LEU E 48 -39.11 8.12 12.40
C LEU E 48 -37.84 8.96 12.52
N GLU E 49 -37.26 9.37 11.40
CA GLU E 49 -36.02 10.19 11.36
C GLU E 49 -36.32 11.59 11.91
N GLU E 50 -37.45 12.20 11.52
CA GLU E 50 -37.83 13.57 11.98
C GLU E 50 -37.88 13.58 13.52
N LEU E 51 -38.49 12.54 14.12
CA LEU E 51 -38.84 12.47 15.56
C LEU E 51 -37.73 11.77 16.36
N GLY E 52 -36.77 11.14 15.67
CA GLY E 52 -35.67 10.37 16.30
C GLY E 52 -36.19 9.18 17.10
N VAL E 53 -37.25 8.52 16.61
CA VAL E 53 -37.86 7.30 17.22
C VAL E 53 -36.88 6.14 17.10
N PRO E 54 -36.54 5.43 18.20
CA PRO E 54 -35.78 4.19 18.10
C PRO E 54 -36.59 3.14 17.32
N HIS E 55 -35.95 2.48 16.35
CA HIS E 55 -36.60 1.52 15.43
C HIS E 55 -35.59 0.55 14.83
N ASP E 56 -36.04 -0.66 14.49
CA ASP E 56 -35.29 -1.64 13.65
C ASP E 56 -35.86 -1.63 12.24
N ILE E 57 -35.11 -2.19 11.29
CA ILE E 57 -35.54 -2.42 9.89
C ILE E 57 -35.53 -3.93 9.64
N TYR E 58 -36.67 -4.48 9.17
CA TYR E 58 -36.80 -5.89 8.73
C TYR E 58 -37.08 -5.92 7.23
N VAL E 59 -36.15 -6.46 6.45
CA VAL E 59 -36.26 -6.59 4.97
C VAL E 59 -37.01 -7.89 4.68
N VAL E 60 -38.22 -7.77 4.11
CA VAL E 60 -39.10 -8.92 3.76
C VAL E 60 -38.70 -9.44 2.37
N GLU E 61 -38.34 -10.72 2.29
CA GLU E 61 -37.93 -11.39 1.02
C GLU E 61 -39.15 -11.50 0.11
N LYS E 62 -40.26 -12.02 0.62
CA LYS E 62 -41.55 -12.16 -0.13
C LYS E 62 -42.71 -11.70 0.75
N VAL E 63 -43.42 -10.65 0.31
CA VAL E 63 -44.64 -10.11 0.99
C VAL E 63 -45.78 -11.13 0.88
N SER E 64 -45.63 -12.14 0.02
CA SER E 64 -46.60 -13.24 -0.19
C SER E 64 -46.51 -14.31 0.90
N ALA E 65 -45.45 -14.30 1.72
CA ALA E 65 -45.22 -15.31 2.78
C ALA E 65 -46.35 -15.26 3.80
N PRO E 66 -47.01 -16.40 4.13
CA PRO E 66 -48.07 -16.41 5.13
C PRO E 66 -47.74 -15.63 6.40
N TRP E 67 -46.54 -15.80 6.97
CA TRP E 67 -46.12 -15.10 8.22
C TRP E 67 -46.32 -13.59 8.07
N PHE E 68 -45.97 -13.01 6.90
CA PHE E 68 -46.08 -11.55 6.68
C PHE E 68 -47.54 -11.13 6.62
N SER E 69 -48.43 -11.95 6.04
CA SER E 69 -49.86 -11.60 5.85
C SER E 69 -50.57 -11.55 7.22
N GLU E 70 -49.98 -12.11 8.27
CA GLU E 70 -50.47 -11.98 9.67
C GLU E 70 -50.17 -10.58 10.21
N ILE E 71 -49.07 -9.96 9.74
CA ILE E 71 -48.71 -8.56 10.12
C ILE E 71 -49.50 -7.59 9.23
N ASN E 72 -49.50 -7.82 7.91
CA ASN E 72 -50.26 -7.00 6.93
C ASN E 72 -51.08 -7.93 6.05
N PRO E 73 -52.42 -8.05 6.26
CA PRO E 73 -53.26 -8.89 5.41
C PRO E 73 -53.34 -8.39 3.96
N HIS E 74 -52.88 -7.16 3.69
CA HIS E 74 -52.81 -6.57 2.33
C HIS E 74 -51.49 -6.97 1.63
N LYS E 75 -50.57 -7.60 2.37
CA LYS E 75 -49.34 -8.27 1.82
C LYS E 75 -48.46 -7.24 1.11
N MET E 76 -48.22 -6.10 1.76
CA MET E 76 -47.44 -4.97 1.19
C MET E 76 -46.58 -4.36 2.30
N VAL E 77 -45.52 -3.65 1.90
CA VAL E 77 -44.74 -2.74 2.78
C VAL E 77 -45.16 -1.30 2.44
N PRO E 78 -45.09 -0.35 3.40
CA PRO E 78 -44.58 -0.62 4.74
C PRO E 78 -45.57 -1.31 5.67
N ALA E 79 -45.05 -2.08 6.63
CA ALA E 79 -45.76 -2.56 7.84
C ALA E 79 -44.94 -2.15 9.06
N ILE E 80 -45.58 -2.12 10.24
CA ILE E 80 -44.91 -1.90 11.55
C ILE E 80 -45.42 -2.96 12.54
N LEU E 81 -44.50 -3.52 13.34
CA LEU E 81 -44.79 -4.14 14.65
C LEU E 81 -44.09 -3.28 15.71
N ASP E 82 -44.75 -3.07 16.85
CA ASP E 82 -44.22 -2.25 17.97
C ASP E 82 -44.88 -2.77 19.25
N ARG E 83 -44.21 -2.60 20.40
CA ARG E 83 -44.80 -2.87 21.73
C ARG E 83 -45.85 -1.81 22.02
N SER E 84 -46.95 -2.19 22.68
CA SER E 84 -47.95 -1.26 23.26
C SER E 84 -47.28 -0.36 24.29
N PRO E 85 -47.85 0.82 24.62
CA PRO E 85 -47.26 1.72 25.61
C PRO E 85 -46.91 1.08 26.96
N ASP E 86 -47.73 0.14 27.45
CA ASP E 86 -47.47 -0.59 28.72
C ASP E 86 -46.45 -1.70 28.46
N GLY E 87 -46.27 -2.09 27.20
CA GLY E 87 -45.29 -3.11 26.77
C GLY E 87 -45.78 -4.53 27.03
N ARG E 88 -47.10 -4.69 27.16
N ARG E 88 -47.10 -4.71 27.14
CA ARG E 88 -47.78 -6.00 27.40
CA ARG E 88 -47.74 -6.04 27.38
C ARG E 88 -48.17 -6.61 26.06
C ARG E 88 -48.20 -6.64 26.05
N ASP E 89 -48.77 -5.82 25.16
CA ASP E 89 -49.28 -6.28 23.84
C ASP E 89 -48.35 -5.84 22.70
N THR E 90 -48.53 -6.44 21.54
CA THR E 90 -47.85 -6.11 20.27
C THR E 90 -48.89 -5.53 19.31
N LEU E 91 -48.66 -4.30 18.83
CA LEU E 91 -49.55 -3.61 17.87
C LEU E 91 -48.99 -3.81 16.47
N ARG E 92 -49.82 -3.54 15.46
CA ARG E 92 -49.38 -3.49 14.05
C ARG E 92 -49.96 -2.23 13.40
N ALA E 93 -49.19 -1.67 12.46
CA ALA E 93 -49.63 -0.62 11.51
C ALA E 93 -49.29 -1.09 10.10
N TRP E 94 -50.23 -0.92 9.17
CA TRP E 94 -50.03 -1.21 7.73
C TRP E 94 -50.97 -0.30 6.93
N GLU E 95 -50.65 -0.13 5.64
CA GLU E 95 -51.01 1.07 4.83
C GLU E 95 -50.07 2.18 5.28
N SER E 96 -49.45 2.87 4.31
CA SER E 96 -48.40 3.89 4.56
C SER E 96 -48.99 4.99 5.44
N THR E 97 -50.18 5.50 5.12
CA THR E 97 -50.86 6.55 5.91
C THR E 97 -51.11 6.08 7.35
N SER E 98 -51.44 4.81 7.55
CA SER E 98 -51.68 4.19 8.88
C SER E 98 -50.38 4.14 9.70
N THR E 99 -49.24 3.88 9.05
CA THR E 99 -47.91 3.86 9.72
C THR E 99 -47.59 5.27 10.24
N LEU E 100 -47.89 6.29 9.43
CA LEU E 100 -47.71 7.72 9.81
C LEU E 100 -48.61 8.04 11.00
N MET E 101 -49.88 7.64 10.94
CA MET E 101 -50.87 7.88 12.03
C MET E 101 -50.39 7.22 13.34
N TYR E 102 -49.91 5.98 13.27
CA TYR E 102 -49.45 5.22 14.47
C TYR E 102 -48.25 5.93 15.11
N ILE E 103 -47.22 6.24 14.33
CA ILE E 103 -45.96 6.83 14.84
C ILE E 103 -46.29 8.17 15.50
N ALA E 104 -47.15 8.99 14.86
CA ALA E 104 -47.58 10.31 15.39
C ALA E 104 -48.36 10.12 16.69
N ASP E 105 -49.20 9.08 16.77
CA ASP E 105 -50.04 8.75 17.94
C ASP E 105 -49.15 8.27 19.10
N ALA E 106 -48.16 7.42 18.81
CA ALA E 106 -47.27 6.77 19.81
C ALA E 106 -46.12 7.70 20.22
N TYR E 107 -45.51 8.42 19.28
CA TYR E 107 -44.19 9.08 19.46
C TYR E 107 -44.24 10.59 19.24
N ASP E 108 -45.35 11.16 18.77
CA ASP E 108 -45.52 12.63 18.57
C ASP E 108 -46.72 13.08 19.40
N LYS E 109 -46.64 12.83 20.70
CA LYS E 109 -47.74 13.05 21.67
C LYS E 109 -48.24 14.50 21.60
N ASP E 110 -47.33 15.46 21.37
CA ASP E 110 -47.64 16.92 21.41
C ASP E 110 -47.88 17.48 20.01
N GLY E 111 -47.93 16.60 18.99
CA GLY E 111 -48.44 16.91 17.65
C GLY E 111 -47.58 17.90 16.87
N THR E 112 -46.24 17.79 16.96
CA THR E 112 -45.29 18.52 16.08
C THR E 112 -45.68 18.26 14.61
N PHE E 113 -45.90 17.00 14.25
CA PHE E 113 -46.27 16.53 12.89
C PHE E 113 -47.73 16.05 12.85
N GLY E 114 -48.30 15.62 13.99
CA GLY E 114 -49.67 15.06 14.08
C GLY E 114 -50.75 16.11 14.23
N GLY E 115 -50.41 17.32 14.69
CA GLY E 115 -51.34 18.43 14.97
C GLY E 115 -51.61 18.57 16.46
N ARG E 116 -51.51 19.80 16.98
CA ARG E 116 -51.52 20.11 18.44
C ARG E 116 -52.96 20.22 18.98
N ASN E 117 -53.89 20.69 18.15
CA ASN E 117 -55.31 20.93 18.55
C ASN E 117 -56.25 20.49 17.42
N VAL E 118 -57.55 20.46 17.72
CA VAL E 118 -58.61 19.97 16.80
C VAL E 118 -58.51 20.74 15.48
N GLN E 119 -58.32 22.05 15.55
CA GLN E 119 -58.23 22.97 14.38
C GLN E 119 -57.08 22.53 13.46
N GLU E 120 -55.88 22.32 14.00
CA GLU E 120 -54.68 21.87 13.24
C GLU E 120 -54.98 20.50 12.60
N ARG E 121 -55.24 19.48 13.42
CA ARG E 121 -55.50 18.09 12.99
C ARG E 121 -56.60 18.06 11.91
N SER E 122 -57.58 18.96 11.97
CA SER E 122 -58.69 19.06 10.98
C SER E 122 -58.10 19.27 9.57
N GLU E 123 -57.19 20.23 9.41
CA GLU E 123 -56.48 20.50 8.13
C GLU E 123 -55.49 19.37 7.82
N ILE E 124 -54.70 18.93 8.80
CA ILE E 124 -53.70 17.84 8.61
C ILE E 124 -54.42 16.61 8.04
N ASN E 125 -55.57 16.24 8.61
CA ASN E 125 -56.36 15.05 8.17
C ASN E 125 -56.97 15.30 6.79
N ASN E 126 -57.37 16.55 6.50
CA ASN E 126 -57.93 16.92 5.17
C ASN E 126 -56.87 16.63 4.09
N TRP E 127 -55.66 17.15 4.24
CA TRP E 127 -54.56 17.06 3.23
C TRP E 127 -53.97 15.64 3.23
N LEU E 128 -53.80 15.00 4.39
CA LEU E 128 -53.31 13.60 4.49
C LEU E 128 -54.28 12.66 3.78
N THR E 129 -55.57 12.81 4.08
CA THR E 129 -56.64 11.95 3.51
C THR E 129 -56.74 12.20 2.01
N LEU E 130 -56.61 13.45 1.56
CA LEU E 130 -56.67 13.79 0.12
C LEU E 130 -55.63 12.95 -0.61
N HIS E 131 -54.42 12.82 -0.05
CA HIS E 131 -53.34 11.97 -0.62
C HIS E 131 -53.76 10.50 -0.55
N THR E 132 -54.28 10.06 0.59
CA THR E 132 -54.63 8.64 0.84
C THR E 132 -55.70 8.19 -0.17
N ALA E 133 -56.64 9.08 -0.53
CA ALA E 133 -57.87 8.78 -1.29
C ALA E 133 -57.75 9.16 -2.77
N ALA E 134 -57.01 10.23 -3.12
CA ALA E 134 -56.97 10.79 -4.50
C ALA E 134 -55.60 10.58 -5.15
N LEU E 135 -54.55 11.33 -4.78
CA LEU E 135 -53.25 11.28 -5.53
C LEU E 135 -52.62 9.90 -5.36
N GLY E 136 -52.60 9.37 -4.13
CA GLY E 136 -52.03 8.05 -3.82
C GLY E 136 -52.58 6.96 -4.74
N PRO E 137 -53.90 6.67 -4.68
CA PRO E 137 -54.52 5.63 -5.51
C PRO E 137 -54.49 5.90 -7.02
N THR E 138 -54.63 7.16 -7.42
CA THR E 138 -54.51 7.62 -8.83
C THR E 138 -53.11 7.31 -9.36
N ALA E 139 -52.07 7.69 -8.61
CA ALA E 139 -50.66 7.39 -8.95
C ALA E 139 -50.50 5.88 -9.09
N ALA E 140 -51.00 5.12 -8.12
CA ALA E 140 -50.89 3.65 -8.01
C ALA E 140 -51.59 2.98 -9.20
N TYR E 141 -52.75 3.49 -9.61
CA TYR E 141 -53.52 2.94 -10.75
C TYR E 141 -52.79 3.34 -12.05
N TRP E 142 -52.28 4.57 -12.13
CA TRP E 142 -51.47 5.02 -13.28
C TRP E 142 -50.27 4.07 -13.45
N LEU E 143 -49.55 3.79 -12.36
CA LEU E 143 -48.36 2.89 -12.33
C LEU E 143 -48.80 1.48 -12.75
N TYR E 144 -49.92 1.00 -12.21
CA TYR E 144 -50.42 -0.37 -12.48
C TYR E 144 -50.71 -0.54 -13.98
N PHE E 145 -51.51 0.36 -14.57
CA PHE E 145 -51.95 0.24 -15.98
C PHE E 145 -50.76 0.51 -16.92
N TYR E 146 -49.89 1.45 -16.55
CA TYR E 146 -48.79 1.93 -17.40
C TYR E 146 -47.72 0.83 -17.54
N LYS E 147 -47.48 0.07 -16.47
CA LYS E 147 -46.29 -0.78 -16.30
C LYS E 147 -46.69 -2.24 -16.02
N LEU E 148 -47.77 -2.52 -15.28
CA LEU E 148 -48.03 -3.88 -14.73
C LEU E 148 -49.13 -4.62 -15.49
N HIS E 149 -50.19 -3.95 -15.94
CA HIS E 149 -51.34 -4.59 -16.63
C HIS E 149 -50.84 -5.28 -17.90
N PRO E 150 -51.22 -6.56 -18.15
CA PRO E 150 -50.72 -7.31 -19.31
C PRO E 150 -51.01 -6.62 -20.66
N GLU E 151 -52.11 -5.88 -20.75
CA GLU E 151 -52.49 -5.08 -21.94
C GLU E 151 -52.36 -3.59 -21.60
N LYS E 152 -51.82 -2.79 -22.53
CA LYS E 152 -51.81 -1.31 -22.42
C LYS E 152 -53.22 -0.79 -22.72
N LEU E 153 -53.75 0.07 -21.84
CA LEU E 153 -55.06 0.73 -21.99
C LEU E 153 -54.81 2.24 -22.03
N PRO E 154 -54.43 2.80 -23.21
CA PRO E 154 -53.93 4.17 -23.30
C PRO E 154 -54.93 5.22 -22.79
N LYS E 155 -56.21 5.03 -23.10
CA LYS E 155 -57.31 5.95 -22.72
C LYS E 155 -57.42 6.02 -21.19
N THR E 156 -57.30 4.88 -20.51
CA THR E 156 -57.29 4.79 -19.03
C THR E 156 -56.04 5.51 -18.49
N ILE E 157 -54.87 5.22 -19.07
CA ILE E 157 -53.55 5.79 -18.66
C ILE E 157 -53.59 7.32 -18.81
N GLU E 158 -54.16 7.82 -19.91
CA GLU E 158 -54.30 9.27 -20.21
C GLU E 158 -55.17 9.93 -19.13
N LYS E 159 -56.32 9.32 -18.80
CA LYS E 159 -57.31 9.88 -17.85
C LYS E 159 -56.68 9.96 -16.45
N LEU E 160 -56.05 8.88 -16.00
CA LEU E 160 -55.37 8.83 -14.68
C LEU E 160 -54.31 9.95 -14.63
N ARG E 161 -53.51 10.10 -15.70
CA ARG E 161 -52.50 11.18 -15.85
C ARG E 161 -53.19 12.54 -15.69
N SER E 162 -54.29 12.77 -16.40
CA SER E 162 -55.09 14.02 -16.34
C SER E 162 -55.52 14.29 -14.89
N ASN E 163 -55.97 13.25 -14.16
CA ASN E 163 -56.37 13.35 -12.73
C ASN E 163 -55.18 13.79 -11.88
N ILE E 164 -54.00 13.23 -12.13
CA ILE E 164 -52.75 13.62 -11.42
C ILE E 164 -52.57 15.14 -11.60
N THR E 165 -52.78 15.68 -12.81
CA THR E 165 -52.56 17.13 -13.07
C THR E 165 -53.59 17.93 -12.25
N VAL E 166 -54.79 17.38 -12.07
CA VAL E 166 -55.89 18.04 -11.30
C VAL E 166 -55.47 18.08 -9.82
N GLN E 167 -54.89 16.99 -9.32
N GLN E 167 -54.90 16.99 -9.31
CA GLN E 167 -54.42 16.86 -7.91
CA GLN E 167 -54.44 16.91 -7.89
C GLN E 167 -53.25 17.84 -7.68
C GLN E 167 -53.26 17.87 -7.68
N TYR E 168 -52.31 17.91 -8.62
CA TYR E 168 -51.19 18.90 -8.62
C TYR E 168 -51.80 20.32 -8.62
N ASP E 169 -52.85 20.57 -9.42
CA ASP E 169 -53.54 21.88 -9.48
C ASP E 169 -54.04 22.24 -8.07
N ILE E 170 -54.68 21.30 -7.37
CA ILE E 170 -55.22 21.50 -5.99
C ILE E 170 -54.05 21.90 -5.06
N LEU E 171 -53.00 21.08 -5.00
CA LEU E 171 -51.82 21.31 -4.12
C LEU E 171 -51.22 22.68 -4.45
N GLU E 172 -51.14 23.04 -5.73
CA GLU E 172 -50.55 24.32 -6.24
C GLU E 172 -51.42 25.50 -5.78
N ARG E 173 -52.75 25.40 -5.94
CA ARG E 173 -53.70 26.42 -5.43
C ARG E 173 -53.49 26.62 -3.93
N ARG E 174 -53.35 25.52 -3.16
CA ARG E 174 -53.14 25.57 -1.69
C ARG E 174 -51.85 26.35 -1.37
N LEU E 175 -50.76 26.04 -2.07
CA LEU E 175 -49.42 26.60 -1.76
C LEU E 175 -49.28 28.02 -2.34
N ASN E 176 -50.28 28.53 -3.07
CA ASN E 176 -50.35 29.94 -3.53
C ASN E 176 -51.16 30.79 -2.53
N GLU E 177 -51.78 30.17 -1.52
CA GLU E 177 -52.51 30.90 -0.46
C GLU E 177 -51.49 31.62 0.42
N PRO E 178 -51.75 32.88 0.82
CA PRO E 178 -50.75 33.70 1.52
C PRO E 178 -50.23 33.03 2.80
N GLY E 179 -48.91 32.86 2.88
CA GLY E 179 -48.21 32.31 4.06
C GLY E 179 -48.30 30.79 4.13
N GLN E 180 -48.96 30.15 3.16
CA GLN E 180 -49.17 28.67 3.16
C GLN E 180 -47.90 28.01 2.59
N GLN E 181 -46.88 27.83 3.45
CA GLN E 181 -45.55 27.25 3.11
C GLN E 181 -45.65 25.73 2.99
N TYR E 182 -46.55 25.11 3.74
CA TYR E 182 -46.78 23.64 3.75
C TYR E 182 -48.27 23.40 3.46
N LEU E 183 -48.63 22.13 3.24
CA LEU E 183 -49.97 21.75 2.74
C LEU E 183 -51.03 22.00 3.83
N ALA E 184 -50.80 21.53 5.05
CA ALA E 184 -51.79 21.58 6.15
C ALA E 184 -51.63 22.90 6.91
N LEU E 185 -50.49 23.10 7.57
CA LEU E 185 -50.18 24.29 8.40
C LEU E 185 -49.28 25.25 7.61
N LYS E 186 -49.36 26.54 7.93
CA LYS E 186 -48.55 27.63 7.31
C LYS E 186 -47.09 27.54 7.80
N ASP E 187 -46.88 27.10 9.05
CA ASP E 187 -45.60 27.33 9.79
C ASP E 187 -44.64 26.17 9.60
N ARG E 188 -45.12 24.92 9.50
CA ARG E 188 -44.25 23.71 9.58
C ARG E 188 -44.88 22.55 8.79
N PRO E 189 -44.07 21.55 8.38
CA PRO E 189 -44.59 20.36 7.72
C PRO E 189 -45.30 19.43 8.71
N THR E 190 -46.23 18.59 8.22
CA THR E 190 -46.96 17.59 9.03
C THR E 190 -46.93 16.23 8.31
N ILE E 191 -47.59 15.21 8.87
CA ILE E 191 -47.71 13.86 8.23
C ILE E 191 -48.44 14.00 6.88
N ALA E 192 -49.21 15.07 6.66
CA ALA E 192 -49.85 15.36 5.36
C ALA E 192 -48.76 15.65 4.32
N ASP E 193 -47.79 16.49 4.68
CA ASP E 193 -46.66 16.89 3.80
C ASP E 193 -45.83 15.64 3.47
N ILE E 194 -45.54 14.82 4.48
CA ILE E 194 -44.71 13.58 4.36
C ILE E 194 -45.41 12.59 3.42
N ALA E 195 -46.69 12.32 3.66
CA ALA E 195 -47.51 11.39 2.84
C ALA E 195 -47.44 11.81 1.36
N THR E 196 -47.45 13.11 1.08
CA THR E 196 -47.65 13.67 -0.29
C THR E 196 -46.31 13.70 -1.05
N LEU E 197 -45.19 13.94 -0.36
CA LEU E 197 -43.89 14.32 -0.98
C LEU E 197 -43.50 13.34 -2.08
N PRO E 198 -43.50 12.01 -1.84
CA PRO E 198 -43.06 11.05 -2.85
C PRO E 198 -43.85 11.09 -4.18
N PHE E 199 -45.09 11.58 -4.16
CA PHE E 199 -45.96 11.61 -5.37
C PHE E 199 -46.03 13.02 -5.96
N ALA E 200 -45.56 14.04 -5.23
CA ALA E 200 -45.40 15.44 -5.72
C ALA E 200 -43.93 15.86 -5.60
N MET E 201 -43.08 15.23 -6.43
CA MET E 201 -41.62 15.43 -6.59
C MET E 201 -41.32 15.53 -8.08
N LYS E 202 -40.29 16.28 -8.48
CA LYS E 202 -39.90 16.41 -9.91
C LYS E 202 -39.67 15.02 -10.52
N SER E 203 -38.96 14.11 -9.82
CA SER E 203 -38.59 12.77 -10.34
C SER E 203 -39.86 11.95 -10.61
N THR E 204 -40.88 12.06 -9.75
CA THR E 204 -42.16 11.34 -9.93
C THR E 204 -42.95 11.98 -11.07
N ALA E 205 -43.00 13.32 -11.12
CA ALA E 205 -43.64 14.10 -12.20
C ALA E 205 -43.05 13.67 -13.55
N GLU E 206 -41.72 13.56 -13.62
CA GLU E 206 -41.02 13.10 -14.84
C GLU E 206 -41.48 11.68 -15.20
N LEU E 207 -41.64 10.81 -14.21
CA LEU E 207 -42.16 9.42 -14.42
C LEU E 207 -43.58 9.48 -15.01
N PHE E 208 -44.42 10.41 -14.56
CA PHE E 208 -45.82 10.58 -15.03
C PHE E 208 -45.85 11.28 -16.39
N GLY E 209 -44.69 11.68 -16.92
CA GLY E 209 -44.55 12.46 -18.16
C GLY E 209 -45.09 13.87 -18.00
N LEU E 210 -44.95 14.47 -16.81
CA LEU E 210 -45.43 15.85 -16.53
C LEU E 210 -44.22 16.78 -16.38
N GLU E 211 -44.42 18.05 -16.71
CA GLU E 211 -43.44 19.16 -16.53
C GLU E 211 -43.73 19.82 -15.17
N PHE E 212 -42.96 19.48 -14.14
CA PHE E 212 -43.23 19.87 -12.73
C PHE E 212 -43.17 21.39 -12.58
N GLU E 213 -42.48 22.09 -13.50
CA GLU E 213 -42.30 23.57 -13.45
C GLU E 213 -43.67 24.26 -13.60
N LYS E 214 -44.63 23.63 -14.28
CA LYS E 214 -46.03 24.11 -14.43
C LYS E 214 -46.67 24.38 -13.06
N TRP E 215 -46.19 23.75 -11.98
CA TRP E 215 -46.70 23.93 -10.59
C TRP E 215 -45.59 24.50 -9.71
N PRO E 216 -45.23 25.79 -9.89
CA PRO E 216 -44.03 26.36 -9.26
C PRO E 216 -44.01 26.30 -7.72
N LYS E 217 -45.10 26.70 -7.06
CA LYS E 217 -45.19 26.72 -5.57
C LYS E 217 -45.07 25.30 -5.01
N LEU E 218 -45.69 24.32 -5.69
CA LEU E 218 -45.60 22.87 -5.37
C LEU E 218 -44.14 22.40 -5.53
N GLN E 219 -43.49 22.75 -6.64
CA GLN E 219 -42.06 22.40 -6.88
C GLN E 219 -41.20 22.99 -5.75
N GLU E 220 -41.38 24.28 -5.46
CA GLU E 220 -40.68 24.98 -4.35
C GLU E 220 -40.92 24.25 -3.04
N TRP E 221 -42.16 23.81 -2.78
CA TRP E 221 -42.53 23.03 -1.57
C TRP E 221 -41.73 21.72 -1.53
N SER E 222 -41.72 20.97 -2.63
CA SER E 222 -41.00 19.67 -2.75
C SER E 222 -39.51 19.86 -2.44
N VAL E 223 -38.90 20.93 -2.95
CA VAL E 223 -37.46 21.24 -2.73
C VAL E 223 -37.28 21.57 -1.24
N ARG E 224 -38.15 22.40 -0.68
CA ARG E 224 -38.13 22.79 0.76
C ARG E 224 -38.19 21.52 1.62
N MET E 225 -39.09 20.58 1.31
CA MET E 225 -39.23 19.29 2.04
C MET E 225 -37.99 18.44 1.80
N GLY E 226 -37.54 18.32 0.54
CA GLY E 226 -36.37 17.53 0.13
C GLY E 226 -35.10 17.94 0.88
N GLU E 227 -35.01 19.21 1.30
CA GLU E 227 -33.81 19.80 1.97
C GLU E 227 -33.79 19.49 3.47
N ARG E 228 -34.90 19.02 4.05
CA ARG E 228 -34.96 18.61 5.48
C ARG E 228 -34.04 17.41 5.69
N GLU E 229 -33.21 17.45 6.75
CA GLU E 229 -32.16 16.44 7.02
C GLU E 229 -32.78 15.04 7.15
N ALA E 230 -33.87 14.92 7.91
CA ALA E 230 -34.59 13.64 8.13
C ALA E 230 -35.04 13.04 6.78
N VAL E 231 -35.47 13.89 5.84
CA VAL E 231 -35.97 13.45 4.50
C VAL E 231 -34.78 12.92 3.69
N LYS E 232 -33.62 13.60 3.76
CA LYS E 232 -32.36 13.18 3.07
C LYS E 232 -31.92 11.82 3.62
N ARG E 233 -31.86 11.68 4.94
CA ARG E 233 -31.42 10.43 5.64
C ARG E 233 -32.32 9.28 5.21
N ALA E 234 -33.64 9.51 5.25
CA ALA E 234 -34.68 8.51 4.94
C ALA E 234 -34.46 7.99 3.52
N TRP E 235 -34.36 8.87 2.53
CA TRP E 235 -34.14 8.50 1.11
C TRP E 235 -32.85 7.69 1.01
N GLN E 236 -31.80 8.11 1.71
CA GLN E 236 -30.49 7.39 1.69
C GLN E 236 -30.68 5.97 2.23
N ARG E 237 -31.30 5.82 3.39
CA ARG E 237 -31.42 4.50 4.08
C ARG E 237 -32.29 3.56 3.25
N VAL E 238 -33.41 4.05 2.70
CA VAL E 238 -34.41 3.20 2.01
C VAL E 238 -33.77 2.54 0.79
N ALA E 239 -32.99 3.28 0.00
CA ALA E 239 -32.21 2.75 -1.14
C ALA E 239 -31.32 1.60 -0.67
N GLY E 240 -30.70 1.74 0.52
CA GLY E 240 -29.64 0.85 1.03
C GLY E 240 -30.17 -0.50 1.53
N PHE E 241 -31.41 -0.57 2.03
CA PHE E 241 -31.98 -1.75 2.71
C PHE E 241 -31.85 -3.00 1.82
N GLY E 242 -31.26 -4.06 2.37
CA GLY E 242 -31.08 -5.37 1.70
C GLY E 242 -29.89 -5.41 0.76
N HIS E 243 -29.06 -4.36 0.75
CA HIS E 243 -27.78 -4.28 -0.02
C HIS E 243 -26.59 -4.14 0.94
N GLY E 244 -26.83 -4.24 2.24
CA GLY E 244 -25.78 -4.20 3.29
C GLY E 244 -25.25 -5.59 3.58
N GLU E 245 -24.81 -5.83 4.82
CA GLU E 245 -24.30 -7.15 5.30
C GLU E 245 -25.38 -8.21 5.08
N LYS E 246 -26.64 -7.88 5.35
CA LYS E 246 -27.82 -8.78 5.25
C LYS E 246 -28.71 -8.36 4.06
N GLU E 247 -29.15 -9.35 3.27
CA GLU E 247 -30.03 -9.17 2.09
C GLU E 247 -31.49 -9.19 2.54
N TYR E 248 -31.84 -10.12 3.45
CA TYR E 248 -33.21 -10.29 4.01
C TYR E 248 -33.10 -10.52 5.52
N GLY E 249 -34.16 -10.17 6.24
CA GLY E 249 -34.28 -10.35 7.69
C GLY E 249 -34.03 -9.05 8.45
N MET E 250 -33.88 -9.17 9.77
CA MET E 250 -33.59 -8.03 10.69
C MET E 250 -32.19 -7.50 10.38
N LEU E 251 -32.08 -6.25 9.93
CA LEU E 251 -30.78 -5.54 9.71
C LEU E 251 -30.20 -5.15 11.07
N GLU E 252 -28.92 -4.76 11.10
CA GLU E 252 -28.18 -4.33 12.32
C GLU E 252 -27.45 -3.02 12.03
N ARG F 17 -70.31 33.49 -1.12
CA ARG F 17 -70.86 32.59 -0.06
C ARG F 17 -72.36 32.86 0.12
N PRO F 18 -73.23 31.81 0.14
CA PRO F 18 -74.67 32.02 0.26
C PRO F 18 -75.07 32.63 1.61
N SER F 19 -76.11 33.47 1.61
CA SER F 19 -76.58 34.24 2.80
C SER F 19 -77.27 33.31 3.81
N ASP F 20 -77.63 32.07 3.42
CA ASP F 20 -78.24 31.07 4.33
C ASP F 20 -77.13 30.17 4.91
N LEU F 21 -75.86 30.37 4.52
CA LEU F 21 -74.72 29.61 5.11
C LEU F 21 -74.21 30.36 6.33
N VAL F 22 -74.48 29.83 7.52
CA VAL F 22 -74.00 30.34 8.84
C VAL F 22 -73.59 29.11 9.65
N VAL F 23 -72.54 29.21 10.47
CA VAL F 23 -71.95 28.09 11.26
C VAL F 23 -72.17 28.36 12.75
N ASN F 24 -73.33 27.97 13.28
CA ASN F 24 -73.68 28.04 14.73
C ASN F 24 -73.42 26.69 15.39
N ARG F 25 -73.07 25.67 14.59
CA ARG F 25 -72.85 24.26 15.00
C ARG F 25 -72.27 23.52 13.77
N LEU F 26 -72.02 22.22 13.88
CA LEU F 26 -71.44 21.41 12.78
C LEU F 26 -72.40 21.49 11.58
N VAL F 27 -71.87 21.87 10.40
CA VAL F 27 -72.62 21.93 9.12
C VAL F 27 -72.07 20.85 8.19
N LEU F 28 -72.88 19.83 7.89
CA LEU F 28 -72.55 18.73 6.95
C LEU F 28 -73.08 19.12 5.56
N PHE F 29 -72.18 19.23 4.58
CA PHE F 29 -72.50 19.56 3.18
C PHE F 29 -72.76 18.26 2.41
N VAL F 30 -73.88 18.22 1.70
CA VAL F 30 -74.36 17.03 0.94
C VAL F 30 -74.92 17.55 -0.39
N VAL F 31 -75.36 16.65 -1.26
CA VAL F 31 -76.10 16.98 -2.51
C VAL F 31 -77.45 16.26 -2.42
N LYS F 32 -78.34 16.50 -3.38
CA LYS F 32 -79.68 15.87 -3.41
C LYS F 32 -79.45 14.36 -3.35
N GLY F 33 -80.15 13.69 -2.41
CA GLY F 33 -80.07 12.23 -2.25
C GLY F 33 -80.55 11.53 -3.50
N THR F 34 -79.69 10.70 -4.10
CA THR F 34 -80.03 9.76 -5.20
C THR F 34 -79.37 8.42 -4.88
N ALA F 35 -79.55 7.43 -5.75
CA ALA F 35 -79.03 6.05 -5.57
C ALA F 35 -77.50 6.04 -5.50
N THR F 36 -76.81 7.01 -6.12
CA THR F 36 -75.33 7.04 -6.27
C THR F 36 -74.71 8.32 -5.69
N SER F 37 -75.42 9.08 -4.85
CA SER F 37 -74.93 10.38 -4.34
C SER F 37 -74.69 10.34 -2.82
N THR F 38 -74.90 9.20 -2.15
CA THR F 38 -75.00 9.15 -0.67
C THR F 38 -73.93 8.24 -0.04
N HIS F 39 -73.22 7.44 -0.84
CA HIS F 39 -72.29 6.38 -0.37
C HIS F 39 -71.19 6.97 0.54
N ASN F 40 -70.82 8.24 0.36
CA ASN F 40 -69.79 8.93 1.17
C ASN F 40 -70.42 9.87 2.20
N THR F 41 -71.45 10.65 1.82
CA THR F 41 -72.11 11.63 2.71
C THR F 41 -72.77 10.89 3.89
N VAL F 42 -73.19 9.64 3.71
CA VAL F 42 -73.82 8.81 4.78
C VAL F 42 -72.80 8.51 5.88
N LYS F 43 -71.51 8.43 5.56
CA LYS F 43 -70.44 7.99 6.52
C LYS F 43 -70.39 8.92 7.73
N PRO F 44 -70.10 10.23 7.58
CA PRO F 44 -70.03 11.13 8.72
C PRO F 44 -71.42 11.31 9.38
N LEU F 45 -72.50 11.27 8.59
CA LEU F 45 -73.89 11.36 9.11
C LEU F 45 -74.17 10.19 10.08
N ILE F 46 -73.75 8.97 9.74
CA ILE F 46 -73.86 7.80 10.66
C ILE F 46 -73.22 8.20 11.99
N LEU F 47 -71.98 8.69 11.96
CA LEU F 47 -71.21 8.95 13.21
C LEU F 47 -71.88 10.07 14.02
N LEU F 48 -72.41 11.11 13.36
CA LEU F 48 -73.15 12.22 14.03
C LEU F 48 -74.35 11.63 14.77
N GLU F 49 -75.06 10.70 14.12
CA GLU F 49 -76.28 10.02 14.63
C GLU F 49 -75.90 9.06 15.78
N GLU F 50 -74.74 8.39 15.70
CA GLU F 50 -74.23 7.47 16.76
C GLU F 50 -73.93 8.27 18.04
N LEU F 51 -73.22 9.40 17.91
CA LEU F 51 -72.74 10.21 19.05
C LEU F 51 -73.81 11.22 19.51
N GLY F 52 -74.84 11.46 18.70
CA GLY F 52 -75.90 12.46 18.97
C GLY F 52 -75.39 13.89 18.84
N VAL F 53 -74.46 14.13 17.89
CA VAL F 53 -73.82 15.45 17.68
C VAL F 53 -74.85 16.41 17.11
N PRO F 54 -75.07 17.59 17.72
CA PRO F 54 -75.94 18.61 17.13
C PRO F 54 -75.33 19.08 15.81
N HIS F 55 -76.12 19.14 14.73
CA HIS F 55 -75.60 19.48 13.39
C HIS F 55 -76.71 20.01 12.48
N ASP F 56 -76.32 20.79 11.48
CA ASP F 56 -77.16 21.26 10.35
C ASP F 56 -76.76 20.53 9.07
N ILE F 57 -77.67 20.47 8.10
CA ILE F 57 -77.46 19.86 6.76
C ILE F 57 -77.56 21.00 5.74
N TYR F 58 -76.52 21.17 4.92
CA TYR F 58 -76.51 22.13 3.79
C TYR F 58 -76.46 21.34 2.48
N VAL F 59 -77.46 21.54 1.61
CA VAL F 59 -77.58 20.82 0.31
C VAL F 59 -76.97 21.71 -0.78
N VAL F 60 -75.80 21.30 -1.28
CA VAL F 60 -75.02 22.04 -2.31
C VAL F 60 -75.65 21.77 -3.67
N GLU F 61 -75.99 22.82 -4.41
CA GLU F 61 -76.65 22.73 -5.74
C GLU F 61 -75.58 22.35 -6.78
N LYS F 62 -74.43 23.03 -6.73
CA LYS F 62 -73.29 22.83 -7.66
C LYS F 62 -72.00 22.76 -6.83
N VAL F 63 -71.40 21.57 -6.73
CA VAL F 63 -70.10 21.34 -6.04
C VAL F 63 -69.00 22.12 -6.79
N SER F 64 -69.24 22.45 -8.07
CA SER F 64 -68.34 23.26 -8.93
C SER F 64 -68.43 24.76 -8.59
N ALA F 65 -69.30 25.16 -7.65
CA ALA F 65 -69.50 26.58 -7.26
C ALA F 65 -68.22 27.10 -6.62
N PRO F 66 -67.71 28.29 -7.04
CA PRO F 66 -66.51 28.88 -6.43
C PRO F 66 -66.52 28.90 -4.89
N TRP F 67 -67.63 29.32 -4.28
CA TRP F 67 -67.80 29.45 -2.81
C TRP F 67 -67.55 28.11 -2.11
N PHE F 68 -67.99 27.00 -2.71
CA PHE F 68 -67.85 25.64 -2.13
C PHE F 68 -66.40 25.15 -2.28
N SER F 69 -65.69 25.60 -3.32
CA SER F 69 -64.28 25.23 -3.58
C SER F 69 -63.38 25.84 -2.50
N GLU F 70 -63.82 26.91 -1.83
CA GLU F 70 -63.08 27.55 -0.69
C GLU F 70 -63.25 26.71 0.57
N ILE F 71 -64.29 25.87 0.66
CA ILE F 71 -64.52 24.92 1.79
C ILE F 71 -63.83 23.59 1.48
N ASN F 72 -64.06 23.01 0.30
CA ASN F 72 -63.40 21.77 -0.16
C ASN F 72 -62.77 22.02 -1.54
N PRO F 73 -61.43 22.13 -1.65
CA PRO F 73 -60.79 22.37 -2.93
C PRO F 73 -60.95 21.20 -3.91
N HIS F 74 -61.22 20.00 -3.40
CA HIS F 74 -61.50 18.79 -4.21
C HIS F 74 -62.93 18.85 -4.78
N LYS F 75 -63.76 19.81 -4.35
CA LYS F 75 -65.10 20.13 -4.93
C LYS F 75 -66.01 18.91 -4.86
N MET F 76 -66.10 18.25 -3.70
CA MET F 76 -66.97 17.06 -3.49
C MET F 76 -67.65 17.14 -2.13
N VAL F 77 -68.71 16.36 -1.95
CA VAL F 77 -69.34 16.09 -0.63
C VAL F 77 -68.94 14.68 -0.23
N PRO F 78 -68.85 14.37 1.09
CA PRO F 78 -69.15 15.35 2.14
C PRO F 78 -68.02 16.35 2.39
N ALA F 79 -68.39 17.56 2.82
CA ALA F 79 -67.50 18.51 3.52
C ALA F 79 -68.19 18.91 4.83
N ILE F 80 -67.40 19.35 5.82
CA ILE F 80 -67.90 19.93 7.10
C ILE F 80 -67.29 21.32 7.27
N LEU F 81 -68.13 22.29 7.68
CA LEU F 81 -67.72 23.51 8.43
C LEU F 81 -68.22 23.35 9.87
N ASP F 82 -67.37 23.69 10.84
CA ASP F 82 -67.76 23.70 12.27
C ASP F 82 -67.07 24.88 12.97
N ARG F 83 -67.53 25.21 14.17
CA ARG F 83 -66.83 26.10 15.12
C ARG F 83 -65.69 25.28 15.76
N SER F 84 -64.56 25.94 16.04
CA SER F 84 -63.43 25.37 16.84
C SER F 84 -63.92 25.15 18.28
N PRO F 85 -63.27 24.29 19.09
CA PRO F 85 -63.72 24.02 20.46
C PRO F 85 -64.03 25.25 21.33
N ASP F 86 -63.35 26.39 21.12
CA ASP F 86 -63.54 27.65 21.90
C ASP F 86 -64.56 28.56 21.19
N GLY F 87 -65.11 28.11 20.06
CA GLY F 87 -66.23 28.78 19.34
C GLY F 87 -65.85 30.13 18.76
N ARG F 88 -64.56 30.48 18.77
CA ARG F 88 -64.05 31.81 18.32
C ARG F 88 -63.74 31.76 16.81
N ASP F 89 -63.20 30.64 16.31
CA ASP F 89 -62.86 30.45 14.89
C ASP F 89 -63.87 29.47 14.26
N THR F 90 -63.76 29.26 12.95
CA THR F 90 -64.42 28.14 12.22
C THR F 90 -63.29 27.29 11.61
N LEU F 91 -63.49 25.97 11.50
CA LEU F 91 -62.57 25.02 10.81
C LEU F 91 -63.37 24.24 9.76
N ARG F 92 -62.69 23.35 9.02
CA ARG F 92 -63.31 22.57 7.91
C ARG F 92 -62.75 21.14 7.91
N ALA F 93 -63.53 20.21 7.34
CA ALA F 93 -63.14 18.83 7.04
C ALA F 93 -63.76 18.42 5.70
N TRP F 94 -62.99 17.71 4.88
CA TRP F 94 -63.41 17.20 3.54
C TRP F 94 -62.57 15.96 3.20
N GLU F 95 -63.08 15.14 2.27
CA GLU F 95 -62.81 13.68 2.16
C GLU F 95 -63.61 12.98 3.26
N SER F 96 -64.45 12.02 2.91
CA SER F 96 -65.40 11.34 3.83
C SER F 96 -64.64 10.81 5.07
N THR F 97 -63.44 10.24 4.87
CA THR F 97 -62.59 9.66 5.94
C THR F 97 -62.13 10.76 6.91
N SER F 98 -61.76 11.94 6.39
CA SER F 98 -61.34 13.11 7.21
C SER F 98 -62.53 13.60 8.06
N THR F 99 -63.73 13.61 7.50
CA THR F 99 -64.98 14.00 8.22
C THR F 99 -65.22 13.03 9.38
N LEU F 100 -64.90 11.74 9.21
CA LEU F 100 -65.02 10.73 10.30
C LEU F 100 -64.01 11.05 11.39
N MET F 101 -62.75 11.30 11.00
CA MET F 101 -61.64 11.62 11.93
C MET F 101 -61.98 12.90 12.70
N TYR F 102 -62.47 13.94 12.04
CA TYR F 102 -62.80 15.24 12.68
C TYR F 102 -63.91 15.05 13.73
N ILE F 103 -64.99 14.35 13.38
CA ILE F 103 -66.16 14.13 14.28
C ILE F 103 -65.70 13.32 15.49
N ALA F 104 -64.83 12.32 15.28
CA ALA F 104 -64.27 11.48 16.36
C ALA F 104 -63.43 12.37 17.29
N ASP F 105 -62.49 13.13 16.70
CA ASP F 105 -61.57 14.06 17.39
C ASP F 105 -62.36 15.07 18.23
N ALA F 106 -63.34 15.75 17.63
CA ALA F 106 -64.07 16.89 18.23
C ALA F 106 -65.08 16.40 19.27
N TYR F 107 -65.82 15.31 18.99
CA TYR F 107 -67.05 14.92 19.71
C TYR F 107 -66.94 13.56 20.42
N ASP F 108 -66.10 12.65 19.94
CA ASP F 108 -65.95 11.28 20.53
C ASP F 108 -64.92 11.35 21.65
N LYS F 109 -65.35 11.84 22.81
CA LYS F 109 -64.48 12.18 23.98
C LYS F 109 -64.04 10.89 24.67
N ASP F 110 -64.87 9.85 24.64
CA ASP F 110 -64.62 8.53 25.27
C ASP F 110 -63.90 7.58 24.29
N GLY F 111 -63.80 7.95 23.01
CA GLY F 111 -63.16 7.13 21.96
C GLY F 111 -63.94 5.85 21.70
N THR F 112 -65.28 5.94 21.72
CA THR F 112 -66.20 4.79 21.51
C THR F 112 -66.12 4.33 20.06
N PHE F 113 -65.92 5.26 19.12
CA PHE F 113 -65.78 5.01 17.66
C PHE F 113 -64.37 5.35 17.17
N GLY F 114 -63.68 6.28 17.84
CA GLY F 114 -62.33 6.76 17.47
C GLY F 114 -61.21 5.93 18.08
N GLY F 115 -61.52 5.09 19.07
CA GLY F 115 -60.54 4.26 19.80
C GLY F 115 -60.10 4.93 21.09
N ARG F 116 -59.97 4.15 22.18
CA ARG F 116 -59.72 4.67 23.55
C ARG F 116 -58.22 4.80 23.82
N ASN F 117 -57.39 3.99 23.15
CA ASN F 117 -55.93 3.90 23.45
C ASN F 117 -55.14 3.72 22.14
N VAL F 118 -53.81 3.73 22.25
CA VAL F 118 -52.86 3.58 21.10
C VAL F 118 -53.16 2.25 20.38
N GLN F 119 -53.48 1.19 21.13
CA GLN F 119 -53.69 -0.18 20.56
C GLN F 119 -54.96 -0.19 19.70
N GLU F 120 -56.09 0.20 20.29
CA GLU F 120 -57.38 0.29 19.56
C GLU F 120 -57.21 1.16 18.31
N ARG F 121 -56.67 2.36 18.48
CA ARG F 121 -56.48 3.36 17.39
C ARG F 121 -55.57 2.80 16.29
N SER F 122 -54.59 1.94 16.62
CA SER F 122 -53.68 1.33 15.60
C SER F 122 -54.52 0.47 14.63
N GLU F 123 -55.40 -0.40 15.15
CA GLU F 123 -56.24 -1.31 14.33
C GLU F 123 -57.31 -0.50 13.58
N ILE F 124 -57.98 0.44 14.25
CA ILE F 124 -59.00 1.32 13.63
C ILE F 124 -58.39 2.02 12.40
N ASN F 125 -57.17 2.56 12.55
CA ASN F 125 -56.49 3.32 11.47
C ASN F 125 -56.11 2.37 10.33
N ASN F 126 -55.68 1.14 10.64
CA ASN F 126 -55.34 0.11 9.62
C ASN F 126 -56.55 -0.11 8.71
N TRP F 127 -57.70 -0.45 9.30
CA TRP F 127 -58.91 -0.84 8.53
C TRP F 127 -59.54 0.41 7.91
N LEU F 128 -59.52 1.54 8.62
CA LEU F 128 -60.02 2.84 8.07
C LEU F 128 -59.18 3.24 6.86
N THR F 129 -57.85 3.20 6.98
CA THR F 129 -56.91 3.62 5.90
C THR F 129 -57.03 2.65 4.72
N LEU F 130 -57.12 1.34 4.98
CA LEU F 130 -57.31 0.28 3.94
C LEU F 130 -58.52 0.62 3.08
N HIS F 131 -59.63 1.04 3.71
CA HIS F 131 -60.83 1.47 2.95
C HIS F 131 -60.48 2.72 2.15
N THR F 132 -59.84 3.69 2.81
CA THR F 132 -59.56 5.05 2.27
C THR F 132 -58.65 4.94 1.04
N ALA F 133 -57.74 3.95 1.04
CA ALA F 133 -56.63 3.78 0.08
C ALA F 133 -56.99 2.79 -1.05
N ALA F 134 -57.74 1.72 -0.74
CA ALA F 134 -57.95 0.57 -1.66
C ALA F 134 -59.41 0.52 -2.12
N LEU F 135 -60.34 0.00 -1.29
CA LEU F 135 -61.74 -0.27 -1.74
C LEU F 135 -62.40 1.05 -2.17
N GLY F 136 -62.27 2.12 -1.37
CA GLY F 136 -62.93 3.41 -1.58
C GLY F 136 -62.58 4.04 -2.94
N PRO F 137 -61.29 4.31 -3.22
CA PRO F 137 -60.89 4.82 -4.54
C PRO F 137 -61.20 3.85 -5.69
N THR F 138 -61.04 2.54 -5.45
CA THR F 138 -61.32 1.48 -6.46
C THR F 138 -62.79 1.57 -6.88
N ALA F 139 -63.70 1.63 -5.90
CA ALA F 139 -65.16 1.75 -6.09
C ALA F 139 -65.48 3.10 -6.75
N ALA F 140 -64.83 4.17 -6.32
CA ALA F 140 -64.95 5.53 -6.89
C ALA F 140 -64.56 5.49 -8.37
N TYR F 141 -63.45 4.84 -8.71
CA TYR F 141 -63.00 4.74 -10.13
C TYR F 141 -63.96 3.85 -10.92
N TRP F 142 -64.37 2.70 -10.39
CA TRP F 142 -65.38 1.81 -11.04
C TRP F 142 -66.60 2.65 -11.43
N LEU F 143 -67.19 3.34 -10.45
CA LEU F 143 -68.38 4.22 -10.63
C LEU F 143 -68.11 5.23 -11.73
N TYR F 144 -66.96 5.91 -11.67
CA TYR F 144 -66.57 6.95 -12.64
C TYR F 144 -66.63 6.36 -14.05
N PHE F 145 -65.87 5.29 -14.31
CA PHE F 145 -65.70 4.69 -15.67
C PHE F 145 -66.99 4.00 -16.13
N TYR F 146 -67.81 3.51 -15.20
CA TYR F 146 -69.08 2.79 -15.48
C TYR F 146 -70.15 3.79 -15.96
N LYS F 147 -70.29 4.92 -15.26
CA LYS F 147 -71.45 5.84 -15.42
C LYS F 147 -71.01 7.25 -15.86
N LEU F 148 -69.91 7.80 -15.35
CA LEU F 148 -69.57 9.25 -15.53
C LEU F 148 -68.71 9.48 -16.77
N HIS F 149 -67.75 8.62 -17.11
CA HIS F 149 -66.75 8.88 -18.18
C HIS F 149 -67.46 8.88 -19.54
N PRO F 150 -67.24 9.90 -20.41
CA PRO F 150 -67.94 10.01 -21.67
C PRO F 150 -67.83 8.78 -22.58
N GLU F 151 -66.72 8.04 -22.47
CA GLU F 151 -66.47 6.78 -23.22
C GLU F 151 -66.48 5.60 -22.23
N LYS F 152 -67.12 4.49 -22.60
CA LYS F 152 -67.15 3.26 -21.77
C LYS F 152 -65.87 2.46 -22.06
N LEU F 153 -65.16 2.06 -21.00
CA LEU F 153 -63.87 1.31 -21.09
C LEU F 153 -64.03 -0.01 -20.33
N PRO F 154 -64.58 -1.07 -20.98
CA PRO F 154 -65.03 -2.26 -20.26
C PRO F 154 -63.89 -3.11 -19.66
N LYS F 155 -62.71 -3.09 -20.26
CA LYS F 155 -61.51 -3.79 -19.70
C LYS F 155 -61.11 -3.10 -18.39
N THR F 156 -61.03 -1.78 -18.39
CA THR F 156 -60.81 -0.93 -17.18
C THR F 156 -61.85 -1.30 -16.11
N ILE F 157 -63.15 -1.16 -16.44
CA ILE F 157 -64.30 -1.41 -15.52
C ILE F 157 -64.15 -2.81 -14.89
N GLU F 158 -63.85 -3.81 -15.72
CA GLU F 158 -63.77 -5.24 -15.30
C GLU F 158 -62.60 -5.44 -14.34
N LYS F 159 -61.44 -4.84 -14.63
CA LYS F 159 -60.24 -4.89 -13.74
C LYS F 159 -60.60 -4.27 -12.38
N LEU F 160 -61.30 -3.14 -12.37
CA LEU F 160 -61.66 -2.41 -11.13
C LEU F 160 -62.66 -3.26 -10.32
N ARG F 161 -63.61 -3.92 -10.98
CA ARG F 161 -64.56 -4.87 -10.31
C ARG F 161 -63.76 -6.06 -9.75
N SER F 162 -62.81 -6.59 -10.51
CA SER F 162 -61.87 -7.64 -10.04
C SER F 162 -61.16 -7.17 -8.76
N ASN F 163 -60.71 -5.91 -8.75
CA ASN F 163 -60.01 -5.31 -7.57
C ASN F 163 -60.97 -5.18 -6.38
N ILE F 164 -62.27 -4.98 -6.62
CA ILE F 164 -63.27 -4.90 -5.51
C ILE F 164 -63.33 -6.27 -4.82
N THR F 165 -63.36 -7.36 -5.58
CA THR F 165 -63.48 -8.75 -5.04
C THR F 165 -62.27 -9.10 -4.18
N VAL F 166 -61.09 -8.55 -4.49
CA VAL F 166 -59.84 -8.75 -3.71
C VAL F 166 -59.98 -8.04 -2.36
N GLN F 167 -60.61 -6.85 -2.33
CA GLN F 167 -60.87 -6.10 -1.07
C GLN F 167 -61.92 -6.84 -0.23
N TYR F 168 -62.95 -7.40 -0.86
CA TYR F 168 -63.99 -8.21 -0.19
C TYR F 168 -63.35 -9.45 0.46
N ASP F 169 -62.40 -10.10 -0.23
CA ASP F 169 -61.66 -11.29 0.25
C ASP F 169 -60.88 -10.92 1.52
N ILE F 170 -60.21 -9.77 1.52
CA ILE F 170 -59.43 -9.26 2.69
C ILE F 170 -60.38 -9.07 3.87
N LEU F 171 -61.49 -8.35 3.68
CA LEU F 171 -62.49 -8.06 4.74
C LEU F 171 -63.07 -9.38 5.26
N GLU F 172 -63.33 -10.35 4.36
CA GLU F 172 -63.92 -11.68 4.67
C GLU F 172 -62.97 -12.47 5.58
N ARG F 173 -61.69 -12.54 5.22
CA ARG F 173 -60.63 -13.20 6.03
C ARG F 173 -60.65 -12.58 7.45
N ARG F 174 -60.73 -11.25 7.55
CA ARG F 174 -60.69 -10.54 8.84
C ARG F 174 -61.89 -10.96 9.70
N LEU F 175 -63.08 -11.05 9.10
CA LEU F 175 -64.36 -11.29 9.83
C LEU F 175 -64.56 -12.81 10.05
N ASN F 176 -63.60 -13.62 9.63
CA ASN F 176 -63.51 -15.09 9.87
C ASN F 176 -62.55 -15.36 11.03
N GLU F 177 -61.73 -14.38 11.43
CA GLU F 177 -60.83 -14.49 12.62
C GLU F 177 -61.70 -14.65 13.87
N PRO F 178 -61.29 -15.50 14.84
CA PRO F 178 -62.14 -15.81 16.01
C PRO F 178 -62.52 -14.58 16.84
N GLY F 179 -63.81 -14.42 17.13
CA GLY F 179 -64.36 -13.33 17.97
C GLY F 179 -64.33 -11.97 17.30
N GLN F 180 -63.90 -11.89 16.03
CA GLN F 180 -63.76 -10.60 15.28
C GLN F 180 -65.11 -10.21 14.68
N GLN F 181 -65.98 -9.59 15.48
CA GLN F 181 -67.38 -9.22 15.08
C GLN F 181 -67.36 -7.98 14.18
N TYR F 182 -66.34 -7.13 14.34
CA TYR F 182 -66.17 -5.88 13.57
C TYR F 182 -64.76 -5.84 12.97
N LEU F 183 -64.53 -4.97 11.99
CA LEU F 183 -63.28 -4.93 11.20
C LEU F 183 -62.08 -4.63 12.11
N ALA F 184 -62.14 -3.55 12.89
CA ALA F 184 -61.01 -3.06 13.73
C ALA F 184 -61.03 -3.78 15.08
N LEU F 185 -62.10 -3.61 15.86
CA LEU F 185 -62.22 -4.14 17.25
C LEU F 185 -63.21 -5.32 17.26
N LYS F 186 -62.95 -6.31 18.12
CA LYS F 186 -63.83 -7.49 18.35
C LYS F 186 -65.16 -7.05 18.97
N ASP F 187 -65.11 -6.18 19.97
CA ASP F 187 -66.28 -5.81 20.83
C ASP F 187 -67.28 -4.94 20.06
N ARG F 188 -66.83 -3.89 19.37
CA ARG F 188 -67.73 -2.79 18.90
C ARG F 188 -67.31 -2.29 17.52
N PRO F 189 -68.23 -1.59 16.81
CA PRO F 189 -67.90 -0.92 15.55
C PRO F 189 -67.13 0.38 15.81
N THR F 190 -66.35 0.81 14.82
CA THR F 190 -65.53 2.04 14.87
C THR F 190 -65.66 2.79 13.53
N ILE F 191 -65.02 3.95 13.43
CA ILE F 191 -65.04 4.78 12.19
C ILE F 191 -64.54 3.94 11.01
N ALA F 192 -63.77 2.87 11.26
CA ALA F 192 -63.32 1.87 10.26
C ALA F 192 -64.53 1.12 9.67
N ASP F 193 -65.46 0.69 10.52
CA ASP F 193 -66.68 -0.08 10.12
C ASP F 193 -67.61 0.85 9.34
N ILE F 194 -67.76 2.10 9.80
CA ILE F 194 -68.64 3.14 9.19
C ILE F 194 -68.12 3.48 7.78
N ALA F 195 -66.82 3.76 7.63
CA ALA F 195 -66.19 4.07 6.33
C ALA F 195 -66.42 2.94 5.33
N THR F 196 -66.34 1.68 5.78
CA THR F 196 -66.35 0.49 4.91
C THR F 196 -67.78 0.12 4.46
N LEU F 197 -68.77 0.27 5.35
CA LEU F 197 -70.16 -0.28 5.18
C LEU F 197 -70.77 0.11 3.84
N PRO F 198 -70.82 1.41 3.43
CA PRO F 198 -71.49 1.77 2.18
C PRO F 198 -70.97 1.06 0.92
N PHE F 199 -69.73 0.56 0.94
CA PHE F 199 -69.08 -0.09 -0.24
C PHE F 199 -69.03 -1.61 -0.06
N ALA F 200 -69.52 -2.12 1.07
CA ALA F 200 -69.51 -3.56 1.43
C ALA F 200 -70.88 -3.94 2.03
N MET F 201 -71.93 -3.78 1.24
CA MET F 201 -73.31 -4.19 1.60
C MET F 201 -74.00 -4.71 0.34
N LYS F 202 -75.11 -5.43 0.50
CA LYS F 202 -75.72 -6.25 -0.58
C LYS F 202 -76.03 -5.35 -1.79
N SER F 203 -76.60 -4.16 -1.55
CA SER F 203 -77.08 -3.22 -2.61
C SER F 203 -75.90 -2.77 -3.47
N THR F 204 -74.81 -2.33 -2.84
CA THR F 204 -73.59 -1.83 -3.55
C THR F 204 -72.90 -3.00 -4.26
N ALA F 205 -72.89 -4.19 -3.65
CA ALA F 205 -72.31 -5.42 -4.24
C ALA F 205 -73.09 -5.76 -5.52
N GLU F 206 -74.43 -5.62 -5.48
CA GLU F 206 -75.32 -5.84 -6.64
C GLU F 206 -75.09 -4.74 -7.70
N LEU F 207 -74.83 -3.49 -7.29
CA LEU F 207 -74.41 -2.43 -8.24
C LEU F 207 -73.13 -2.87 -8.95
N PHE F 208 -72.19 -3.48 -8.23
CA PHE F 208 -70.88 -3.95 -8.76
C PHE F 208 -71.05 -5.24 -9.57
N GLY F 209 -72.26 -5.82 -9.60
CA GLY F 209 -72.56 -7.08 -10.31
C GLY F 209 -71.86 -8.26 -9.64
N LEU F 210 -71.88 -8.30 -8.31
CA LEU F 210 -71.28 -9.38 -7.49
C LEU F 210 -72.37 -10.05 -6.64
N GLU F 211 -72.31 -11.37 -6.51
CA GLU F 211 -73.09 -12.17 -5.53
C GLU F 211 -72.47 -11.98 -4.14
N PHE F 212 -73.08 -11.16 -3.29
CA PHE F 212 -72.51 -10.73 -1.98
C PHE F 212 -72.45 -11.93 -1.02
N GLU F 213 -73.25 -12.98 -1.26
CA GLU F 213 -73.30 -14.22 -0.45
C GLU F 213 -71.98 -14.99 -0.57
N LYS F 214 -71.16 -14.72 -1.58
CA LYS F 214 -69.81 -15.34 -1.76
C LYS F 214 -68.90 -14.91 -0.59
N TRP F 215 -69.26 -13.83 0.10
CA TRP F 215 -68.52 -13.29 1.27
C TRP F 215 -69.46 -13.33 2.47
N PRO F 216 -69.78 -14.54 3.01
CA PRO F 216 -70.83 -14.71 4.01
C PRO F 216 -70.61 -13.97 5.34
N LYS F 217 -69.39 -13.93 5.86
CA LYS F 217 -69.10 -13.24 7.15
C LYS F 217 -69.16 -11.72 6.92
N LEU F 218 -68.68 -11.25 5.76
CA LEU F 218 -68.79 -9.83 5.34
C LEU F 218 -70.27 -9.43 5.25
N GLN F 219 -71.10 -10.26 4.61
CA GLN F 219 -72.57 -10.01 4.50
C GLN F 219 -73.18 -9.96 5.91
N GLU F 220 -72.87 -10.95 6.75
CA GLU F 220 -73.33 -11.02 8.16
C GLU F 220 -72.99 -9.69 8.85
N TRP F 221 -71.76 -9.22 8.69
CA TRP F 221 -71.27 -7.93 9.27
C TRP F 221 -72.08 -6.75 8.71
N SER F 222 -72.37 -6.71 7.41
CA SER F 222 -73.14 -5.62 6.77
C SER F 222 -74.56 -5.57 7.38
N VAL F 223 -75.16 -6.73 7.65
CA VAL F 223 -76.49 -6.85 8.31
C VAL F 223 -76.38 -6.33 9.74
N ARG F 224 -75.38 -6.79 10.50
CA ARG F 224 -75.11 -6.35 11.89
C ARG F 224 -75.10 -4.81 11.93
N MET F 225 -74.20 -4.19 11.16
CA MET F 225 -74.06 -2.70 11.08
C MET F 225 -75.43 -2.08 10.73
N GLY F 226 -76.11 -2.63 9.72
CA GLY F 226 -77.36 -2.11 9.16
C GLY F 226 -78.53 -2.19 10.14
N GLU F 227 -78.45 -3.05 11.17
CA GLU F 227 -79.51 -3.20 12.21
C GLU F 227 -79.34 -2.12 13.29
N ARG F 228 -78.18 -1.44 13.34
CA ARG F 228 -77.92 -0.32 14.28
C ARG F 228 -78.83 0.87 13.93
N GLU F 229 -79.41 1.50 14.96
CA GLU F 229 -80.44 2.56 14.83
C GLU F 229 -79.86 3.77 14.09
N ALA F 230 -78.71 4.28 14.54
CA ALA F 230 -77.99 5.42 13.95
C ALA F 230 -77.80 5.21 12.44
N VAL F 231 -77.46 3.99 12.02
CA VAL F 231 -77.21 3.60 10.60
C VAL F 231 -78.54 3.64 9.83
N LYS F 232 -79.60 3.08 10.39
CA LYS F 232 -80.97 3.13 9.81
C LYS F 232 -81.36 4.61 9.65
N ARG F 233 -81.17 5.44 10.68
CA ARG F 233 -81.49 6.89 10.67
C ARG F 233 -80.68 7.57 9.57
N ALA F 234 -79.36 7.34 9.52
CA ALA F 234 -78.44 7.94 8.52
C ALA F 234 -78.95 7.67 7.10
N TRP F 235 -79.23 6.41 6.76
CA TRP F 235 -79.67 5.97 5.40
C TRP F 235 -81.00 6.65 5.04
N GLN F 236 -81.93 6.64 5.99
CA GLN F 236 -83.28 7.24 5.88
C GLN F 236 -83.15 8.72 5.53
N ARG F 237 -82.30 9.46 6.26
CA ARG F 237 -82.15 10.94 6.13
C ARG F 237 -81.44 11.30 4.82
N VAL F 238 -80.30 10.66 4.54
CA VAL F 238 -79.39 11.00 3.41
C VAL F 238 -80.17 10.93 2.08
N ALA F 239 -81.06 9.94 1.94
CA ALA F 239 -81.92 9.75 0.74
C ALA F 239 -82.88 10.94 0.56
N GLY F 240 -83.27 11.58 1.66
CA GLY F 240 -84.28 12.66 1.68
C GLY F 240 -83.71 14.04 1.39
N PHE F 241 -82.46 14.31 1.79
CA PHE F 241 -81.82 15.64 1.66
C PHE F 241 -82.09 16.19 0.24
N GLY F 242 -82.53 17.45 0.17
CA GLY F 242 -82.88 18.16 -1.08
C GLY F 242 -84.24 17.80 -1.65
N HIS F 243 -85.00 16.87 -1.04
CA HIS F 243 -86.33 16.43 -1.54
C HIS F 243 -87.44 16.81 -0.54
N GLY F 244 -87.10 17.55 0.52
CA GLY F 244 -88.04 18.02 1.55
C GLY F 244 -88.56 19.40 1.20
N GLU F 245 -88.77 20.24 2.22
CA GLU F 245 -89.30 21.62 2.11
C GLU F 245 -88.35 22.47 1.27
N LYS F 246 -87.04 22.20 1.33
CA LYS F 246 -85.97 22.99 0.65
C LYS F 246 -85.13 22.08 -0.25
N GLU F 247 -84.96 22.46 -1.51
CA GLU F 247 -84.23 21.70 -2.56
C GLU F 247 -82.72 21.88 -2.35
N TYR F 248 -82.27 23.11 -2.15
CA TYR F 248 -80.84 23.47 -1.98
C TYR F 248 -80.71 24.47 -0.83
N GLY F 249 -79.52 24.59 -0.26
CA GLY F 249 -79.22 25.52 0.85
C GLY F 249 -79.33 24.84 2.19
N MET F 250 -79.38 25.64 3.27
CA MET F 250 -79.48 25.18 4.67
C MET F 250 -80.87 24.61 4.92
N LEU F 251 -80.96 23.34 5.32
CA LEU F 251 -82.25 22.67 5.67
C LEU F 251 -82.68 23.12 7.07
N GLU F 252 -83.91 22.82 7.47
CA GLU F 252 -84.48 23.16 8.80
C GLU F 252 -84.89 21.87 9.51
C1 EDO G . 51.17 -19.82 -16.41
O1 EDO G . 50.02 -19.01 -16.37
C2 EDO G . 52.44 -19.05 -16.43
O2 EDO G . 52.66 -18.35 -17.64
C1 EDO H . 52.46 -27.28 16.91
O1 EDO H . 52.94 -27.49 15.60
C2 EDO H . 51.76 -25.99 17.07
O2 EDO H . 52.32 -24.95 16.29
NA NA I . 51.05 10.35 11.27
NA NA J . 18.96 -7.82 30.42
C1 EDO K . -51.07 0.99 0.75
O1 EDO K . -51.68 2.15 1.30
C2 EDO K . -49.64 1.17 0.45
O2 EDO K . -49.01 2.14 1.25
NA NA L . -44.13 -25.95 13.11
C1 EDO M . -59.22 0.62 -23.45
O1 EDO M . -58.45 1.81 -23.32
C2 EDO M . -60.18 0.41 -22.34
O2 EDO M . -60.84 -0.86 -22.34
#